data_4RWU
# 
_entry.id   4RWU 
# 
_audit_conform.dict_name       mmcif_pdbx.dic 
_audit_conform.dict_version    5.379 
_audit_conform.dict_location   http://mmcif.pdb.org/dictionaries/ascii/mmcif_pdbx.dic 
# 
loop_
_database_2.database_id 
_database_2.database_code 
_database_2.pdbx_database_accession 
_database_2.pdbx_DOI 
PDB   4RWU         pdb_00004rwu 10.2210/pdb4rwu/pdb 
RCSB  RCSB087894   ?            ?                   
WWPDB D_1000087894 ?            ?                   
# 
_pdbx_database_PDB_obs_spr.id               SPRSDE 
_pdbx_database_PDB_obs_spr.date             2014-12-17 
_pdbx_database_PDB_obs_spr.pdb_id           4RWU 
_pdbx_database_PDB_obs_spr.replace_pdb_id   2O37 
_pdbx_database_PDB_obs_spr.details          ? 
# 
loop_
_pdbx_database_related.db_name 
_pdbx_database_related.db_id 
_pdbx_database_related.details 
_pdbx_database_related.content_type 
PDB         1C3G            'SIS1 C-TERMINAL PEPTIDE-BINDING DOMAIN FROM S. CEREVISIA' unspecified 
TargetTrack MCSG-APC90055.3 .                                                          unspecified 
# 
_pdbx_database_status.entry_id                        4RWU 
_pdbx_database_status.status_code                     REL 
_pdbx_database_status.deposit_site                    RCSB 
_pdbx_database_status.process_site                    RCSB 
_pdbx_database_status.recvd_initial_deposition_date   2014-12-05 
_pdbx_database_status.status_code_sf                  REL 
_pdbx_database_status.status_code_mr                  ? 
_pdbx_database_status.SG_entry                        Y 
_pdbx_database_status.status_code_cs                  ? 
_pdbx_database_status.methods_development_category    ? 
_pdbx_database_status.pdb_format_compatible           Y 
_pdbx_database_status.status_code_nmr_data            ? 
# 
loop_
_audit_author.name 
_audit_author.pdbx_ordinal 
'Osipiuk, J.'                                   1 
'Zhou, M.'                                      2 
'Gu, M.'                                        3 
'Sahi, C.'                                      4 
'Craig, E.A.'                                   5 
'Joachimiak, A.'                                6 
'Midwest Center for Structural Genomics (MCSG)' 7 
# 
_citation.id                        primary 
_citation.title                     
'Roles of intramolecular and intermolecular interactions in functional regulation of the Hsp70 J-protein co-chaperone Sis1.' 
_citation.journal_abbrev            J.Mol.Biol. 
_citation.journal_volume            427 
_citation.page_first                1632 
_citation.page_last                 1643 
_citation.year                      2015 
_citation.journal_id_ASTM           JMOBAK 
_citation.country                   UK 
_citation.journal_id_ISSN           0022-2836 
_citation.journal_id_CSD            0070 
_citation.book_publisher            ? 
_citation.pdbx_database_id_PubMed   25687964 
_citation.pdbx_database_id_DOI      10.1016/j.jmb.2015.02.007 
# 
loop_
_citation_author.citation_id 
_citation_author.name 
_citation_author.ordinal 
_citation_author.identifier_ORCID 
primary 'Yu, H.Y.'         1 ? 
primary 'Ziegelhoffer, T.' 2 ? 
primary 'Osipiuk, J.'      3 ? 
primary 'Ciesielski, S.J.' 4 ? 
primary 'Baranowski, M.'   5 ? 
primary 'Zhou, M.'         6 ? 
primary 'Joachimiak, A.'   7 ? 
primary 'Craig, E.A.'      8 ? 
# 
_cell.length_a           31.645 
_cell.length_b           43.564 
_cell.length_c           65.572 
_cell.angle_alpha        90.000 
_cell.angle_beta         90.000 
_cell.angle_gamma        90.000 
_cell.entry_id           4RWU 
_cell.pdbx_unique_axis   ? 
_cell.Z_PDB              4 
_cell.length_a_esd       ? 
_cell.length_b_esd       ? 
_cell.length_c_esd       ? 
_cell.angle_alpha_esd    ? 
_cell.angle_beta_esd     ? 
_cell.angle_gamma_esd    ? 
# 
_symmetry.space_group_name_H-M             'P 21 21 21' 
_symmetry.entry_id                         4RWU 
_symmetry.Int_Tables_number                19 
_symmetry.pdbx_full_space_group_name_H-M   ? 
_symmetry.cell_setting                     ? 
_symmetry.space_group_name_Hall            ? 
# 
loop_
_entity.id 
_entity.type 
_entity.src_method 
_entity.pdbx_description 
_entity.formula_weight 
_entity.pdbx_number_of_molecules 
_entity.pdbx_ec 
_entity.pdbx_mutation 
_entity.pdbx_fragment 
_entity.details 
1 polymer man 'Protein SIS1' 9918.003 1   ? ? 'J-domain (UNP residues 1-89)' ? 
2 water   nat water          18.015   146 ? ? ?                              ? 
# 
_entity_poly.entity_id                      1 
_entity_poly.type                           'polypeptide(L)' 
_entity_poly.nstd_linkage                   no 
_entity_poly.nstd_monomer                   no 
_entity_poly.pdbx_seq_one_letter_code       
;SNAMVKETKLYDLLGVSPSANEQELKKGYRKAALKYHPDKPTGDTEKFKEISEAFEILNDPQKREIYDQYGLEAARSGGP
SFGPGGPGGAGG
;
_entity_poly.pdbx_seq_one_letter_code_can   
;SNAMVKETKLYDLLGVSPSANEQELKKGYRKAALKYHPDKPTGDTEKFKEISEAFEILNDPQKREIYDQYGLEAARSGGP
SFGPGGPGGAGG
;
_entity_poly.pdbx_strand_id                 A 
_entity_poly.pdbx_target_identifier         MCSG-APC90055.3 
# 
loop_
_entity_poly_seq.entity_id 
_entity_poly_seq.num 
_entity_poly_seq.mon_id 
_entity_poly_seq.hetero 
1 1  SER n 
1 2  ASN n 
1 3  ALA n 
1 4  MET n 
1 5  VAL n 
1 6  LYS n 
1 7  GLU n 
1 8  THR n 
1 9  LYS n 
1 10 LEU n 
1 11 TYR n 
1 12 ASP n 
1 13 LEU n 
1 14 LEU n 
1 15 GLY n 
1 16 VAL n 
1 17 SER n 
1 18 PRO n 
1 19 SER n 
1 20 ALA n 
1 21 ASN n 
1 22 GLU n 
1 23 GLN n 
1 24 GLU n 
1 25 LEU n 
1 26 LYS n 
1 27 LYS n 
1 28 GLY n 
1 29 TYR n 
1 30 ARG n 
1 31 LYS n 
1 32 ALA n 
1 33 ALA n 
1 34 LEU n 
1 35 LYS n 
1 36 TYR n 
1 37 HIS n 
1 38 PRO n 
1 39 ASP n 
1 40 LYS n 
1 41 PRO n 
1 42 THR n 
1 43 GLY n 
1 44 ASP n 
1 45 THR n 
1 46 GLU n 
1 47 LYS n 
1 48 PHE n 
1 49 LYS n 
1 50 GLU n 
1 51 ILE n 
1 52 SER n 
1 53 GLU n 
1 54 ALA n 
1 55 PHE n 
1 56 GLU n 
1 57 ILE n 
1 58 LEU n 
1 59 ASN n 
1 60 ASP n 
1 61 PRO n 
1 62 GLN n 
1 63 LYS n 
1 64 ARG n 
1 65 GLU n 
1 66 ILE n 
1 67 TYR n 
1 68 ASP n 
1 69 GLN n 
1 70 TYR n 
1 71 GLY n 
1 72 LEU n 
1 73 GLU n 
1 74 ALA n 
1 75 ALA n 
1 76 ARG n 
1 77 SER n 
1 78 GLY n 
1 79 GLY n 
1 80 PRO n 
1 81 SER n 
1 82 PHE n 
1 83 GLY n 
1 84 PRO n 
1 85 GLY n 
1 86 GLY n 
1 87 PRO n 
1 88 GLY n 
1 89 GLY n 
1 90 ALA n 
1 91 GLY n 
1 92 GLY n 
# 
_entity_src_gen.entity_id                          1 
_entity_src_gen.pdbx_src_id                        1 
_entity_src_gen.pdbx_alt_source_flag               sample 
_entity_src_gen.pdbx_seq_type                      ? 
_entity_src_gen.pdbx_beg_seq_num                   ? 
_entity_src_gen.pdbx_end_seq_num                   ? 
_entity_src_gen.gene_src_common_name               
;Baker's yeast
;
_entity_src_gen.gene_src_genus                     ? 
_entity_src_gen.pdbx_gene_src_gene                 'N2879, SIS1, YNL007C' 
_entity_src_gen.gene_src_species                   ? 
_entity_src_gen.gene_src_strain                    S288C 
_entity_src_gen.gene_src_tissue                    ? 
_entity_src_gen.gene_src_tissue_fraction           ? 
_entity_src_gen.gene_src_details                   ? 
_entity_src_gen.pdbx_gene_src_fragment             ? 
_entity_src_gen.pdbx_gene_src_scientific_name      'Saccharomyces cerevisiae S288c' 
_entity_src_gen.pdbx_gene_src_ncbi_taxonomy_id     559292 
_entity_src_gen.pdbx_gene_src_variant              ? 
_entity_src_gen.pdbx_gene_src_cell_line            ? 
_entity_src_gen.pdbx_gene_src_atcc                 ? 
_entity_src_gen.pdbx_gene_src_organ                ? 
_entity_src_gen.pdbx_gene_src_organelle            ? 
_entity_src_gen.pdbx_gene_src_cell                 ? 
_entity_src_gen.pdbx_gene_src_cellular_location    ? 
_entity_src_gen.host_org_common_name               ? 
_entity_src_gen.pdbx_host_org_scientific_name      'Escherichia coli' 
_entity_src_gen.pdbx_host_org_ncbi_taxonomy_id     469008 
_entity_src_gen.host_org_genus                     ? 
_entity_src_gen.pdbx_host_org_gene                 ? 
_entity_src_gen.pdbx_host_org_organ                ? 
_entity_src_gen.host_org_species                   ? 
_entity_src_gen.pdbx_host_org_tissue               ? 
_entity_src_gen.pdbx_host_org_tissue_fraction      ? 
_entity_src_gen.pdbx_host_org_strain               'BL21(DE3)' 
_entity_src_gen.pdbx_host_org_variant              ? 
_entity_src_gen.pdbx_host_org_cell_line            ? 
_entity_src_gen.pdbx_host_org_atcc                 ? 
_entity_src_gen.pdbx_host_org_culture_collection   ? 
_entity_src_gen.pdbx_host_org_cell                 ? 
_entity_src_gen.pdbx_host_org_organelle            ? 
_entity_src_gen.pdbx_host_org_cellular_location    ? 
_entity_src_gen.pdbx_host_org_vector_type          plasmid 
_entity_src_gen.pdbx_host_org_vector               ? 
_entity_src_gen.host_org_details                   ? 
_entity_src_gen.expression_system_id               ? 
_entity_src_gen.plasmid_name                       pMCSG7 
_entity_src_gen.plasmid_details                    ? 
_entity_src_gen.pdbx_description                   ? 
# 
_struct_ref.id                         1 
_struct_ref.db_name                    UNP 
_struct_ref.db_code                    SIS1_YEAST 
_struct_ref.pdbx_db_accession          P25294 
_struct_ref.entity_id                  1 
_struct_ref.pdbx_seq_one_letter_code   
;MVKETKLYDLLGVSPSANEQELKKGYRKAALKYHPDKPTGDTEKFKEISEAFEILNDPQKREIYDQYGLEAARSGGPSFG
PGGPGGAGG
;
_struct_ref.pdbx_align_begin           1 
_struct_ref.pdbx_db_isoform            ? 
# 
_struct_ref_seq.align_id                      1 
_struct_ref_seq.ref_id                        1 
_struct_ref_seq.pdbx_PDB_id_code              4RWU 
_struct_ref_seq.pdbx_strand_id                A 
_struct_ref_seq.seq_align_beg                 4 
_struct_ref_seq.pdbx_seq_align_beg_ins_code   ? 
_struct_ref_seq.seq_align_end                 92 
_struct_ref_seq.pdbx_seq_align_end_ins_code   ? 
_struct_ref_seq.pdbx_db_accession             P25294 
_struct_ref_seq.db_align_beg                  1 
_struct_ref_seq.pdbx_db_align_beg_ins_code    ? 
_struct_ref_seq.db_align_end                  89 
_struct_ref_seq.pdbx_db_align_end_ins_code    ? 
_struct_ref_seq.pdbx_auth_seq_align_beg       1 
_struct_ref_seq.pdbx_auth_seq_align_end       89 
# 
loop_
_struct_ref_seq_dif.align_id 
_struct_ref_seq_dif.pdbx_pdb_id_code 
_struct_ref_seq_dif.mon_id 
_struct_ref_seq_dif.pdbx_pdb_strand_id 
_struct_ref_seq_dif.seq_num 
_struct_ref_seq_dif.pdbx_pdb_ins_code 
_struct_ref_seq_dif.pdbx_seq_db_name 
_struct_ref_seq_dif.pdbx_seq_db_accession_code 
_struct_ref_seq_dif.db_mon_id 
_struct_ref_seq_dif.pdbx_seq_db_seq_num 
_struct_ref_seq_dif.details 
_struct_ref_seq_dif.pdbx_auth_seq_num 
_struct_ref_seq_dif.pdbx_ordinal 
1 4RWU SER A 1 ? UNP P25294 ? ? 'expression tag' -2 1 
1 4RWU ASN A 2 ? UNP P25294 ? ? 'expression tag' -1 2 
1 4RWU ALA A 3 ? UNP P25294 ? ? 'expression tag' 0  3 
# 
loop_
_chem_comp.id 
_chem_comp.type 
_chem_comp.mon_nstd_flag 
_chem_comp.name 
_chem_comp.pdbx_synonyms 
_chem_comp.formula 
_chem_comp.formula_weight 
ALA 'L-peptide linking' y ALANINE         ? 'C3 H7 N O2'     89.093  
ARG 'L-peptide linking' y ARGININE        ? 'C6 H15 N4 O2 1' 175.209 
ASN 'L-peptide linking' y ASPARAGINE      ? 'C4 H8 N2 O3'    132.118 
ASP 'L-peptide linking' y 'ASPARTIC ACID' ? 'C4 H7 N O4'     133.103 
GLN 'L-peptide linking' y GLUTAMINE       ? 'C5 H10 N2 O3'   146.144 
GLU 'L-peptide linking' y 'GLUTAMIC ACID' ? 'C5 H9 N O4'     147.129 
GLY 'peptide linking'   y GLYCINE         ? 'C2 H5 N O2'     75.067  
HIS 'L-peptide linking' y HISTIDINE       ? 'C6 H10 N3 O2 1' 156.162 
HOH non-polymer         . WATER           ? 'H2 O'           18.015  
ILE 'L-peptide linking' y ISOLEUCINE      ? 'C6 H13 N O2'    131.173 
LEU 'L-peptide linking' y LEUCINE         ? 'C6 H13 N O2'    131.173 
LYS 'L-peptide linking' y LYSINE          ? 'C6 H15 N2 O2 1' 147.195 
MET 'L-peptide linking' y METHIONINE      ? 'C5 H11 N O2 S'  149.211 
PHE 'L-peptide linking' y PHENYLALANINE   ? 'C9 H11 N O2'    165.189 
PRO 'L-peptide linking' y PROLINE         ? 'C5 H9 N O2'     115.130 
SER 'L-peptide linking' y SERINE          ? 'C3 H7 N O3'     105.093 
THR 'L-peptide linking' y THREONINE       ? 'C4 H9 N O3'     119.119 
TYR 'L-peptide linking' y TYROSINE        ? 'C9 H11 N O3'    181.189 
VAL 'L-peptide linking' y VALINE          ? 'C5 H11 N O2'    117.146 
# 
_exptl.crystals_number   1 
_exptl.entry_id          4RWU 
_exptl.method            'X-RAY DIFFRACTION' 
# 
_exptl_crystal.id                    1 
_exptl_crystal.density_Matthews      2.28 
_exptl_crystal.density_meas          ? 
_exptl_crystal.density_percent_sol   46.02 
_exptl_crystal.description           ? 
_exptl_crystal.F_000                 ? 
_exptl_crystal.preparation           ? 
# 
_exptl_crystal_grow.crystal_id      1 
_exptl_crystal_grow.method          'VAPOR DIFFUSION, SITTING DROP' 
_exptl_crystal_grow.pH              7.0 
_exptl_crystal_grow.temp            289 
_exptl_crystal_grow.pdbx_details    '2.4 M sodium malonate, pH 7.0, VAPOR DIFFUSION, SITTING DROP, temperature 289K' 
_exptl_crystal_grow.temp_details    ? 
_exptl_crystal_grow.pdbx_pH_range   ? 
# 
_diffrn.id                     1 
_diffrn.ambient_temp           100 
_diffrn.ambient_temp_details   ? 
_diffrn.crystal_id             1 
# 
_diffrn_detector.diffrn_id              1 
_diffrn_detector.detector               CCD 
_diffrn_detector.type                   'ADSC QUANTUM 315' 
_diffrn_detector.pdbx_collection_date   2006-10-10 
_diffrn_detector.details                ? 
# 
_diffrn_radiation.diffrn_id                        1 
_diffrn_radiation.pdbx_diffrn_protocol             'SINGLE WAVELENGTH' 
_diffrn_radiation.monochromator                    'double crystal monochromator' 
_diffrn_radiation.wavelength_id                    1 
_diffrn_radiation.pdbx_monochromatic_or_laue_m_l   M 
_diffrn_radiation.pdbx_scattering_type             x-ray 
# 
_diffrn_radiation_wavelength.id           1 
_diffrn_radiation_wavelength.wavelength   0.9792 
_diffrn_radiation_wavelength.wt           1.0 
# 
_diffrn_source.diffrn_id                   1 
_diffrn_source.source                      SYNCHROTRON 
_diffrn_source.type                        'APS BEAMLINE 19-ID' 
_diffrn_source.pdbx_wavelength_list        0.9792 
_diffrn_source.pdbx_wavelength             ? 
_diffrn_source.pdbx_synchrotron_site       APS 
_diffrn_source.pdbx_synchrotron_beamline   19-ID 
# 
_reflns.d_resolution_high            1.250 
_reflns.d_resolution_low             26.2 
_reflns.number_obs                   23934 
_reflns.pdbx_Rmerge_I_obs            0.048 
_reflns.pdbx_netI_over_sigmaI        10.900 
_reflns.pdbx_chi_squared             0.975 
_reflns.pdbx_redundancy              6.100 
_reflns.percent_possible_obs         92.500 
_reflns.entry_id                     4RWU 
_reflns.observed_criterion_sigma_F   0 
_reflns.observed_criterion_sigma_I   0 
_reflns.number_all                   23934 
_reflns.pdbx_Rsym_value              ? 
_reflns.B_iso_Wilson_estimate        16.7 
_reflns.R_free_details               ? 
_reflns.limit_h_max                  ? 
_reflns.limit_h_min                  ? 
_reflns.limit_k_max                  ? 
_reflns.limit_k_min                  ? 
_reflns.limit_l_max                  ? 
_reflns.limit_l_min                  ? 
_reflns.observed_criterion_F_max     ? 
_reflns.observed_criterion_F_min     ? 
_reflns.pdbx_scaling_rejects         ? 
_reflns.pdbx_ordinal                 1 
_reflns.pdbx_diffrn_id               1 
# 
loop_
_reflns_shell.d_res_high 
_reflns_shell.d_res_low 
_reflns_shell.number_measured_obs 
_reflns_shell.number_measured_all 
_reflns_shell.number_unique_obs 
_reflns_shell.Rmerge_I_obs 
_reflns_shell.meanI_over_sigI_obs 
_reflns_shell.pdbx_Rsym_value 
_reflns_shell.pdbx_chi_squared 
_reflns_shell.pdbx_redundancy 
_reflns_shell.percent_possible_obs 
_reflns_shell.number_unique_all 
_reflns_shell.percent_possible_all 
_reflns_shell.pdbx_ordinal 
_reflns_shell.pdbx_diffrn_id 
1.250 1.270  ? ? ? 0.413 2.04 ? 0.711 3.100 ? 749  59.300  1  1 
1.270 1.290  ? ? ? 0.407 ?    ? 0.795 3.600 ? 848  68.000  2  1 
1.290 1.320  ? ? ? 0.374 ?    ? 0.792 4.300 ? 918  70.200  3  1 
1.320 1.350  ? ? ? 0.365 ?    ? 0.803 4.600 ? 991  79.000  4  1 
1.350 1.380  ? ? ? 0.338 ?    ? 0.830 4.900 ? 1101 86.800  5  1 
1.380 1.410  ? ? ? 0.326 ?    ? 0.792 5.400 ? 1170 91.500  6  1 
1.410 1.440  ? ? ? 0.292 ?    ? 0.852 5.600 ? 1203 95.400  7  1 
1.440 1.480  ? ? ? 0.243 ?    ? 0.862 5.900 ? 1261 99.100  8  1 
1.480 1.530  ? ? ? 0.207 ?    ? 0.889 6.200 ? 1272 99.500  9  1 
1.530 1.570  ? ? ? 0.178 ?    ? 0.902 6.600 ? 1300 100.000 10 1 
1.570 1.630  ? ? ? 0.162 ?    ? 0.955 7.000 ? 1277 100.000 11 1 
1.630 1.700  ? ? ? 0.141 ?    ? 0.943 7.000 ? 1270 100.000 12 1 
1.700 1.770  ? ? ? 0.118 ?    ? 1.008 7.000 ? 1297 100.000 13 1 
1.770 1.870  ? ? ? 0.095 ?    ? 1.056 7.000 ? 1296 100.000 14 1 
1.870 1.980  ? ? ? 0.080 ?    ? 1.215 7.000 ? 1300 100.000 15 1 
1.980 2.140  ? ? ? 0.061 ?    ? 1.304 7.000 ? 1290 100.000 16 1 
2.140 2.350  ? ? ? 0.051 ?    ? 1.216 6.900 ? 1295 100.000 17 1 
2.350 2.690  ? ? ? 0.036 ?    ? 0.996 6.700 ? 1325 100.000 18 1 
2.690 3.390  ? ? ? 0.024 ?    ? 0.891 6.800 ? 1346 100.000 19 1 
3.390 40.000 ? ? ? 0.019 ?    ? 0.939 6.600 ? 1425 99.400  20 1 
# 
_refine.entry_id                                 4RWU 
_refine.ls_d_res_high                            1.2500 
_refine.ls_d_res_low                             26.2 
_refine.pdbx_ls_sigma_F                          0.000 
_refine.pdbx_data_cutoff_high_absF               ? 
_refine.pdbx_data_cutoff_low_absF                ? 
_refine.ls_percent_reflns_obs                    92.5300 
_refine.ls_number_reflns_obs                     23883 
_refine.ls_number_reflns_all                     23883 
_refine.pdbx_ls_cross_valid_method               THROUGHOUT 
_refine.pdbx_R_Free_selection_details            RANDOM 
_refine.details                                  
'HYDROGENS HAVE BEEN ADDED IN THE RIDING POSITIONS U VALUES      : REFINED INDIVIDUALLY' 
_refine.ls_R_factor_all                          ? 
_refine.ls_R_factor_obs                          0.1234 
_refine.ls_R_factor_R_work                       0.1220 
_refine.ls_wR_factor_R_work                      ? 
_refine.ls_R_factor_R_free                       0.1494 
_refine.ls_wR_factor_R_free                      ? 
_refine.ls_percent_reflns_R_free                 5.1000 
_refine.ls_number_reflns_R_free                  1228 
_refine.ls_R_factor_R_free_error                 ? 
_refine.B_iso_mean                               15.9370 
_refine.solvent_model_param_bsol                 ? 
_refine.solvent_model_param_ksol                 ? 
_refine.pdbx_isotropic_thermal_model             ? 
_refine.aniso_B[1][1]                            0.7800 
_refine.aniso_B[2][2]                            -0.4700 
_refine.aniso_B[3][3]                            -0.3100 
_refine.aniso_B[1][2]                            -0.0000 
_refine.aniso_B[1][3]                            0.0000 
_refine.aniso_B[2][3]                            -0.0000 
_refine.correlation_coeff_Fo_to_Fc               0.9810 
_refine.correlation_coeff_Fo_to_Fc_free          0.9730 
_refine.overall_SU_R_Cruickshank_DPI             ? 
_refine.overall_SU_R_free                        ? 
_refine.pdbx_overall_ESU_R                       0.0400 
_refine.pdbx_overall_ESU_R_Free                  0.0390 
_refine.overall_SU_ML                            0.0250 
_refine.overall_SU_B                             1.3240 
_refine.solvent_model_details                    MASK 
_refine.pdbx_solvent_vdw_probe_radii             1.2000 
_refine.pdbx_solvent_ion_probe_radii             0.8000 
_refine.pdbx_solvent_shrinkage_radii             0.8000 
_refine.ls_number_parameters                     ? 
_refine.ls_number_restraints                     ? 
_refine.pdbx_starting_model                      2DMX 
_refine.pdbx_method_to_determine_struct          'MOLECULAR REPLACEMENT' 
_refine.pdbx_stereochemistry_target_values       'MAXIMUM LIKELIHOOD' 
_refine.pdbx_stereochem_target_val_spec_case     ? 
_refine.overall_FOM_work_R_set                   ? 
_refine.B_iso_max                                60.920 
_refine.B_iso_min                                7.480 
_refine.pdbx_overall_phase_error                 ? 
_refine.occupancy_max                            ? 
_refine.occupancy_min                            ? 
_refine.pdbx_ls_sigma_I                          0 
_refine.ls_redundancy_reflns_obs                 ? 
_refine.ls_R_factor_R_free_error_details         ? 
_refine.pdbx_data_cutoff_high_rms_absF           ? 
_refine.overall_FOM_free_R_set                   ? 
_refine.pdbx_diffrn_id                           1 
_refine.pdbx_refine_id                           'X-RAY DIFFRACTION' 
_refine.pdbx_TLS_residual_ADP_flag               ? 
_refine.pdbx_overall_SU_R_free_Cruickshank_DPI   ? 
_refine.pdbx_overall_SU_R_Blow_DPI               ? 
_refine.pdbx_overall_SU_R_free_Blow_DPI          ? 
# 
_refine_hist.pdbx_refine_id                   'X-RAY DIFFRACTION' 
_refine_hist.cycle_id                         LAST 
_refine_hist.pdbx_number_atoms_protein        643 
_refine_hist.pdbx_number_atoms_nucleic_acid   0 
_refine_hist.pdbx_number_atoms_ligand         0 
_refine_hist.number_atoms_solvent             146 
_refine_hist.number_atoms_total               789 
_refine_hist.d_res_high                       1.2500 
_refine_hist.d_res_low                        26.2 
# 
loop_
_refine_ls_restr.type 
_refine_ls_restr.number 
_refine_ls_restr.dev_ideal 
_refine_ls_restr.dev_ideal_target 
_refine_ls_restr.weight 
_refine_ls_restr.pdbx_restraint_function 
_refine_ls_restr.pdbx_refine_id 
r_bond_refined_d       806  0.011  0.020  ? ? 'X-RAY DIFFRACTION' 
r_bond_other_d         814  0.001  0.020  ? ? 'X-RAY DIFFRACTION' 
r_angle_refined_deg    1106 1.533  2.017  ? ? 'X-RAY DIFFRACTION' 
r_angle_other_deg      1933 0.826  3.000  ? ? 'X-RAY DIFFRACTION' 
r_dihedral_angle_1_deg 117  4.707  5.000  ? ? 'X-RAY DIFFRACTION' 
r_dihedral_angle_2_deg 40   32.276 25.250 ? ? 'X-RAY DIFFRACTION' 
r_dihedral_angle_3_deg 180  14.584 15.000 ? ? 'X-RAY DIFFRACTION' 
r_dihedral_angle_4_deg 5    8.712  15.000 ? ? 'X-RAY DIFFRACTION' 
r_chiral_restr         112  0.096  0.200  ? ? 'X-RAY DIFFRACTION' 
r_gen_planes_refined   924  0.009  0.021  ? ? 'X-RAY DIFFRACTION' 
r_gen_planes_other     167  0.001  0.020  ? ? 'X-RAY DIFFRACTION' 
r_mcbond_it            369  1.418  1.165  ? ? 'X-RAY DIFFRACTION' 
r_mcbond_other         366  1.328  1.152  ? ? 'X-RAY DIFFRACTION' 
r_mcangle_it           469  1.687  1.748  ? ? 'X-RAY DIFFRACTION' 
r_rigid_bond_restr     1620 2.709  3.000  ? ? 'X-RAY DIFFRACTION' 
r_sphericity_free      30   32.430 5.000  ? ? 'X-RAY DIFFRACTION' 
r_sphericity_bonded    1703 9.577  5.000  ? ? 'X-RAY DIFFRACTION' 
# 
_refine_ls_shell.d_res_high                       1.2500 
_refine_ls_shell.d_res_low                        1.2820 
_refine_ls_shell.pdbx_total_number_of_bins_used   20 
_refine_ls_shell.percent_reflns_obs               60.8900 
_refine_ls_shell.number_reflns_R_work             1078 
_refine_ls_shell.R_factor_all                     ? 
_refine_ls_shell.R_factor_R_work                  0.2070 
_refine_ls_shell.R_factor_R_free                  0.2460 
_refine_ls_shell.percent_reflns_R_free            ? 
_refine_ls_shell.number_reflns_R_free             71 
_refine_ls_shell.R_factor_R_free_error            ? 
_refine_ls_shell.number_reflns_all                1149 
_refine_ls_shell.number_reflns_obs                1149 
_refine_ls_shell.redundancy_reflns_obs            ? 
_refine_ls_shell.pdbx_refine_id                   'X-RAY DIFFRACTION' 
# 
_struct.entry_id                  4RWU 
_struct.title                     'J-domain of Sis1 protein, Hsp40 co-chaperone from Saccharomyces cerevisiae' 
_struct.pdbx_model_details        ? 
_struct.pdbx_CASP_flag            ? 
_struct.pdbx_model_type_details   ? 
# 
_struct_keywords.entry_id        4RWU 
_struct_keywords.text            
;hsp40, J-domain, cochaperone, structural genomics, APC90055.5, PSI-2, Protein Structure Initiative, Midwest Center for Structural Genomics, MCSG, CHAPERONE
;
_struct_keywords.pdbx_keywords   CHAPERONE 
# 
loop_
_struct_asym.id 
_struct_asym.pdbx_blank_PDB_chainid_flag 
_struct_asym.pdbx_modified 
_struct_asym.entity_id 
_struct_asym.details 
A N N 1 ? 
B N N 2 ? 
# 
_struct_biol.id        1 
_struct_biol.details   ? 
# 
loop_
_struct_conf.conf_type_id 
_struct_conf.id 
_struct_conf.pdbx_PDB_helix_id 
_struct_conf.beg_label_comp_id 
_struct_conf.beg_label_asym_id 
_struct_conf.beg_label_seq_id 
_struct_conf.pdbx_beg_PDB_ins_code 
_struct_conf.end_label_comp_id 
_struct_conf.end_label_asym_id 
_struct_conf.end_label_seq_id 
_struct_conf.pdbx_end_PDB_ins_code 
_struct_conf.beg_auth_comp_id 
_struct_conf.beg_auth_asym_id 
_struct_conf.beg_auth_seq_id 
_struct_conf.end_auth_comp_id 
_struct_conf.end_auth_asym_id 
_struct_conf.end_auth_seq_id 
_struct_conf.pdbx_PDB_helix_class 
_struct_conf.details 
_struct_conf.pdbx_PDB_helix_length 
HELX_P HELX_P1 1 THR A 8  ? GLY A 15 ? THR A 5  GLY A 12 1 ? 8  
HELX_P HELX_P2 2 ASN A 21 ? HIS A 37 ? ASN A 18 HIS A 34 1 ? 17 
HELX_P HELX_P3 3 ASP A 44 ? ASN A 59 ? ASP A 41 ASN A 56 1 ? 16 
HELX_P HELX_P4 4 ASP A 60 ? GLY A 71 ? ASP A 57 GLY A 68 1 ? 12 
HELX_P HELX_P5 5 GLY A 71 ? SER A 77 ? GLY A 68 SER A 74 1 ? 7  
# 
_struct_conf_type.id          HELX_P 
_struct_conf_type.criteria    ? 
_struct_conf_type.reference   ? 
# 
_atom_sites.entry_id                    4RWU 
_atom_sites.fract_transf_matrix[1][1]   0.01302006 
_atom_sites.fract_transf_matrix[1][2]   0.02820749 
_atom_sites.fract_transf_matrix[1][3]   -0.00578260 
_atom_sites.fract_transf_matrix[2][1]   -0.00975663 
_atom_sites.fract_transf_matrix[2][2]   0.00839954 
_atom_sites.fract_transf_matrix[2][3]   0.01900495 
_atom_sites.fract_transf_matrix[3][1]   0.01229108 
_atom_sites.fract_transf_matrix[3][2]   -0.00401593 
_atom_sites.fract_transf_matrix[3][3]   0.00808481 
_atom_sites.fract_transf_vector[1]      0.020969 
_atom_sites.fract_transf_vector[2]      1.251734 
_atom_sites.fract_transf_vector[3]      0.145772 
# 
loop_
_atom_type.symbol 
C 
N 
O 
S 
# 
loop_
_atom_site.group_PDB 
_atom_site.id 
_atom_site.type_symbol 
_atom_site.label_atom_id 
_atom_site.label_alt_id 
_atom_site.label_comp_id 
_atom_site.label_asym_id 
_atom_site.label_entity_id 
_atom_site.label_seq_id 
_atom_site.pdbx_PDB_ins_code 
_atom_site.Cartn_x 
_atom_site.Cartn_y 
_atom_site.Cartn_z 
_atom_site.occupancy 
_atom_site.B_iso_or_equiv 
_atom_site.pdbx_formal_charge 
_atom_site.auth_seq_id 
_atom_site.auth_comp_id 
_atom_site.auth_asym_id 
_atom_site.auth_atom_id 
_atom_site.pdbx_PDB_model_num 
ATOM   1   N N   A MET A 1 4  ? 3.205   -0.555  -17.754 0.60 32.62 ? 1   MET A N   1 
ATOM   2   N N   B MET A 1 4  ? 3.065   0.253   -16.999 0.40 27.13 ? 1   MET A N   1 
ATOM   3   C CA  A MET A 1 4  ? 2.505   -1.332  -16.689 0.60 29.23 ? 1   MET A CA  1 
ATOM   4   C CA  B MET A 1 4  ? 2.648   -1.126  -16.632 0.40 26.92 ? 1   MET A CA  1 
ATOM   5   C C   A MET A 1 4  ? 3.398   -1.664  -15.453 0.60 20.35 ? 1   MET A C   1 
ATOM   6   C C   B MET A 1 4  ? 3.450   -1.634  -15.408 0.40 20.07 ? 1   MET A C   1 
ATOM   7   O O   A MET A 1 4  ? 4.507   -1.171  -15.250 0.60 24.27 ? 1   MET A O   1 
ATOM   8   O O   B MET A 1 4  ? 4.593   -1.238  -15.169 0.40 22.20 ? 1   MET A O   1 
ATOM   9   C CB  A MET A 1 4  ? 1.861   -2.613  -17.255 0.60 25.29 ? 1   MET A CB  1 
ATOM   10  C CB  B MET A 1 4  ? 2.788   -2.048  -17.830 0.40 26.25 ? 1   MET A CB  1 
ATOM   11  C CG  A MET A 1 4  ? 0.604   -3.181  -16.554 0.60 31.22 ? 1   MET A CG  1 
ATOM   12  C CG  B MET A 1 4  ? 2.107   -3.400  -17.696 0.40 28.40 ? 1   MET A CG  1 
ATOM   13  S SD  A MET A 1 4  ? -0.788  -2.063  -16.268 0.60 50.62 ? 1   MET A SD  1 
ATOM   14  S SD  B MET A 1 4  ? 3.348   -4.596  -18.170 0.40 35.41 ? 1   MET A SD  1 
ATOM   15  C CE  A MET A 1 4  ? -1.634  -2.829  -14.884 0.60 33.76 ? 1   MET A CE  1 
ATOM   16  C CE  B MET A 1 4  ? 2.367   -6.040  -18.563 0.40 32.02 ? 1   MET A CE  1 
ATOM   17  N N   . VAL A 1 5  ? 2.805   -2.462  -14.604 1.00 15.45 ? 2   VAL A N   1 
ATOM   18  C CA  . VAL A 1 5  ? 3.345   -2.875  -13.342 1.00 12.32 ? 2   VAL A CA  1 
ATOM   19  C C   . VAL A 1 5  ? 3.105   -4.374  -13.280 1.00 11.18 ? 2   VAL A C   1 
ATOM   20  O O   . VAL A 1 5  ? 2.177   -4.923  -13.900 1.00 13.92 ? 2   VAL A O   1 
ATOM   21  C CB  . VAL A 1 5  ? 2.707   -2.157  -12.122 1.00 12.15 ? 2   VAL A CB  1 
ATOM   22  C CG1 . VAL A 1 5  ? 2.954   -0.670  -12.180 1.00 12.48 ? 2   VAL A CG1 1 
ATOM   23  C CG2 . VAL A 1 5  ? 1.241   -2.469  -11.983 1.00 13.71 ? 2   VAL A CG2 1 
ATOM   24  N N   . LYS A 1 6  ? 3.899   -5.061  -12.478 1.00 10.80 ? 3   LYS A N   1 
ATOM   25  C CA  A LYS A 1 6  ? 3.764   -6.515  -12.365 0.50 10.75 ? 3   LYS A CA  1 
ATOM   26  C CA  B LYS A 1 6  ? 3.767   -6.513  -12.357 0.50 10.70 ? 3   LYS A CA  1 
ATOM   27  C C   . LYS A 1 6  ? 2.473   -6.922  -11.649 1.00 11.15 ? 3   LYS A C   1 
ATOM   28  O O   . LYS A 1 6  ? 1.773   -7.862  -12.067 1.00 12.99 ? 3   LYS A O   1 
ATOM   29  C CB  A LYS A 1 6  ? 4.972   -7.103  -11.641 0.50 11.30 ? 3   LYS A CB  1 
ATOM   30  C CB  B LYS A 1 6  ? 4.966   -7.075  -11.607 0.50 11.21 ? 3   LYS A CB  1 
ATOM   31  C CG  A LYS A 1 6  ? 4.985   -8.622  -11.622 0.50 12.64 ? 3   LYS A CG  1 
ATOM   32  C CG  B LYS A 1 6  ? 5.034   -8.587  -11.608 0.50 12.63 ? 3   LYS A CG  1 
ATOM   33  C CD  A LYS A 1 6  ? 6.100   -9.139  -10.726 0.50 15.03 ? 3   LYS A CD  1 
ATOM   34  C CD  B LYS A 1 6  ? 6.195   -9.031  -10.739 0.50 15.10 ? 3   LYS A CD  1 
ATOM   35  C CE  A LYS A 1 6  ? 6.097   -10.652 -10.567 0.50 18.10 ? 3   LYS A CE  1 
ATOM   36  C CE  B LYS A 1 6  ? 6.279   -10.532 -10.605 0.50 18.47 ? 3   LYS A CE  1 
ATOM   37  N NZ  A LYS A 1 6  ? 4.828   -11.247 -10.046 0.50 17.51 ? 3   LYS A NZ  1 
ATOM   38  N NZ  B LYS A 1 6  ? 6.687   -11.156 -11.892 0.50 21.89 ? 3   LYS A NZ  1 
ATOM   39  N N   . GLU A 1 7  ? 2.179   -6.218  -10.560 1.00 10.16 ? 4   GLU A N   1 
ATOM   40  C CA  . GLU A 1 7  ? 1.079   -6.534  -9.661  1.00 9.67  ? 4   GLU A CA  1 
ATOM   41  C C   . GLU A 1 7  ? 0.376   -5.233  -9.291  1.00 9.16  ? 4   GLU A C   1 
ATOM   42  O O   . GLU A 1 7  ? 1.001   -4.194  -9.096  1.00 10.61 ? 4   GLU A O   1 
ATOM   43  C CB  . GLU A 1 7  ? 1.631   -7.187  -8.373  1.00 10.88 ? 4   GLU A CB  1 
ATOM   44  C CG  . GLU A 1 7  ? 2.316   -8.522  -8.623  1.00 12.54 ? 4   GLU A CG  1 
ATOM   45  C CD  . GLU A 1 7  ? 3.071   -9.077  -7.436  1.00 12.11 ? 4   GLU A CD  1 
ATOM   46  O OE1 . GLU A 1 7  ? 2.983   -8.550  -6.333  1.00 12.30 ? 4   GLU A OE1 1 
ATOM   47  O OE2 . GLU A 1 7  ? 3.778   -10.099 -7.639  1.00 15.05 ? 4   GLU A OE2 1 
ATOM   48  N N   . THR A 1 8  ? -0.940  -5.302  -9.175  1.00 9.80  ? 5   THR A N   1 
ATOM   49  C CA  . THR A 1 8  ? -1.706  -4.128  -8.805  1.00 9.16  ? 5   THR A CA  1 
ATOM   50  C C   . THR A 1 8  ? -2.272  -4.150  -7.389  1.00 8.45  ? 5   THR A C   1 
ATOM   51  O O   . THR A 1 8  ? -2.827  -3.144  -6.986  1.00 9.60  ? 5   THR A O   1 
ATOM   52  C CB  . THR A 1 8  ? -2.854  -3.859  -9.792  1.00 11.56 ? 5   THR A CB  1 
ATOM   53  O OG1 . THR A 1 8  ? -3.741  -4.982  -9.752  1.00 15.57 ? 5   THR A OG1 1 
ATOM   54  C CG2 . THR A 1 8  ? -2.322  -3.608  -11.177 1.00 14.18 ? 5   THR A CG2 1 
ATOM   55  N N   . LYS A 1 9  ? -2.097  -5.216  -6.638  1.00 9.13  ? 6   LYS A N   1 
ATOM   56  C CA  A LYS A 1 9  ? -2.715  -5.306  -5.310  0.70 9.62  ? 6   LYS A CA  1 
ATOM   57  C CA  B LYS A 1 9  ? -2.725  -5.305  -5.324  0.30 9.73  ? 6   LYS A CA  1 
ATOM   58  C C   . LYS A 1 9  ? -2.522  -4.084  -4.430  1.00 8.91  ? 6   LYS A C   1 
ATOM   59  O O   . LYS A 1 9  ? -3.470  -3.622  -3.786  1.00 9.17  ? 6   LYS A O   1 
ATOM   60  C CB  A LYS A 1 9  ? -2.200  -6.572  -4.601  0.70 11.65 ? 6   LYS A CB  1 
ATOM   61  C CB  B LYS A 1 9  ? -2.251  -6.556  -4.588  0.30 11.45 ? 6   LYS A CB  1 
ATOM   62  C CG  A LYS A 1 9  ? -2.655  -6.805  -3.166  0.70 13.56 ? 6   LYS A CG  1 
ATOM   63  C CG  B LYS A 1 9  ? -2.907  -6.728  -3.232  0.30 13.25 ? 6   LYS A CG  1 
ATOM   64  C CD  A LYS A 1 9  ? -4.144  -7.018  -3.051  0.70 12.41 ? 6   LYS A CD  1 
ATOM   65  C CD  B LYS A 1 9  ? -3.037  -8.185  -2.866  0.30 14.40 ? 6   LYS A CD  1 
ATOM   66  C CE  A LYS A 1 9  ? -4.523  -7.473  -1.640  0.70 15.33 ? 6   LYS A CE  1 
ATOM   67  C CE  B LYS A 1 9  ? -3.812  -8.343  -1.578  0.30 16.17 ? 6   LYS A CE  1 
ATOM   68  N NZ  A LYS A 1 9  ? -6.010  -7.498  -1.366  0.70 16.00 ? 6   LYS A NZ  1 
ATOM   69  N NZ  B LYS A 1 9  ? -4.782  -7.240  -1.371  0.30 16.66 ? 6   LYS A NZ  1 
ATOM   70  N N   . LEU A 1 10 ? -1.283  -3.598  -4.338  1.00 8.39  ? 7   LEU A N   1 
ATOM   71  C CA  . LEU A 1 10 ? -1.079  -2.470  -3.435  1.00 7.48  ? 7   LEU A CA  1 
ATOM   72  C C   . LEU A 1 10 ? -1.842  -1.237  -3.869  1.00 7.49  ? 7   LEU A C   1 
ATOM   73  O O   . LEU A 1 10 ? -2.337  -0.467  -3.043  1.00 8.51  ? 7   LEU A O   1 
ATOM   74  C CB  . LEU A 1 10 ? 0.407   -2.146  -3.276  1.00 7.58  ? 7   LEU A CB  1 
ATOM   75  C CG  . LEU A 1 10 ? 1.301   -3.211  -2.655  1.00 8.19  ? 7   LEU A CG  1 
ATOM   76  C CD1 . LEU A 1 10 ? 2.702   -2.667  -2.452  1.00 8.62  ? 7   LEU A CD1 1 
ATOM   77  C CD2 . LEU A 1 10 ? 0.758   -3.776  -1.377  1.00 9.14  ? 7   LEU A CD2 1 
ATOM   78  N N   . TYR A 1 11 ? -1.901  -1.021  -5.179  1.00 7.68  ? 8   TYR A N   1 
ATOM   79  C CA  . TYR A 1 11 ? -2.672  0.115   -5.719  1.00 8.06  ? 8   TYR A CA  1 
ATOM   80  C C   . TYR A 1 11 ? -4.164  -0.097  -5.479  1.00 7.53  ? 8   TYR A C   1 
ATOM   81  O O   . TYR A 1 11 ? -4.889  0.815   -5.065  1.00 8.57  ? 8   TYR A O   1 
ATOM   82  C CB  . TYR A 1 11 ? -2.398  0.275   -7.213  1.00 8.82  ? 8   TYR A CB  1 
ATOM   83  C CG  . TYR A 1 11 ? -0.954  0.646   -7.524  1.00 7.62  ? 8   TYR A CG  1 
ATOM   84  C CD1 . TYR A 1 11 ? -0.466  1.884   -7.224  1.00 8.14  ? 8   TYR A CD1 1 
ATOM   85  C CD2 . TYR A 1 11 ? -0.063  -0.271  -8.075  1.00 8.31  ? 8   TYR A CD2 1 
ATOM   86  C CE1 . TYR A 1 11 ? 0.826   2.253   -7.513  1.00 8.30  ? 8   TYR A CE1 1 
ATOM   87  C CE2 . TYR A 1 11 ? 1.248   0.072   -8.381  1.00 7.88  ? 8   TYR A CE2 1 
ATOM   88  C CZ  . TYR A 1 11 ? 1.691   1.323   -8.089  1.00 7.93  ? 8   TYR A CZ  1 
ATOM   89  O OH  . TYR A 1 11 ? 2.962   1.730   -8.378  1.00 8.75  ? 8   TYR A OH  1 
ATOM   90  N N   . ASP A 1 12 ? -4.615  -1.319  -5.694  1.00 7.53  ? 9   ASP A N   1 
ATOM   91  C CA  . ASP A 1 12 ? -6.005  -1.636  -5.403  1.00 9.40  ? 9   ASP A CA  1 
ATOM   92  C C   . ASP A 1 12 ? -6.370  -1.355  -3.969  1.00 8.48  ? 9   ASP A C   1 
ATOM   93  O O   . ASP A 1 12 ? -7.445  -0.840  -3.678  1.00 9.31  ? 9   ASP A O   1 
ATOM   94  C CB  . ASP A 1 12 ? -6.302  -3.107  -5.672  1.00 10.01 ? 9   ASP A CB  1 
ATOM   95  C CG  . ASP A 1 12 ? -6.170  -3.540  -7.120  1.00 12.21 ? 9   ASP A CG  1 
ATOM   96  O OD1 . ASP A 1 12 ? -6.114  -2.716  -8.039  1.00 11.24 ? 9   ASP A OD1 1 
ATOM   97  O OD2 . ASP A 1 12 ? -6.112  -4.790  -7.271  1.00 19.78 ? 9   ASP A OD2 1 
ATOM   98  N N   . LEU A 1 13 ? -5.490  -1.735  -3.030  1.00 8.37  ? 10  LEU A N   1 
ATOM   99  C CA  . LEU A 1 13 ? -5.740  -1.522  -1.618  1.00 8.74  ? 10  LEU A CA  1 
ATOM   100 C C   . LEU A 1 13 ? -5.978  -0.049  -1.293  1.00 8.94  ? 10  LEU A C   1 
ATOM   101 O O   . LEU A 1 13 ? -6.748  0.256   -0.377  1.00 10.62 ? 10  LEU A O   1 
ATOM   102 C CB  . LEU A 1 13 ? -4.590  -2.072  -0.788  1.00 8.89  ? 10  LEU A CB  1 
ATOM   103 C CG  . LEU A 1 13 ? -4.551  -3.585  -0.597  1.00 8.96  ? 10  LEU A CG  1 
ATOM   104 C CD1 . LEU A 1 13 ? -3.178  -4.037  -0.157  1.00 9.45  ? 10  LEU A CD1 1 
ATOM   105 C CD2 . LEU A 1 13 ? -5.596  -4.006  0.404   1.00 9.91  ? 10  LEU A CD2 1 
ATOM   106 N N   . LEU A 1 14 ? -5.285  0.850   -1.975  1.00 8.57  ? 11  LEU A N   1 
ATOM   107 C CA  . LEU A 1 14 ? -5.443  2.280   -1.769  1.00 8.65  ? 11  LEU A CA  1 
ATOM   108 C C   . LEU A 1 14 ? -6.503  2.895   -2.667  1.00 9.43  ? 11  LEU A C   1 
ATOM   109 O O   . LEU A 1 14 ? -6.762  4.089   -2.566  1.00 9.93  ? 11  LEU A O   1 
ATOM   110 C CB  . LEU A 1 14 ? -4.117  3.035   -1.923  1.00 8.58  ? 11  LEU A CB  1 
ATOM   111 C CG  . LEU A 1 14 ? -3.006  2.533   -0.999  1.00 9.77  ? 11  LEU A CG  1 
ATOM   112 C CD1 . LEU A 1 14 ? -1.808  3.426   -1.165  1.00 10.52 ? 11  LEU A CD1 1 
ATOM   113 C CD2 . LEU A 1 14 ? -3.418  2.478   0.469   1.00 11.10 ? 11  LEU A CD2 1 
ATOM   114 N N   . GLY A 1 15 ? -7.114  2.096   -3.531  1.00 9.22  ? 12  GLY A N   1 
ATOM   115 C CA  . GLY A 1 15 ? -8.199  2.619   -4.397  1.00 9.66  ? 12  GLY A CA  1 
ATOM   116 C C   . GLY A 1 15 ? -7.721  3.590   -5.475  1.00 10.57 ? 12  GLY A C   1 
ATOM   117 O O   . GLY A 1 15 ? -8.349  4.580   -5.745  1.00 12.54 ? 12  GLY A O   1 
ATOM   118 N N   . VAL A 1 16 ? -6.530  3.285   -6.028  1.00 8.23  ? 13  VAL A N   1 
ATOM   119 C CA  . VAL A 1 16 ? -5.859  4.140   -6.990  1.00 9.41  ? 13  VAL A CA  1 
ATOM   120 C C   . VAL A 1 16 ? -5.385  3.368   -8.203  1.00 9.19  ? 13  VAL A C   1 
ATOM   121 O O   . VAL A 1 16 ? -5.237  2.155   -8.170  1.00 10.32 ? 13  VAL A O   1 
ATOM   122 C CB  . VAL A 1 16 ? -4.684  4.945   -6.377  1.00 9.72  ? 13  VAL A CB  1 
ATOM   123 C CG1 . VAL A 1 16 ? -5.132  5.769   -5.199  1.00 10.15 ? 13  VAL A CG1 1 
ATOM   124 C CG2 . VAL A 1 16 ? -3.515  4.065   -5.980  1.00 9.93  ? 13  VAL A CG2 1 
ATOM   125 N N   . SER A 1 17 ? -5.093  4.134   -9.267  1.00 9.22  ? 14  SER A N   1 
ATOM   126 C CA  . SER A 1 17 ? -4.444  3.620   -10.467 1.00 9.83  ? 14  SER A CA  1 
ATOM   127 C C   . SER A 1 17 ? -2.981  3.289   -10.146 1.00 9.63  ? 14  SER A C   1 
ATOM   128 O O   . SER A 1 17 ? -2.354  3.960   -9.346  1.00 9.54  ? 14  SER A O   1 
ATOM   129 C CB  . SER A 1 17 ? -4.449  4.718   -11.518 1.00 11.49 ? 14  SER A CB  1 
ATOM   130 O OG  . SER A 1 17 ? -3.642  4.482   -12.619 1.00 13.26 ? 14  SER A OG  1 
ATOM   131 N N   . PRO A 1 18 ? -2.397  2.331   -10.876 1.00 9.25  ? 15  PRO A N   1 
ATOM   132 C CA  . PRO A 1 18 ? -0.955  2.126   -10.756 1.00 9.71  ? 15  PRO A CA  1 
ATOM   133 C C   . PRO A 1 18 ? -0.085  3.321   -11.131 1.00 10.41 ? 15  PRO A C   1 
ATOM   134 O O   . PRO A 1 18 ? 1.065   3.384   -10.730 1.00 10.86 ? 15  PRO A O   1 
ATOM   135 C CB  . PRO A 1 18 ? -0.686  0.896   -11.649 1.00 11.74 ? 15  PRO A CB  1 
ATOM   136 C CG  . PRO A 1 18 ? -1.978  0.189   -11.682 1.00 13.63 ? 15  PRO A CG  1 
ATOM   137 C CD  . PRO A 1 18 ? -3.018  1.287   -11.707 1.00 10.92 ? 15  PRO A CD  1 
ATOM   138 N N   . SER A 1 19 ? -0.643  4.282   -11.876 1.00 9.51  ? 16  SER A N   1 
ATOM   139 C CA  . SER A 1 19 ? 0.055   5.480   -12.238 1.00 10.88 ? 16  SER A CA  1 
ATOM   140 C C   . SER A 1 19 ? -0.211  6.643   -11.267 1.00 10.92 ? 16  SER A C   1 
ATOM   141 O O   . SER A 1 19 ? 0.127   7.782   -11.570 1.00 12.18 ? 16  SER A O   1 
ATOM   142 C CB  . SER A 1 19 ? -0.383  5.879   -13.666 1.00 14.88 ? 16  SER A CB  1 
ATOM   143 O OG  . SER A 1 19 ? 0.049   4.918   -14.598 1.00 18.51 ? 16  SER A OG  1 
ATOM   144 N N   . ALA A 1 20 ? -0.794  6.342   -10.100 1.00 9.44  ? 17  ALA A N   1 
ATOM   145 C CA  . ALA A 1 20 ? -1.136  7.382   -9.130  1.00 9.94  ? 17  ALA A CA  1 
ATOM   146 C C   . ALA A 1 20 ? 0.014   8.309   -8.796  1.00 9.05  ? 17  ALA A C   1 
ATOM   147 O O   . ALA A 1 20 ? 1.159   7.892   -8.680  1.00 10.30 ? 17  ALA A O   1 
ATOM   148 C CB  . ALA A 1 20 ? -1.615  6.755   -7.839  1.00 11.37 ? 17  ALA A CB  1 
ATOM   149 N N   . ASN A 1 21 ? -0.320  9.555   -8.529  1.00 8.94  ? 18  ASN A N   1 
ATOM   150 C CA  . ASN A 1 21 ? 0.635   10.500  -7.996  1.00 9.16  ? 18  ASN A CA  1 
ATOM   151 C C   . ASN A 1 21 ? 0.605   10.510  -6.461  1.00 9.06  ? 18  ASN A C   1 
ATOM   152 O O   . ASN A 1 21 ? -0.217  9.873   -5.827  1.00 9.47  ? 18  ASN A O   1 
ATOM   153 C CB  . ASN A 1 21 ? 0.416   11.866  -8.654  1.00 9.20  ? 18  ASN A CB  1 
ATOM   154 C CG  . ASN A 1 21 ? -0.921  12.449  -8.301  1.00 9.16  ? 18  ASN A CG  1 
ATOM   155 O OD1 . ASN A 1 21 ? -1.299  12.445  -7.137  1.00 9.41  ? 18  ASN A OD1 1 
ATOM   156 N ND2 . ASN A 1 21 ? -1.654  12.909  -9.298  1.00 9.99  ? 18  ASN A ND2 1 
ATOM   157 N N   . GLU A 1 22 ? 1.505   11.301  -5.875  1.00 9.58  ? 19  GLU A N   1 
ATOM   158 C CA  A GLU A 1 22 ? 1.625   11.349  -4.425  0.50 10.55 ? 19  GLU A CA  1 
ATOM   159 C CA  B GLU A 1 22 ? 1.636   11.389  -4.422  0.50 10.59 ? 19  GLU A CA  1 
ATOM   160 C C   . GLU A 1 22 ? 0.340   11.802  -3.726  1.00 9.33  ? 19  GLU A C   1 
ATOM   161 O O   . GLU A 1 22 ? -0.048  11.238  -2.691  1.00 9.77  ? 19  GLU A O   1 
ATOM   162 C CB  A GLU A 1 22 ? 2.787   12.271  -4.025  0.50 13.24 ? 19  GLU A CB  1 
ATOM   163 C CB  B GLU A 1 22 ? 2.739   12.407  -4.067  0.50 12.41 ? 19  GLU A CB  1 
ATOM   164 C CG  A GLU A 1 22 ? 2.972   12.441  -2.522  0.50 17.87 ? 19  GLU A CG  1 
ATOM   165 C CG  B GLU A 1 22 ? 2.889   12.710  -2.579  0.50 15.93 ? 19  GLU A CG  1 
ATOM   166 C CD  A GLU A 1 22 ? 4.308   13.053  -2.120  0.50 21.65 ? 19  GLU A CD  1 
ATOM   167 C CD  B GLU A 1 22 ? 3.924   13.775  -2.250  0.50 20.94 ? 19  GLU A CD  1 
ATOM   168 O OE1 A GLU A 1 22 ? 5.062   13.479  -3.008  0.50 22.30 ? 19  GLU A OE1 1 
ATOM   169 O OE1 B GLU A 1 22 ? 4.585   14.286  -3.159  0.50 24.44 ? 19  GLU A OE1 1 
ATOM   170 O OE2 A GLU A 1 22 ? 4.607   13.085  -0.908  0.50 30.28 ? 19  GLU A OE2 1 
ATOM   171 O OE2 B GLU A 1 22 ? 4.064   14.107  -1.060  0.50 30.11 ? 19  GLU A OE2 1 
ATOM   172 N N   . GLN A 1 23 ? -0.309  12.827  -4.270  1.00 9.23  ? 20  GLN A N   1 
ATOM   173 C CA  . GLN A 1 23 ? -1.546  13.335  -3.673  1.00 9.72  ? 20  GLN A CA  1 
ATOM   174 C C   . GLN A 1 23 ? -2.612  12.246  -3.654  1.00 8.67  ? 20  GLN A C   1 
ATOM   175 O O   . GLN A 1 23 ? -3.360  12.084  -2.676  1.00 10.10 ? 20  GLN A O   1 
ATOM   176 C CB  . GLN A 1 23 ? -2.042  14.556  -4.441  1.00 10.39 ? 20  GLN A CB  1 
ATOM   177 C CG  . GLN A 1 23 ? -1.247  15.828  -4.226  1.00 12.38 ? 20  GLN A CG  1 
ATOM   178 C CD  . GLN A 1 23 ? 0.063   15.889  -4.962  1.00 13.26 ? 20  GLN A CD  1 
ATOM   179 O OE1 . GLN A 1 23 ? 0.316   15.102  -5.881  1.00 12.92 ? 20  GLN A OE1 1 
ATOM   180 N NE2 . GLN A 1 23 ? 0.849   16.919  -4.672  1.00 19.60 ? 20  GLN A NE2 1 
ATOM   181 N N   . GLU A 1 24 ? -2.692  11.514  -4.766  1.00 8.45  ? 21  GLU A N   1 
ATOM   182 C CA  . GLU A 1 24 ? -3.646  10.422  -4.885  1.00 8.60  ? 21  GLU A CA  1 
ATOM   183 C C   . GLU A 1 24 ? -3.365  9.270   -3.940  1.00 8.42  ? 21  GLU A C   1 
ATOM   184 O O   . GLU A 1 24 ? -4.278  8.721   -3.328  1.00 9.01  ? 21  GLU A O   1 
ATOM   185 C CB  . GLU A 1 24 ? -3.682  9.914   -6.306  1.00 8.37  ? 21  GLU A CB  1 
ATOM   186 C CG  . GLU A 1 24 ? -4.330  10.934  -7.294  1.00 9.14  ? 21  GLU A CG  1 
ATOM   187 C CD  . GLU A 1 24 ? -4.246  10.536  -8.730  1.00 9.63  ? 21  GLU A CD  1 
ATOM   188 O OE1 . GLU A 1 24 ? -3.221  9.931   -9.097  1.00 11.05 ? 21  GLU A OE1 1 
ATOM   189 O OE2 . GLU A 1 24 ? -5.207  10.809  -9.484  1.00 10.51 ? 21  GLU A OE2 1 
ATOM   190 N N   . LEU A 1 25 ? -2.088  8.931   -3.792  1.00 8.50  ? 22  LEU A N   1 
ATOM   191 C CA  . LEU A 1 25 ? -1.718  7.890   -2.819  1.00 8.89  ? 22  LEU A CA  1 
ATOM   192 C C   . LEU A 1 25 ? -2.103  8.295   -1.420  1.00 8.92  ? 22  LEU A C   1 
ATOM   193 O O   . LEU A 1 25 ? -2.651  7.481   -0.674  1.00 10.02 ? 22  LEU A O   1 
ATOM   194 C CB  . LEU A 1 25 ? -0.214  7.643   -2.864  1.00 9.11  ? 22  LEU A CB  1 
ATOM   195 C CG  . LEU A 1 25 ? 0.304   6.974   -4.137  1.00 10.60 ? 22  LEU A CG  1 
ATOM   196 C CD1 . LEU A 1 25 ? 1.835   6.948   -4.079  1.00 12.05 ? 22  LEU A CD1 1 
ATOM   197 C CD2 . LEU A 1 25 ? -0.242  5.583   -4.348  1.00 10.73 ? 22  LEU A CD2 1 
ATOM   198 N N   . LYS A 1 26 ? -1.827  9.552   -1.039  1.00 9.56  ? 23  LYS A N   1 
ATOM   199 C CA  A LYS A 1 26 ? -2.143  10.016  0.304   0.70 9.83  ? 23  LYS A CA  1 
ATOM   200 C CA  B LYS A 1 26 ? -2.152  10.010  0.312   0.30 10.14 ? 23  LYS A CA  1 
ATOM   201 C C   . LYS A 1 26 ? -3.653  10.010  0.550   1.00 9.51  ? 23  LYS A C   1 
ATOM   202 O O   . LYS A 1 26 ? -4.126  9.578   1.609   1.00 10.48 ? 23  LYS A O   1 
ATOM   203 C CB  A LYS A 1 26 ? -1.532  11.392  0.534   0.70 12.19 ? 23  LYS A CB  1 
ATOM   204 C CB  B LYS A 1 26 ? -1.596  11.401  0.593   0.30 11.94 ? 23  LYS A CB  1 
ATOM   205 C CG  A LYS A 1 26 ? -0.008  11.371  0.647   0.70 14.03 ? 23  LYS A CG  1 
ATOM   206 C CG  B LYS A 1 26 ? -1.821  11.825  2.040   0.30 13.89 ? 23  LYS A CG  1 
ATOM   207 C CD  A LYS A 1 26 ? 0.551   12.762  0.848   0.70 18.95 ? 23  LYS A CD  1 
ATOM   208 C CD  B LYS A 1 26 ? -1.312  10.754  2.984   0.30 18.37 ? 23  LYS A CD  1 
ATOM   209 C CE  A LYS A 1 26 ? 2.060   12.766  0.942   0.70 23.80 ? 23  LYS A CE  1 
ATOM   210 C CE  B LYS A 1 26 ? -1.994  10.783  4.331   0.30 21.21 ? 23  LYS A CE  1 
ATOM   211 N NZ  A LYS A 1 26 ? 2.644   11.659  1.722   0.70 31.98 ? 23  LYS A NZ  1 
ATOM   212 N NZ  B LYS A 1 26 ? -3.265  10.023  4.316   0.30 20.97 ? 23  LYS A NZ  1 
ATOM   213 N N   . LYS A 1 27 ? -4.410  10.482  -0.430  1.00 9.92  ? 24  LYS A N   1 
ATOM   214 C CA  . LYS A 1 27 ? -5.873  10.515  -0.278  1.00 10.48 ? 24  LYS A CA  1 
ATOM   215 C C   . LYS A 1 27 ? -6.431  9.104   -0.180  1.00 8.77  ? 24  LYS A C   1 
ATOM   216 O O   . LYS A 1 27 ? -7.301  8.821   0.652   1.00 9.98  ? 24  LYS A O   1 
ATOM   217 C CB  . LYS A 1 27 ? -6.465  11.224  -1.490  1.00 11.58 ? 24  LYS A CB  1 
ATOM   218 C CG  . LYS A 1 27 ? -7.984  11.270  -1.577  1.00 14.86 ? 24  LYS A CG  1 
ATOM   219 C CD  . LYS A 1 27 ? -8.550  12.076  -0.471  1.00 19.41 ? 24  LYS A CD  1 
ATOM   220 C CE  . LYS A 1 27 ? -8.320  13.549  -0.678  1.00 19.51 ? 24  LYS A CE  1 
ATOM   221 N NZ  . LYS A 1 27 ? -8.863  14.102  -1.959  1.00 22.84 ? 24  LYS A NZ  1 
ATOM   222 N N   . GLY A 1 28 ? -5.925  8.179   -1.011  1.00 8.70  ? 25  GLY A N   1 
ATOM   223 C CA  . GLY A 1 28 ? -6.410  6.830   -0.983  1.00 8.45  ? 25  GLY A CA  1 
ATOM   224 C C   . GLY A 1 28 ? -6.100  6.109   0.319   1.00 8.83  ? 25  GLY A C   1 
ATOM   225 O O   . GLY A 1 28 ? -6.927  5.369   0.860   1.00 9.69  ? 25  GLY A O   1 
ATOM   226 N N   . TYR A 1 29 ? -4.899  6.355   0.824   1.00 9.04  ? 26  TYR A N   1 
ATOM   227 C CA  . TYR A 1 29 ? -4.505  5.815   2.123   1.00 9.23  ? 26  TYR A CA  1 
ATOM   228 C C   . TYR A 1 29 ? -5.405  6.364   3.247   1.00 9.61  ? 26  TYR A C   1 
ATOM   229 O O   . TYR A 1 29 ? -5.862  5.621   4.092   1.00 9.91  ? 26  TYR A O   1 
ATOM   230 C CB  . TYR A 1 29 ? -3.041  6.163   2.379   1.00 9.74  ? 26  TYR A CB  1 
ATOM   231 C CG  . TYR A 1 29 ? -2.561  5.891   3.777   1.00 9.78  ? 26  TYR A CG  1 
ATOM   232 C CD1 . TYR A 1 29 ? -2.655  4.643   4.342   1.00 10.19 ? 26  TYR A CD1 1 
ATOM   233 C CD2 . TYR A 1 29 ? -2.021  6.902   4.535   1.00 13.26 ? 26  TYR A CD2 1 
ATOM   234 C CE1 . TYR A 1 29 ? -2.181  4.380   5.631   1.00 10.85 ? 26  TYR A CE1 1 
ATOM   235 C CE2 . TYR A 1 29 ? -1.538  6.655   5.804   1.00 16.21 ? 26  TYR A CE2 1 
ATOM   236 C CZ  . TYR A 1 29 ? -1.635  5.403   6.350   1.00 13.14 ? 26  TYR A CZ  1 
ATOM   237 O OH  . TYR A 1 29 ? -1.129  5.166   7.594   1.00 18.64 ? 26  TYR A OH  1 
ATOM   238 N N   . ARG A 1 30 ? -5.618  7.685   3.264   1.00 10.20 ? 27  ARG A N   1 
ATOM   239 C CA  A ARG A 1 30 ? -6.465  8.271   4.293   0.50 11.11 ? 27  ARG A CA  1 
ATOM   240 C CA  B ARG A 1 30 ? -6.492  8.309   4.272   0.30 12.88 ? 27  ARG A CA  1 
ATOM   241 C CA  C ARG A 1 30 ? -6.470  8.262   4.302   0.20 12.77 ? 27  ARG A CA  1 
ATOM   242 C C   . ARG A 1 30 ? -7.864  7.635   4.270   1.00 10.43 ? 27  ARG A C   1 
ATOM   243 O O   . ARG A 1 30 ? -8.423  7.255   5.317   1.00 11.75 ? 27  ARG A O   1 
ATOM   244 C CB  A ARG A 1 30 ? -6.535  9.789   4.110   0.50 12.91 ? 27  ARG A CB  1 
ATOM   245 C CB  B ARG A 1 30 ? -6.632  9.812   3.976   0.30 15.23 ? 27  ARG A CB  1 
ATOM   246 C CB  C ARG A 1 30 ? -6.544  9.781   4.168   0.20 15.80 ? 27  ARG A CB  1 
ATOM   247 C CG  A ARG A 1 30 ? -5.223  10.527  4.428   0.50 17.89 ? 27  ARG A CG  1 
ATOM   248 C CG  B ARG A 1 30 ? -7.709  10.579  4.749   0.30 16.09 ? 27  ARG A CG  1 
ATOM   249 C CG  C ARG A 1 30 ? -5.262  10.466  4.614   0.20 19.46 ? 27  ARG A CG  1 
ATOM   250 C CD  A ARG A 1 30 ? -5.392  12.041  4.610   0.50 23.62 ? 27  ARG A CD  1 
ATOM   251 C CD  B ARG A 1 30 ? -7.476  10.549  6.237   0.30 20.05 ? 27  ARG A CD  1 
ATOM   252 C CD  C ARG A 1 30 ? -5.351  11.982  4.566   0.20 22.44 ? 27  ARG A CD  1 
ATOM   253 N NE  A ARG A 1 30 ? -5.871  12.719  3.404   0.50 26.89 ? 27  ARG A NE  1 
ATOM   254 N NE  B ARG A 1 30 ? -8.391  11.404  6.988   0.30 22.06 ? 27  ARG A NE  1 
ATOM   255 N NE  C ARG A 1 30 ? -4.021  12.569  4.650   0.20 23.75 ? 27  ARG A NE  1 
ATOM   256 C CZ  A ARG A 1 30 ? -5.069  13.246  2.480   0.50 24.46 ? 27  ARG A CZ  1 
ATOM   257 C CZ  B ARG A 1 30 ? -8.470  11.396  8.312   0.30 23.68 ? 27  ARG A CZ  1 
ATOM   258 C CZ  C ARG A 1 30 ? -3.390  13.136  3.630   0.20 26.64 ? 27  ARG A CZ  1 
ATOM   259 N NH1 A ARG A 1 30 ? -3.758  13.199  2.642   0.50 32.16 ? 27  ARG A NH1 1 
ATOM   260 N NH1 B ARG A 1 30 ? -7.691  10.582  9.001   0.30 26.26 ? 27  ARG A NH1 1 
ATOM   261 N NH1 C ARG A 1 30 ? -3.980  13.222  2.439   0.20 29.77 ? 27  ARG A NH1 1 
ATOM   262 N NH2 A ARG A 1 30 ? -5.569  13.832  1.417   0.50 26.81 ? 27  ARG A NH2 1 
ATOM   263 N NH2 B ARG A 1 30 ? -9.316  12.193  8.947   0.30 25.27 ? 27  ARG A NH2 1 
ATOM   264 N NH2 C ARG A 1 30 ? -2.170  13.620  3.804   0.20 25.21 ? 27  ARG A NH2 1 
ATOM   265 N N   . LYS A 1 31 ? -8.426  7.487   3.074   1.00 10.25 ? 28  LYS A N   1 
ATOM   266 C CA  A LYS A 1 31 ? -9.751  6.902   2.973   0.60 10.80 ? 28  LYS A CA  1 
ATOM   267 C CA  B LYS A 1 31 ? -9.757  6.897   2.968   0.40 10.97 ? 28  LYS A CA  1 
ATOM   268 C C   . LYS A 1 31 ? -9.784  5.438   3.430   1.00 10.06 ? 28  LYS A C   1 
ATOM   269 O O   . LYS A 1 31 ? -10.716 4.981   4.090   1.00 11.25 ? 28  LYS A O   1 
ATOM   270 C CB  A LYS A 1 31 ? -10.257 7.022   1.541   0.60 13.15 ? 28  LYS A CB  1 
ATOM   271 C CB  B LYS A 1 31 ? -10.265 7.006   1.534   0.40 13.24 ? 28  LYS A CB  1 
ATOM   272 C CG  A LYS A 1 31 ? -10.668 8.420   1.075   0.60 18.45 ? 28  LYS A CG  1 
ATOM   273 C CG  B LYS A 1 31 ? -10.656 8.410   1.085   0.40 17.84 ? 28  LYS A CG  1 
ATOM   274 C CD  A LYS A 1 31 ? -11.123 8.331   -0.389  0.60 23.99 ? 28  LYS A CD  1 
ATOM   275 C CD  B LYS A 1 31 ? -10.989 8.415   -0.405  0.40 22.38 ? 28  LYS A CD  1 
ATOM   276 C CE  A LYS A 1 31 ? -11.567 9.651   -0.993  0.60 30.27 ? 28  LYS A CE  1 
ATOM   277 C CE  B LYS A 1 31 ? -11.639 9.711   -0.858  0.40 27.45 ? 28  LYS A CE  1 
ATOM   278 N NZ  A LYS A 1 31 ? -11.421 9.618   -2.480  0.60 30.27 ? 28  LYS A NZ  1 
ATOM   279 N NZ  B LYS A 1 31 ? -13.099 9.739   -0.580  0.40 28.55 ? 28  LYS A NZ  1 
ATOM   280 N N   . ALA A 1 32 ? -8.749  4.688   3.054   1.00 9.10  ? 29  ALA A N   1 
ATOM   281 C CA  . ALA A 1 32 ? -8.662  3.281   3.417   1.00 9.50  ? 29  ALA A CA  1 
ATOM   282 C C   . ALA A 1 32 ? -8.502  3.119   4.934   1.00 10.15 ? 29  ALA A C   1 
ATOM   283 O O   . ALA A 1 32 ? -9.128  2.258   5.537   1.00 11.11 ? 29  ALA A O   1 
ATOM   284 C CB  . ALA A 1 32 ? -7.522  2.619   2.688   1.00 11.06 ? 29  ALA A CB  1 
ATOM   285 N N   . ALA A 1 33 ? -7.623  3.955   5.513   1.00 10.18 ? 30  ALA A N   1 
ATOM   286 C CA  . ALA A 1 33 ? -7.395  3.908   6.961   1.00 11.07 ? 30  ALA A CA  1 
ATOM   287 C C   . ALA A 1 33 ? -8.688  4.196   7.729   1.00 10.99 ? 30  ALA A C   1 
ATOM   288 O O   . ALA A 1 33 ? -8.973  3.562   8.758   1.00 11.66 ? 30  ALA A O   1 
ATOM   289 C CB  . ALA A 1 33 ? -6.268  4.836   7.353   1.00 11.42 ? 30  ALA A CB  1 
ATOM   290 N N   . LEU A 1 34 ? -9.477  5.150   7.235   1.00 10.98 ? 31  LEU A N   1 
ATOM   291 C CA  . LEU A 1 34 ? -10.724 5.510   7.903   1.00 11.66 ? 31  LEU A CA  1 
ATOM   292 C C   . LEU A 1 34 ? -11.706 4.360   7.877   1.00 12.17 ? 31  LEU A C   1 
ATOM   293 O O   . LEU A 1 34 ? -12.472 4.188   8.829   1.00 14.96 ? 31  LEU A O   1 
ATOM   294 C CB  . LEU A 1 34 ? -11.325 6.738   7.256   1.00 13.57 ? 31  LEU A CB  1 
ATOM   295 C CG  . LEU A 1 34 ? -10.724 8.088   7.620   1.00 16.10 ? 31  LEU A CG  1 
ATOM   296 C CD1 . LEU A 1 34 ? -11.184 9.129   6.608   1.00 20.17 ? 31  LEU A CD1 1 
ATOM   297 C CD2 . LEU A 1 34 ? -11.118 8.481   9.041   1.00 17.60 ? 31  LEU A CD2 1 
ATOM   298 N N   . LYS A 1 35 ? -11.708 3.557   6.815   1.00 12.17 ? 32  LYS A N   1 
ATOM   299 C CA  A LYS A 1 35 ? -12.593 2.372   6.736   0.60 14.11 ? 32  LYS A CA  1 
ATOM   300 C CA  B LYS A 1 35 ? -12.601 2.396   6.752   0.40 14.00 ? 32  LYS A CA  1 
ATOM   301 C C   . LYS A 1 35 ? -12.183 1.283   7.710   1.00 11.93 ? 32  LYS A C   1 
ATOM   302 O O   . LYS A 1 35 ? -13.003 0.640   8.356   1.00 13.58 ? 32  LYS A O   1 
ATOM   303 C CB  A LYS A 1 35 ? -12.529 1.704   5.342   0.60 15.53 ? 32  LYS A CB  1 
ATOM   304 C CB  B LYS A 1 35 ? -12.642 1.835   5.322   0.40 15.53 ? 32  LYS A CB  1 
ATOM   305 C CG  A LYS A 1 35 ? -13.162 2.446   4.196   0.60 17.16 ? 32  LYS A CG  1 
ATOM   306 C CG  B LYS A 1 35 ? -13.280 2.789   4.336   0.40 17.12 ? 32  LYS A CG  1 
ATOM   307 C CD  A LYS A 1 35 ? -12.707 1.826   2.897   0.60 14.64 ? 32  LYS A CD  1 
ATOM   308 C CD  B LYS A 1 35 ? -13.573 2.119   3.008   0.40 15.64 ? 32  LYS A CD  1 
ATOM   309 C CE  A LYS A 1 35 ? -13.457 2.361   1.720   0.60 15.57 ? 32  LYS A CE  1 
ATOM   310 C CE  B LYS A 1 35 ? -12.316 1.648   2.301   0.40 15.46 ? 32  LYS A CE  1 
ATOM   311 N NZ  A LYS A 1 35 ? -12.952 1.690   0.498   0.60 17.93 ? 32  LYS A NZ  1 
ATOM   312 N NZ  B LYS A 1 35 ? -12.604 1.405   0.865   0.40 17.45 ? 32  LYS A NZ  1 
ATOM   313 N N   . TYR A 1 36 ? -10.873 1.023   7.750   1.00 11.09 ? 33  TYR A N   1 
ATOM   314 C CA  . TYR A 1 36 ? -10.392 -0.221  8.314   1.00 11.30 ? 33  TYR A CA  1 
ATOM   315 C C   . TYR A 1 36 ? -9.774  -0.138  9.708   1.00 10.55 ? 33  TYR A C   1 
ATOM   316 O O   . TYR A 1 36 ? -9.457  -1.177  10.285  1.00 11.69 ? 33  TYR A O   1 
ATOM   317 C CB  . TYR A 1 36 ? -9.467  -0.990  7.360   1.00 11.89 ? 33  TYR A CB  1 
ATOM   318 C CG  . TYR A 1 36 ? -10.181 -1.378  6.085   1.00 11.58 ? 33  TYR A CG  1 
ATOM   319 C CD1 . TYR A 1 36 ? -11.315 -2.186  6.126   1.00 13.36 ? 33  TYR A CD1 1 
ATOM   320 C CD2 . TYR A 1 36 ? -9.726  -0.938  4.873   1.00 14.01 ? 33  TYR A CD2 1 
ATOM   321 C CE1 . TYR A 1 36 ? -11.990 -2.532  4.953   1.00 14.24 ? 33  TYR A CE1 1 
ATOM   322 C CE2 . TYR A 1 36 ? -10.370 -1.285  3.698   1.00 15.73 ? 33  TYR A CE2 1 
ATOM   323 C CZ  . TYR A 1 36 ? -11.511 -2.066  3.750   1.00 15.27 ? 33  TYR A CZ  1 
ATOM   324 O OH  . TYR A 1 36 ? -12.162 -2.446  2.596   1.00 20.71 ? 33  TYR A OH  1 
ATOM   325 N N   . HIS A 1 37 ? -9.585  1.077   10.227  1.00 10.55 ? 34  HIS A N   1 
ATOM   326 C CA  . HIS A 1 37 ? -8.977  1.208   11.554  1.00 10.77 ? 34  HIS A CA  1 
ATOM   327 C C   . HIS A 1 37 ? -9.747  0.336   12.530  1.00 12.65 ? 34  HIS A C   1 
ATOM   328 O O   . HIS A 1 37 ? -10.981 0.380   12.534  1.00 12.46 ? 34  HIS A O   1 
ATOM   329 C CB  . HIS A 1 37 ? -8.989  2.666   11.978  1.00 11.26 ? 34  HIS A CB  1 
ATOM   330 C CG  . HIS A 1 37 ? -8.232  2.901   13.240  1.00 11.65 ? 34  HIS A CG  1 
ATOM   331 N ND1 . HIS A 1 37 ? -8.730  2.609   14.491  1.00 12.99 ? 34  HIS A ND1 1 
ATOM   332 C CD2 . HIS A 1 37 ? -6.956  3.297   13.405  1.00 12.29 ? 34  HIS A CD2 1 
ATOM   333 C CE1 . HIS A 1 37 ? -7.788  2.862   15.376  1.00 13.00 ? 34  HIS A CE1 1 
ATOM   334 N NE2 . HIS A 1 37 ? -6.710  3.292   14.739  1.00 13.52 ? 34  HIS A NE2 1 
ATOM   335 N N   . PRO A 1 38 ? -9.047  -0.408  13.408  1.00 12.61 ? 35  PRO A N   1 
ATOM   336 C CA  . PRO A 1 38 ? -9.763  -1.355  14.261  1.00 13.49 ? 35  PRO A CA  1 
ATOM   337 C C   . PRO A 1 38 ? -10.821 -0.792  15.190  1.00 13.43 ? 35  PRO A C   1 
ATOM   338 O O   . PRO A 1 38 ? -11.701 -1.543  15.596  1.00 18.34 ? 35  PRO A O   1 
ATOM   339 C CB  . PRO A 1 38 ? -8.662  -2.008  15.103  1.00 17.25 ? 35  PRO A CB  1 
ATOM   340 C CG  . PRO A 1 38 ? -7.400  -1.600  14.538  1.00 16.92 ? 35  PRO A CG  1 
ATOM   341 C CD  . PRO A 1 38 ? -7.599  -0.583  13.477  1.00 12.66 ? 35  PRO A CD  1 
ATOM   342 N N   . ASP A 1 39 ? -10.713 0.487   15.523  1.00 13.39 ? 36  ASP A N   1 
ATOM   343 C CA  . ASP A 1 39 ? -11.696 1.136   16.381  1.00 15.80 ? 36  ASP A CA  1 
ATOM   344 C C   . ASP A 1 39 ? -12.951 1.575   15.636  1.00 16.36 ? 36  ASP A C   1 
ATOM   345 O O   . ASP A 1 39 ? -13.909 1.993   16.276  1.00 22.08 ? 36  ASP A O   1 
ATOM   346 C CB  . ASP A 1 39 ? -11.080 2.323   17.134  1.00 18.54 ? 36  ASP A CB  1 
ATOM   347 C CG  . ASP A 1 39 ? -10.042 1.894   18.160  1.00 19.24 ? 36  ASP A CG  1 
ATOM   348 O OD1 . ASP A 1 39 ? -10.111 0.724   18.619  1.00 24.92 ? 36  ASP A OD1 1 
ATOM   349 O OD2 . ASP A 1 39 ? -9.172  2.737   18.483  1.00 22.98 ? 36  ASP A OD2 1 
ATOM   350 N N   . LYS A 1 40 ? -12.982 1.453   14.300  1.00 15.06 ? 37  LYS A N   1 
ATOM   351 C CA  A LYS A 1 40 ? -14.129 1.862   13.500  0.70 15.31 ? 37  LYS A CA  1 
ATOM   352 C CA  B LYS A 1 40 ? -14.132 1.873   13.508  0.30 15.42 ? 37  LYS A CA  1 
ATOM   353 C C   . LYS A 1 40 ? -15.110 0.721   13.347  1.00 15.83 ? 37  LYS A C   1 
ATOM   354 O O   . LYS A 1 40 ? -14.736 -0.468  13.466  1.00 16.88 ? 37  LYS A O   1 
ATOM   355 C CB  A LYS A 1 40 ? -13.669 2.300   12.109  0.70 16.86 ? 37  LYS A CB  1 
ATOM   356 C CB  B LYS A 1 40 ? -13.676 2.366   12.133  0.30 16.94 ? 37  LYS A CB  1 
ATOM   357 C CG  A LYS A 1 40 ? -12.928 3.617   12.101  0.70 19.02 ? 37  LYS A CG  1 
ATOM   358 C CG  B LYS A 1 40 ? -12.723 3.545   12.206  0.30 18.73 ? 37  LYS A CG  1 
ATOM   359 C CD  A LYS A 1 40 ? -13.780 4.761   12.631  0.70 24.70 ? 37  LYS A CD  1 
ATOM   360 C CD  B LYS A 1 40 ? -13.361 4.763   12.847  0.30 22.27 ? 37  LYS A CD  1 
ATOM   361 C CE  A LYS A 1 40 ? -13.055 6.082   12.570  0.70 27.65 ? 37  LYS A CE  1 
ATOM   362 C CE  B LYS A 1 40 ? -13.928 5.698   11.799  0.30 23.82 ? 37  LYS A CE  1 
ATOM   363 N NZ  A LYS A 1 40 ? -12.909 6.498   11.150  0.70 28.74 ? 37  LYS A NZ  1 
ATOM   364 N NZ  B LYS A 1 40 ? -12.847 6.522   11.196  0.30 26.95 ? 37  LYS A NZ  1 
ATOM   365 N N   . PRO A 1 41 ? -16.400 1.067   13.074  1.00 18.25 ? 38  PRO A N   1 
ATOM   366 C CA  A PRO A 1 41 ? -17.374 0.010   12.908  0.70 20.61 ? 38  PRO A CA  1 
ATOM   367 C CA  B PRO A 1 41 ? -17.392 0.014   12.905  0.30 19.81 ? 38  PRO A CA  1 
ATOM   368 C C   . PRO A 1 41 ? -17.040 -0.967  11.784  1.00 18.44 ? 38  PRO A C   1 
ATOM   369 O O   . PRO A 1 41 ? -17.334 -2.161  11.905  1.00 21.15 ? 38  PRO A O   1 
ATOM   370 C CB  A PRO A 1 41 ? -18.670 0.770   12.617  0.70 22.44 ? 38  PRO A CB  1 
ATOM   371 C CB  B PRO A 1 41 ? -18.687 0.779   12.600  0.30 20.71 ? 38  PRO A CB  1 
ATOM   372 C CG  A PRO A 1 41 ? -18.496 2.090   13.294  0.70 21.28 ? 38  PRO A CG  1 
ATOM   373 C CG  B PRO A 1 41 ? -18.269 2.128   12.137  0.30 19.03 ? 38  PRO A CG  1 
ATOM   374 C CD  A PRO A 1 41 ? -17.032 2.400   13.103  0.70 19.90 ? 38  PRO A CD  1 
ATOM   375 C CD  B PRO A 1 41 ? -16.933 2.409   12.772  0.30 19.57 ? 38  PRO A CD  1 
ATOM   376 N N   . THR A 1 42 ? -16.394 -0.463  10.726  1.00 16.83 ? 39  THR A N   1 
ATOM   377 C CA  . THR A 1 42 ? -15.973 -1.281  9.584   1.00 16.90 ? 39  THR A CA  1 
ATOM   378 C C   . THR A 1 42 ? -14.533 -1.774  9.755   1.00 15.57 ? 39  THR A C   1 
ATOM   379 O O   . THR A 1 42 ? -13.918 -2.287  8.807   1.00 15.88 ? 39  THR A O   1 
ATOM   380 C CB  . THR A 1 42 ? -16.147 -0.479  8.280   1.00 18.06 ? 39  THR A CB  1 
ATOM   381 O OG1 . THR A 1 42 ? -15.581 0.818   8.429   1.00 19.63 ? 39  THR A OG1 1 
ATOM   382 C CG2 . THR A 1 42 ? -17.630 -0.316  7.937   1.00 20.51 ? 39  THR A CG2 1 
ATOM   383 N N   . GLY A 1 43 ? -13.987 -1.674  10.970  1.00 14.50 ? 40  GLY A N   1 
ATOM   384 C CA  . GLY A 1 43 ? -12.605 -2.028  11.197  1.00 13.71 ? 40  GLY A CA  1 
ATOM   385 C C   . GLY A 1 43 ? -12.284 -3.451  10.764  1.00 13.59 ? 40  GLY A C   1 
ATOM   386 O O   . GLY A 1 43 ? -13.090 -4.379  10.903  1.00 16.61 ? 40  GLY A O   1 
ATOM   387 N N   . ASP A 1 44 ? -11.058 -3.624  10.283  1.00 12.52 ? 41  ASP A N   1 
ATOM   388 C CA  . ASP A 1 44 ? -10.562 -4.910  9.833   1.00 12.63 ? 41  ASP A CA  1 
ATOM   389 C C   . ASP A 1 44 ? -9.056  -4.862  9.974   1.00 12.60 ? 41  ASP A C   1 
ATOM   390 O O   . ASP A 1 44 ? -8.358  -4.256  9.178   1.00 13.15 ? 41  ASP A O   1 
ATOM   391 C CB  . ASP A 1 44 ? -11.001 -5.122  8.370   1.00 14.35 ? 41  ASP A CB  1 
ATOM   392 C CG  . ASP A 1 44 ? -10.586 -6.427  7.755   1.00 17.32 ? 41  ASP A CG  1 
ATOM   393 O OD1 . ASP A 1 44 ? -9.553  -7.012  8.111   1.00 15.20 ? 41  ASP A OD1 1 
ATOM   394 O OD2 . ASP A 1 44 ? -11.327 -6.830  6.793   1.00 19.58 ? 41  ASP A OD2 1 
ATOM   395 N N   . THR A 1 45 ? -8.552  -5.476  11.045  1.00 12.97 ? 42  THR A N   1 
ATOM   396 C CA  . THR A 1 45 ? -7.156  -5.351  11.414  1.00 12.77 ? 42  THR A CA  1 
ATOM   397 C C   . THR A 1 45 ? -6.258  -5.864  10.283  1.00 11.84 ? 42  THR A C   1 
ATOM   398 O O   . THR A 1 45 ? -5.232  -5.262  9.973   1.00 12.03 ? 42  THR A O   1 
ATOM   399 C CB  . THR A 1 45 ? -6.877  -6.126  12.732  1.00 14.38 ? 42  THR A CB  1 
ATOM   400 O OG1 . THR A 1 45 ? -7.525  -5.410  13.767  1.00 16.77 ? 42  THR A OG1 1 
ATOM   401 C CG2 . THR A 1 45 ? -5.382  -6.220  13.020  1.00 13.81 ? 42  THR A CG2 1 
ATOM   402 N N   . GLU A 1 46 ? -6.595  -7.016  9.713   1.00 12.39 ? 43  GLU A N   1 
ATOM   403 C CA  . GLU A 1 46 ? -5.724  -7.600  8.677   1.00 13.37 ? 43  GLU A CA  1 
ATOM   404 C C   . GLU A 1 46 ? -5.690  -6.694  7.455   1.00 12.09 ? 43  GLU A C   1 
ATOM   405 O O   . GLU A 1 46 ? -4.627  -6.482  6.886   1.00 12.91 ? 43  GLU A O   1 
ATOM   406 C CB  . GLU A 1 46 ? -6.101  -9.050  8.396   1.00 16.43 ? 43  GLU A CB  1 
ATOM   407 C CG  . GLU A 1 46 ? -5.780  -9.953  9.591   1.00 19.24 ? 43  GLU A CG  1 
ATOM   408 C CD  . GLU A 1 46 ? -4.315  -9.890  10.024  1.00 22.69 ? 43  GLU A CD  1 
ATOM   409 O OE1 . GLU A 1 46 ? -3.409  -10.044 9.159   1.00 24.46 ? 43  GLU A OE1 1 
ATOM   410 O OE2 . GLU A 1 46 ? -4.050  -9.681  11.221  1.00 26.16 ? 43  GLU A OE2 1 
ATOM   411 N N   . LYS A 1 47 ? -6.824  -6.154  7.060   1.00 12.17 ? 44  LYS A N   1 
ATOM   412 C CA  A LYS A 1 47 ? -6.843  -5.237  5.934   0.50 12.95 ? 44  LYS A CA  1 
ATOM   413 C CA  B LYS A 1 47 ? -6.842  -5.234  5.932   0.50 12.96 ? 44  LYS A CA  1 
ATOM   414 C C   . LYS A 1 47 ? -6.142  -3.917  6.256   1.00 11.32 ? 44  LYS A C   1 
ATOM   415 O O   . LYS A 1 47 ? -5.471  -3.336  5.407   1.00 11.34 ? 44  LYS A O   1 
ATOM   416 C CB  A LYS A 1 47 ? -8.253  -4.993  5.435   0.50 16.96 ? 44  LYS A CB  1 
ATOM   417 C CB  B LYS A 1 47 ? -8.253  -4.981  5.434   0.50 17.12 ? 44  LYS A CB  1 
ATOM   418 C CG  A LYS A 1 47 ? -8.205  -4.485  4.016   0.50 19.84 ? 44  LYS A CG  1 
ATOM   419 C CG  B LYS A 1 47 ? -8.228  -4.642  3.961   0.50 20.33 ? 44  LYS A CG  1 
ATOM   420 C CD  A LYS A 1 47 ? -9.406  -4.865  3.192   0.50 20.06 ? 44  LYS A CD  1 
ATOM   421 C CD  B LYS A 1 47 ? -9.576  -4.805  3.310   0.50 21.57 ? 44  LYS A CD  1 
ATOM   422 C CE  A LYS A 1 47 ? -9.255  -4.222  1.839   0.50 17.13 ? 44  LYS A CE  1 
ATOM   423 C CE  B LYS A 1 47 ? -9.509  -4.344  1.875   0.50 22.16 ? 44  LYS A CE  1 
ATOM   424 N NZ  A LYS A 1 47 ? -10.532 -4.183  1.049   0.50 11.59 ? 44  LYS A NZ  1 
ATOM   425 N NZ  B LYS A 1 47 ? -9.137  -5.451  0.954   0.50 18.86 ? 44  LYS A NZ  1 
ATOM   426 N N   . PHE A 1 48 ? -6.249  -3.471  7.507   1.00 10.73 ? 45  PHE A N   1 
ATOM   427 C CA  . PHE A 1 48 ? -5.566  -2.243  7.915   1.00 10.51 ? 45  PHE A CA  1 
ATOM   428 C C   . PHE A 1 48 ? -4.038  -2.424  7.799   1.00 9.86  ? 45  PHE A C   1 
ATOM   429 O O   . PHE A 1 48 ? -3.330  -1.523  7.377   1.00 9.80  ? 45  PHE A O   1 
ATOM   430 C CB  . PHE A 1 48 ? -5.953  -1.868  9.345   1.00 10.15 ? 45  PHE A CB  1 
ATOM   431 C CG  . PHE A 1 48 ? -5.483  -0.504  9.784   1.00 9.79  ? 45  PHE A CG  1 
ATOM   432 C CD1 . PHE A 1 48 ? -6.243  0.630   9.492   1.00 10.96 ? 45  PHE A CD1 1 
ATOM   433 C CD2 . PHE A 1 48 ? -4.248  -0.329  10.384  1.00 10.53 ? 45  PHE A CD2 1 
ATOM   434 C CE1 . PHE A 1 48 ? -5.860  1.877   9.874   1.00 10.57 ? 45  PHE A CE1 1 
ATOM   435 C CE2 . PHE A 1 48 ? -3.853  0.934   10.742  1.00 9.85  ? 45  PHE A CE2 1 
ATOM   436 C CZ  . PHE A 1 48 ? -4.648  2.048   10.510  1.00 10.18 ? 45  PHE A CZ  1 
ATOM   437 N N   . LYS A 1 49 ? -3.544  -3.594  8.199   1.00 9.44  ? 46  LYS A N   1 
ATOM   438 C CA  . LYS A 1 49 ? -2.122  -3.882  8.013   1.00 10.15 ? 46  LYS A CA  1 
ATOM   439 C C   . LYS A 1 49 ? -1.760  -3.819  6.518   1.00 9.32  ? 46  LYS A C   1 
ATOM   440 O O   . LYS A 1 49 ? -0.738  -3.218  6.128   1.00 10.54 ? 46  LYS A O   1 
ATOM   441 C CB  . LYS A 1 49 ? -1.778  -5.256  8.565   1.00 10.85 ? 46  LYS A CB  1 
ATOM   442 C CG  . LYS A 1 49 ? -1.843  -5.341  10.101  1.00 11.90 ? 46  LYS A CG  1 
ATOM   443 C CD  . LYS A 1 49 ? -1.606  -6.776  10.556  1.00 16.25 ? 46  LYS A CD  1 
ATOM   444 C CE  . LYS A 1 49 ? -1.739  -6.977  12.040  1.00 17.52 ? 46  LYS A CE  1 
ATOM   445 N NZ  . LYS A 1 49 ? -1.687  -8.446  12.253  1.00 22.41 ? 46  LYS A NZ  1 
ATOM   446 N N   . GLU A 1 50 ? -2.617  -4.417  5.680   1.00 9.67  ? 47  GLU A N   1 
ATOM   447 C CA  . GLU A 1 50 ? -2.338  -4.429  4.239   1.00 9.75  ? 47  GLU A CA  1 
ATOM   448 C C   . GLU A 1 50 ? -2.268  -3.029  3.665   1.00 9.49  ? 47  GLU A C   1 
ATOM   449 O O   . GLU A 1 50 ? -1.384  -2.716  2.864   1.00 9.45  ? 47  GLU A O   1 
ATOM   450 C CB  . GLU A 1 50 ? -3.391  -5.215  3.469   1.00 10.55 ? 47  GLU A CB  1 
ATOM   451 C CG  . GLU A 1 50 ? -3.361  -6.719  3.674   1.00 11.57 ? 47  GLU A CG  1 
ATOM   452 C CD  . GLU A 1 50 ? -4.361  -7.358  2.744   1.00 13.97 ? 47  GLU A CD  1 
ATOM   453 O OE1 . GLU A 1 50 ? -5.542  -7.412  3.101   1.00 17.22 ? 47  GLU A OE1 1 
ATOM   454 O OE2 . GLU A 1 50 ? -4.000  -7.676  1.607   1.00 15.95 ? 47  GLU A OE2 1 
ATOM   455 N N   . ILE A 1 51 ? -3.199  -2.176  4.053   1.00 9.54  ? 48  ILE A N   1 
ATOM   456 C CA  A ILE A 1 51 ? -3.207  -0.790  3.534   0.70 9.48  ? 48  ILE A CA  1 
ATOM   457 C CA  B ILE A 1 51 ? -3.213  -0.806  3.566   0.30 9.63  ? 48  ILE A CA  1 
ATOM   458 C C   . ILE A 1 51 ? -2.013  0.038   4.056   1.00 9.35  ? 48  ILE A C   1 
ATOM   459 O O   . ILE A 1 51 ? -1.500  0.940   3.378   1.00 10.06 ? 48  ILE A O   1 
ATOM   460 C CB  A ILE A 1 51 ? -4.598  -0.059  3.648   0.70 11.40 ? 48  ILE A CB  1 
ATOM   461 C CB  B ILE A 1 51 ? -4.521  -0.201  4.038   0.30 10.93 ? 48  ILE A CB  1 
ATOM   462 C CG1 A ILE A 1 51 ? -5.034  0.318   5.082   0.70 11.12 ? 48  ILE A CG1 1 
ATOM   463 C CG1 B ILE A 1 51 ? -5.660  -0.728  3.181   0.30 11.39 ? 48  ILE A CG1 1 
ATOM   464 C CG2 A ILE A 1 51 ? -5.696  -0.908  3.005   0.70 10.10 ? 48  ILE A CG2 1 
ATOM   465 C CG2 B ILE A 1 51 ? -4.465  1.298   4.035   0.30 10.66 ? 48  ILE A CG2 1 
ATOM   466 C CD1 A ILE A 1 51 ? -4.551  1.676   5.554   0.70 11.89 ? 48  ILE A CD1 1 
ATOM   467 C CD1 B ILE A 1 51 ? -6.908  -0.816  4.002   0.30 11.53 ? 48  ILE A CD1 1 
ATOM   468 N N   . SER A 1 52 ? -1.619  -0.260  5.303   1.00 9.30  ? 49  SER A N   1 
ATOM   469 C CA  . SER A 1 52 ? -0.495  0.417   5.905   1.00 9.58  ? 49  SER A CA  1 
ATOM   470 C C   . SER A 1 52 ? 0.777   0.059   5.141   1.00 9.29  ? 49  SER A C   1 
ATOM   471 O O   . SER A 1 52 ? 1.582   0.930   4.853   1.00 10.13 ? 49  SER A O   1 
ATOM   472 C CB  . SER A 1 52 ? -0.372  0.032   7.387   1.00 9.60  ? 49  SER A CB  1 
ATOM   473 O OG  . SER A 1 52 ? -1.526  0.449   8.130   1.00 11.58 ? 49  SER A OG  1 
ATOM   474 N N   . GLU A 1 53 ? 0.937   -1.236  4.811   1.00 9.14  ? 50  GLU A N   1 
ATOM   475 C CA  . GLU A 1 53 ? 2.066   -1.643  3.989   1.00 9.04  ? 50  GLU A CA  1 
ATOM   476 C C   . GLU A 1 53 ? 1.997   -1.037  2.608   1.00 8.90  ? 50  GLU A C   1 
ATOM   477 O O   . GLU A 1 53 ? 2.998   -0.583  2.059   1.00 9.61  ? 50  GLU A O   1 
ATOM   478 C CB  . GLU A 1 53 ? 2.110   -3.170  3.893   1.00 9.36  ? 50  GLU A CB  1 
ATOM   479 C CG  . GLU A 1 53 ? 3.226   -3.661  3.007   1.00 10.73 ? 50  GLU A CG  1 
ATOM   480 C CD  . GLU A 1 53 ? 3.277   -5.156  2.867   1.00 10.48 ? 50  GLU A CD  1 
ATOM   481 O OE1 . GLU A 1 53 ? 2.207   -5.815  2.915   1.00 10.40 ? 50  GLU A OE1 1 
ATOM   482 O OE2 . GLU A 1 53 ? 4.423   -5.672  2.667   1.00 11.75 ? 50  GLU A OE2 1 
ATOM   483 N N   . ALA A 1 54 ? 0.788   -1.039  2.025   1.00 8.71  ? 51  ALA A N   1 
ATOM   484 C CA  . ALA A 1 54 ? 0.657   -0.506  0.676   1.00 8.36  ? 51  ALA A CA  1 
ATOM   485 C C   . ALA A 1 54 ? 1.128   0.929   0.612   1.00 8.37  ? 51  ALA A C   1 
ATOM   486 O O   . ALA A 1 54 ? 1.858   1.343   -0.301  1.00 8.96  ? 51  ALA A O   1 
ATOM   487 C CB  . ALA A 1 54 ? -0.791  -0.601  0.226   1.00 9.86  ? 51  ALA A CB  1 
ATOM   488 N N   . PHE A 1 55 ? 0.723   1.771   1.582   1.00 9.02  ? 52  PHE A N   1 
ATOM   489 C CA  . PHE A 1 55 ? 1.164   3.154   1.577   1.00 8.94  ? 52  PHE A CA  1 
ATOM   490 C C   . PHE A 1 55 ? 2.678   3.288   1.841   1.00 8.80  ? 52  PHE A C   1 
ATOM   491 O O   . PHE A 1 55 ? 3.355   4.086   1.197   1.00 9.94  ? 52  PHE A O   1 
ATOM   492 C CB  . PHE A 1 55 ? 0.354   3.980   2.571   1.00 9.47  ? 52  PHE A CB  1 
ATOM   493 C CG  . PHE A 1 55 ? 0.693   5.446   2.536   1.00 10.39 ? 52  PHE A CG  1 
ATOM   494 C CD1 . PHE A 1 55 ? 0.358   6.214   1.441   1.00 10.46 ? 52  PHE A CD1 1 
ATOM   495 C CD2 . PHE A 1 55 ? 1.349   6.034   3.578   1.00 12.93 ? 52  PHE A CD2 1 
ATOM   496 C CE1 . PHE A 1 55 ? 0.672   7.558   1.375   1.00 11.05 ? 52  PHE A CE1 1 
ATOM   497 C CE2 . PHE A 1 55 ? 1.659   7.375   3.522   1.00 15.20 ? 52  PHE A CE2 1 
ATOM   498 C CZ  . PHE A 1 55 ? 1.331   8.121   2.410   1.00 13.35 ? 52  PHE A CZ  1 
ATOM   499 N N   . GLU A 1 56 ? 3.194   2.506   2.793   1.00 9.44  ? 53  GLU A N   1 
ATOM   500 C CA  A GLU A 1 56 ? 4.610   2.551   3.116   0.35 10.88 ? 53  GLU A CA  1 
ATOM   501 C CA  B GLU A 1 56 ? 4.628   2.563   3.109   0.35 10.87 ? 53  GLU A CA  1 
ATOM   502 C CA  C GLU A 1 56 ? 4.626   2.566   3.096   0.30 10.80 ? 53  GLU A CA  1 
ATOM   503 C C   . GLU A 1 56 ? 5.487   2.254   1.878   1.00 10.04 ? 53  GLU A C   1 
ATOM   504 O O   . GLU A 1 56 ? 6.491   2.939   1.599   1.00 12.43 ? 53  GLU A O   1 
ATOM   505 C CB  A GLU A 1 56 ? 4.846   1.568   4.271   0.35 12.77 ? 53  GLU A CB  1 
ATOM   506 C CB  B GLU A 1 56 ? 4.928   1.614   4.283   0.35 12.72 ? 53  GLU A CB  1 
ATOM   507 C CB  C GLU A 1 56 ? 4.984   1.614   4.232   0.30 12.45 ? 53  GLU A CB  1 
ATOM   508 C CG  A GLU A 1 56 ? 6.086   1.839   5.088   0.35 16.11 ? 53  GLU A CG  1 
ATOM   509 C CG  B GLU A 1 56 ? 6.406   1.344   4.566   0.35 16.52 ? 53  GLU A CG  1 
ATOM   510 C CG  C GLU A 1 56 ? 6.454   1.717   4.613   0.30 16.01 ? 53  GLU A CG  1 
ATOM   511 C CD  A GLU A 1 56 ? 7.260   1.067   4.560   0.35 18.36 ? 53  GLU A CD  1 
ATOM   512 C CD  B GLU A 1 56 ? 7.239   2.592   4.849   0.35 17.68 ? 53  GLU A CD  1 
ATOM   513 C CD  C GLU A 1 56 ? 6.909   0.607   5.524   0.30 20.57 ? 53  GLU A CD  1 
ATOM   514 O OE1 A GLU A 1 56 ? 7.025   -0.005  3.975   0.35 19.37 ? 53  GLU A OE1 1 
ATOM   515 O OE1 B GLU A 1 56 ? 6.681   3.617   5.303   0.35 19.57 ? 53  GLU A OE1 1 
ATOM   516 O OE1 C GLU A 1 56 ? 6.038   -0.116  6.029   0.30 21.97 ? 53  GLU A OE1 1 
ATOM   517 O OE2 A GLU A 1 56 ? 8.403   1.530   4.743   0.35 24.76 ? 53  GLU A OE2 1 
ATOM   518 O OE2 B GLU A 1 56 ? 8.454   2.524   4.620   0.35 21.04 ? 53  GLU A OE2 1 
ATOM   519 O OE2 C GLU A 1 56 ? 8.139   0.470   5.731   0.30 25.20 ? 53  GLU A OE2 1 
ATOM   520 N N   . ILE A 1 57 ? 5.082   1.241   1.121   1.00 9.25  ? 54  ILE A N   1 
ATOM   521 C CA  . ILE A 1 57 ? 5.823   0.869   -0.085  1.00 9.66  ? 54  ILE A CA  1 
ATOM   522 C C   . ILE A 1 57 ? 5.580   1.884   -1.187  1.00 9.02  ? 54  ILE A C   1 
ATOM   523 O O   . ILE A 1 57 ? 6.527   2.400   -1.782  1.00 10.77 ? 54  ILE A O   1 
ATOM   524 C CB  . ILE A 1 57 ? 5.447   -0.546  -0.546  1.00 9.37  ? 54  ILE A CB  1 
ATOM   525 C CG1 . ILE A 1 57 ? 6.015   -1.558  0.455   1.00 10.30 ? 54  ILE A CG1 1 
ATOM   526 C CG2 . ILE A 1 57 ? 5.917   -0.822  -1.971  1.00 9.35  ? 54  ILE A CG2 1 
ATOM   527 C CD1 . ILE A 1 57 ? 5.591   -2.968  0.169   1.00 10.73 ? 54  ILE A CD1 1 
ATOM   528 N N   . LEU A 1 58 ? 4.312   2.194   -1.482  1.00 9.00  ? 55  LEU A N   1 
ATOM   529 C CA  . LEU A 1 58 ? 4.046   2.997   -2.675  1.00 8.61  ? 55  LEU A CA  1 
ATOM   530 C C   . LEU A 1 58 ? 4.437   4.448   -2.530  1.00 9.27  ? 55  LEU A C   1 
ATOM   531 O O   . LEU A 1 58 ? 4.807   5.075   -3.517  1.00 10.38 ? 55  LEU A O   1 
ATOM   532 C CB  . LEU A 1 58 ? 2.565   2.909   -3.057  1.00 9.07  ? 55  LEU A CB  1 
ATOM   533 C CG  . LEU A 1 58 ? 2.106   1.523   -3.517  1.00 8.88  ? 55  LEU A CG  1 
ATOM   534 C CD1 . LEU A 1 58 ? 0.615   1.594   -3.783  1.00 8.53  ? 55  LEU A CD1 1 
ATOM   535 C CD2 . LEU A 1 58 ? 2.883   1.016   -4.712  1.00 9.49  ? 55  LEU A CD2 1 
ATOM   536 N N   . ASN A 1 59 ? 4.403   4.980   -1.298  1.00 9.52  ? 56  ASN A N   1 
ATOM   537 C CA  . ASN A 1 59 ? 4.805   6.359   -1.064  1.00 11.25 ? 56  ASN A CA  1 
ATOM   538 C C   . ASN A 1 59 ? 6.309   6.563   -0.989  1.00 11.75 ? 56  ASN A C   1 
ATOM   539 O O   . ASN A 1 59 ? 6.763   7.685   -0.862  1.00 14.82 ? 56  ASN A O   1 
ATOM   540 C CB  . ASN A 1 59 ? 4.144   6.901   0.190   1.00 13.60 ? 56  ASN A CB  1 
ATOM   541 C CG  . ASN A 1 59 ? 4.156   8.415   0.237   1.00 16.04 ? 56  ASN A CG  1 
ATOM   542 O OD1 . ASN A 1 59 ? 3.864   9.078   -0.741  1.00 18.51 ? 56  ASN A OD1 1 
ATOM   543 N ND2 . ASN A 1 59 ? 4.529   8.955   1.360   1.00 21.58 ? 56  ASN A ND2 1 
ATOM   544 N N   . ASP A 1 60 ? 7.080   5.476   -1.066  1.00 11.07 ? 57  ASP A N   1 
ATOM   545 C CA  . ASP A 1 60 ? 8.549   5.546   -1.114  1.00 12.01 ? 57  ASP A CA  1 
ATOM   546 C C   . ASP A 1 60 ? 8.922   5.335   -2.567  1.00 10.81 ? 57  ASP A C   1 
ATOM   547 O O   . ASP A 1 60 ? 8.720   4.238   -3.090  1.00 11.61 ? 57  ASP A O   1 
ATOM   548 C CB  . ASP A 1 60 ? 9.141   4.458   -0.209  1.00 12.97 ? 57  ASP A CB  1 
ATOM   549 C CG  . ASP A 1 60 ? 10.645  4.438   -0.169  1.00 16.39 ? 57  ASP A CG  1 
ATOM   550 O OD1 . ASP A 1 60 ? 11.278  4.472   -1.216  1.00 18.82 ? 57  ASP A OD1 1 
ATOM   551 O OD2 . ASP A 1 60 ? 11.182  4.283   0.938   1.00 24.33 ? 57  ASP A OD2 1 
ATOM   552 N N   . PRO A 1 61 ? 9.456   6.355   -3.243  1.00 12.41 ? 58  PRO A N   1 
ATOM   553 C CA  . PRO A 1 61 ? 9.652   6.174   -4.691  1.00 13.11 ? 58  PRO A CA  1 
ATOM   554 C C   . PRO A 1 61 ? 10.543  4.982   -5.037  1.00 12.34 ? 58  PRO A C   1 
ATOM   555 O O   . PRO A 1 61 ? 10.337  4.347   -6.041  1.00 12.79 ? 58  PRO A O   1 
ATOM   556 C CB  . PRO A 1 61 ? 10.278  7.494   -5.116  1.00 16.71 ? 58  PRO A CB  1 
ATOM   557 C CG  . PRO A 1 61 ? 9.642   8.469   -4.191  1.00 18.44 ? 58  PRO A CG  1 
ATOM   558 C CD  . PRO A 1 61 ? 9.649   7.760   -2.858  1.00 15.95 ? 58  PRO A CD  1 
ATOM   559 N N   . GLN A 1 62 ? 11.528  4.679   -4.195  1.00 12.10 ? 59  GLN A N   1 
ATOM   560 C CA  A GLN A 1 62 ? 12.435  3.556   -4.464  0.70 13.20 ? 59  GLN A CA  1 
ATOM   561 C CA  B GLN A 1 62 ? 12.433  3.569   -4.490  0.30 12.90 ? 59  GLN A CA  1 
ATOM   562 C C   . GLN A 1 62 ? 11.754  2.215   -4.292  1.00 11.83 ? 59  GLN A C   1 
ATOM   563 O O   . GLN A 1 62 ? 11.839  1.341   -5.162  1.00 11.36 ? 59  GLN A O   1 
ATOM   564 C CB  A GLN A 1 62 ? 13.660  3.658   -3.553  0.70 15.66 ? 59  GLN A CB  1 
ATOM   565 C CB  B GLN A 1 62 ? 13.716  3.686   -3.664  0.30 15.38 ? 59  GLN A CB  1 
ATOM   566 C CG  A GLN A 1 62 ? 14.596  4.821   -3.928  0.70 20.01 ? 59  GLN A CG  1 
ATOM   567 C CG  B GLN A 1 62 ? 14.754  4.638   -4.266  0.30 18.52 ? 59  GLN A CG  1 
ATOM   568 C CD  A GLN A 1 62 ? 15.717  5.091   -2.930  0.70 23.13 ? 59  GLN A CD  1 
ATOM   569 C CD  B GLN A 1 62 ? 14.279  6.083   -4.345  0.30 19.77 ? 59  GLN A CD  1 
ATOM   570 O OE1 A GLN A 1 62 ? 15.521  5.038   -1.722  0.70 29.40 ? 59  GLN A OE1 1 
ATOM   571 O OE1 B GLN A 1 62 ? 13.955  6.697   -3.330  0.30 23.77 ? 59  GLN A OE1 1 
ATOM   572 N NE2 A GLN A 1 62 ? 16.912  5.362   -3.447  0.70 30.82 ? 59  GLN A NE2 1 
ATOM   573 N NE2 B GLN A 1 62 ? 14.246  6.635   -5.556  0.30 21.38 ? 59  GLN A NE2 1 
ATOM   574 N N   . LYS A 1 63 ? 11.041  2.034   -3.182  1.00 10.70 ? 60  LYS A N   1 
ATOM   575 C CA  A LYS A 1 63 ? 10.304  0.813   -2.948  0.70 10.59 ? 60  LYS A CA  1 
ATOM   576 C CA  B LYS A 1 63 ? 10.307  0.813   -2.946  0.30 10.69 ? 60  LYS A CA  1 
ATOM   577 C C   . LYS A 1 63 ? 9.196   0.644   -3.980  1.00 9.27  ? 60  LYS A C   1 
ATOM   578 O O   . LYS A 1 63 ? 8.926   -0.453  -4.414  1.00 9.10  ? 60  LYS A O   1 
ATOM   579 C CB  A LYS A 1 63 ? 9.781   0.735   -1.524  0.70 12.08 ? 60  LYS A CB  1 
ATOM   580 C CB  B LYS A 1 63 ? 9.769   0.778   -1.521  0.30 12.08 ? 60  LYS A CB  1 
ATOM   581 C CG  A LYS A 1 63 ? 10.920  0.490   -0.529  0.70 14.59 ? 60  LYS A CG  1 
ATOM   582 C CG  B LYS A 1 63 ? 10.881  0.586   -0.497  0.30 14.45 ? 60  LYS A CG  1 
ATOM   583 C CD  A LYS A 1 63 ? 10.444  -0.061  0.803   0.70 20.79 ? 60  LYS A CD  1 
ATOM   584 C CD  B LYS A 1 63 ? 10.344  0.111   0.840   0.30 19.92 ? 60  LYS A CD  1 
ATOM   585 C CE  A LYS A 1 63 ? 9.725   1.014   1.590   0.70 20.09 ? 60  LYS A CE  1 
ATOM   586 C CE  B LYS A 1 63 ? 10.506  1.170   1.916   0.30 20.04 ? 60  LYS A CE  1 
ATOM   587 N NZ  A LYS A 1 63 ? 10.099  1.170   3.039   0.70 22.47 ? 60  LYS A NZ  1 
ATOM   588 N NZ  B LYS A 1 63 ? 9.719   0.845   3.147   0.30 19.74 ? 60  LYS A NZ  1 
ATOM   589 N N   . ARG A 1 64 ? 8.587   1.756   -4.417  1.00 9.14  ? 61  ARG A N   1 
ATOM   590 C CA  . ARG A 1 64 ? 7.530   1.656   -5.415  1.00 8.82  ? 61  ARG A CA  1 
ATOM   591 C C   . ARG A 1 64 ? 8.103   1.129   -6.738  1.00 8.82  ? 61  ARG A C   1 
ATOM   592 O O   . ARG A 1 64 ? 7.487   0.289   -7.389  1.00 9.57  ? 61  ARG A O   1 
ATOM   593 C CB  . ARG A 1 64 ? 6.883   3.013   -5.632  1.00 9.01  ? 61  ARG A CB  1 
ATOM   594 C CG  . ARG A 1 64 ? 5.760   2.986   -6.651  1.00 9.16  ? 61  ARG A CG  1 
ATOM   595 C CD  . ARG A 1 64 ? 5.147   4.362   -6.805  1.00 9.52  ? 61  ARG A CD  1 
ATOM   596 N NE  . ARG A 1 64 ? 4.004   4.333   -7.718  1.00 9.22  ? 61  ARG A NE  1 
ATOM   597 C CZ  . ARG A 1 64 ? 3.266   5.391   -8.009  1.00 8.94  ? 61  ARG A CZ  1 
ATOM   598 N NH1 . ARG A 1 64 ? 3.530   6.563   -7.476  1.00 10.15 ? 61  ARG A NH1 1 
ATOM   599 N NH2 . ARG A 1 64 ? 2.236   5.264   -8.824  1.00 9.77  ? 61  ARG A NH2 1 
ATOM   600 N N   . GLU A 1 65 ? 9.280   1.596   -7.144  1.00 10.01 ? 62  GLU A N   1 
ATOM   601 C CA  A GLU A 1 65 ? 9.891   1.089   -8.391  0.70 9.46  ? 62  GLU A CA  1 
ATOM   602 C CA  B GLU A 1 65 ? 9.930   1.093   -8.364  0.30 9.97  ? 62  GLU A CA  1 
ATOM   603 C C   . GLU A 1 65 ? 10.178  -0.421  -8.318  1.00 9.35  ? 62  GLU A C   1 
ATOM   604 O O   . GLU A 1 65 ? 9.956   -1.173  -9.265  1.00 11.07 ? 62  GLU A O   1 
ATOM   605 C CB  A GLU A 1 65 ? 11.171  1.880   -8.746  0.70 12.05 ? 62  GLU A CB  1 
ATOM   606 C CB  B GLU A 1 65 ? 11.261  1.817   -8.523  0.30 13.32 ? 62  GLU A CB  1 
ATOM   607 C CG  A GLU A 1 65 ? 10.974  3.332   -9.141  0.70 14.28 ? 62  GLU A CG  1 
ATOM   608 C CG  B GLU A 1 65 ? 11.683  2.030   -9.953  0.30 17.06 ? 62  GLU A CG  1 
ATOM   609 C CD  A GLU A 1 65 ? 12.264  4.121   -9.352  0.70 21.04 ? 62  GLU A CD  1 
ATOM   610 C CD  B GLU A 1 65 ? 12.742  3.113   -10.054 0.30 24.56 ? 62  GLU A CD  1 
ATOM   611 O OE1 A GLU A 1 65 ? 13.377  3.618   -9.057  0.70 27.36 ? 62  GLU A OE1 1 
ATOM   612 O OE1 B GLU A 1 65 ? 13.299  3.499   -8.997  0.30 28.67 ? 62  GLU A OE1 1 
ATOM   613 O OE2 A GLU A 1 65 ? 12.154  5.287   -9.805  0.70 30.20 ? 62  GLU A OE2 1 
ATOM   614 O OE2 B GLU A 1 65 ? 13.038  3.555   -11.180 0.30 31.53 ? 62  GLU A OE2 1 
ATOM   615 N N   . ILE A 1 66 ? 10.688  -0.828  -7.146  1.00 8.49  ? 63  ILE A N   1 
ATOM   616 C CA  . ILE A 1 66 ? 10.967  -2.235  -6.903  1.00 8.97  ? 63  ILE A CA  1 
ATOM   617 C C   . ILE A 1 66 ? 9.667   -3.015  -6.989  1.00 8.90  ? 63  ILE A C   1 
ATOM   618 O O   . ILE A 1 66 ? 9.605   -4.026  -7.661  1.00 9.32  ? 63  ILE A O   1 
ATOM   619 C CB  . ILE A 1 66 ? 11.654  -2.456  -5.544  1.00 9.17  ? 63  ILE A CB  1 
ATOM   620 C CG1 . ILE A 1 66 ? 13.078  -1.866  -5.575  1.00 9.65  ? 63  ILE A CG1 1 
ATOM   621 C CG2 . ILE A 1 66 ? 11.640  -3.940  -5.184  1.00 10.55 ? 63  ILE A CG2 1 
ATOM   622 C CD1 . ILE A 1 66 ? 13.687  -1.602  -4.212  1.00 11.86 ? 63  ILE A CD1 1 
ATOM   623 N N   . TYR A 1 67 ? 8.625   -2.551  -6.332  1.00 8.48  ? 64  TYR A N   1 
ATOM   624 C CA  . TYR A 1 67 ? 7.325   -3.215  -6.384  1.00 8.06  ? 64  TYR A CA  1 
ATOM   625 C C   . TYR A 1 67 ? 6.798   -3.319  -7.816  1.00 8.24  ? 64  TYR A C   1 
ATOM   626 O O   . TYR A 1 67 ? 6.363   -4.400  -8.244  1.00 8.81  ? 64  TYR A O   1 
ATOM   627 C CB  . TYR A 1 67 ? 6.313   -2.455  -5.529  1.00 8.78  ? 64  TYR A CB  1 
ATOM   628 C CG  . TYR A 1 67 ? 4.930   -3.044  -5.644  1.00 8.51  ? 64  TYR A CG  1 
ATOM   629 C CD1 . TYR A 1 67 ? 4.638   -4.288  -5.129  1.00 8.96  ? 64  TYR A CD1 1 
ATOM   630 C CD2 . TYR A 1 67 ? 3.896   -2.335  -6.270  1.00 8.14  ? 64  TYR A CD2 1 
ATOM   631 C CE1 . TYR A 1 67 ? 3.364   -4.839  -5.231  1.00 8.89  ? 64  TYR A CE1 1 
ATOM   632 C CE2 . TYR A 1 67 ? 2.637   -2.873  -6.376  1.00 8.67  ? 64  TYR A CE2 1 
ATOM   633 C CZ  . TYR A 1 67 ? 2.355   -4.107  -5.845  1.00 8.51  ? 64  TYR A CZ  1 
ATOM   634 O OH  . TYR A 1 67 ? 1.086   -4.638  -5.907  1.00 9.86  ? 64  TYR A OH  1 
ATOM   635 N N   . ASP A 1 68 ? 6.844   -2.200  -8.542  1.00 8.54  ? 65  ASP A N   1 
ATOM   636 C CA  . ASP A 1 68 ? 6.299   -2.171  -9.884  1.00 9.05  ? 65  ASP A CA  1 
ATOM   637 C C   . ASP A 1 68 ? 6.995   -3.156  -10.827 1.00 9.28  ? 65  ASP A C   1 
ATOM   638 O O   . ASP A 1 68 ? 6.353   -3.750  -11.692 1.00 10.74 ? 65  ASP A O   1 
ATOM   639 C CB  . ASP A 1 68 ? 6.450   -0.760  -10.476 1.00 9.94  ? 65  ASP A CB  1 
ATOM   640 C CG  . ASP A 1 68 ? 5.449   0.252   -9.926  1.00 9.47  ? 65  ASP A CG  1 
ATOM   641 O OD1 . ASP A 1 68 ? 4.552   -0.138  -9.156  1.00 9.57  ? 65  ASP A OD1 1 
ATOM   642 O OD2 . ASP A 1 68 ? 5.621   1.425   -10.297 1.00 11.74 ? 65  ASP A OD2 1 
ATOM   643 N N   . GLN A 1 69 ? 8.292   -3.362  -10.629 1.00 9.28  ? 66  GLN A N   1 
ATOM   644 C CA  A GLN A 1 69 ? 9.043   -4.233  -11.519 0.60 10.55 ? 66  GLN A CA  1 
ATOM   645 C CA  B GLN A 1 69 ? 9.087   -4.221  -11.506 0.40 10.61 ? 66  GLN A CA  1 
ATOM   646 C C   . GLN A 1 69 ? 9.115   -5.677  -11.068 1.00 9.94  ? 66  GLN A C   1 
ATOM   647 O O   . GLN A 1 69 ? 9.248   -6.597  -11.892 1.00 12.56 ? 66  GLN A O   1 
ATOM   648 C CB  A GLN A 1 69 ? 10.428  -3.649  -11.689 0.60 11.83 ? 66  GLN A CB  1 
ATOM   649 C CB  B GLN A 1 69 ? 10.529  -3.720  -11.539 0.40 12.36 ? 66  GLN A CB  1 
ATOM   650 C CG  A GLN A 1 69 ? 10.418  -2.299  -12.340 0.60 15.33 ? 66  GLN A CG  1 
ATOM   651 C CG  B GLN A 1 69 ? 10.799  -2.520  -12.398 0.40 16.87 ? 66  GLN A CG  1 
ATOM   652 C CD  A GLN A 1 69 ? 11.812  -1.930  -12.771 0.60 18.78 ? 66  GLN A CD  1 
ATOM   653 C CD  B GLN A 1 69 ? 12.127  -2.655  -13.136 0.40 22.70 ? 66  GLN A CD  1 
ATOM   654 O OE1 A GLN A 1 69 ? 12.598  -1.429  -11.996 0.60 26.18 ? 66  GLN A OE1 1 
ATOM   655 O OE1 B GLN A 1 69 ? 13.117  -3.191  -12.611 0.40 18.90 ? 66  GLN A OE1 1 
ATOM   656 N NE2 A GLN A 1 69 ? 12.129  -2.236  -14.007 0.60 24.46 ? 66  GLN A NE2 1 
ATOM   657 N NE2 B GLN A 1 69 ? 12.151  -2.162  -14.370 0.40 30.46 ? 66  GLN A NE2 1 
ATOM   658 N N   . TYR A 1 70 ? 9.015   -5.903  -9.769  1.00 9.55  ? 67  TYR A N   1 
ATOM   659 C CA  . TYR A 1 70 ? 9.279   -7.235  -9.235  1.00 9.91  ? 67  TYR A CA  1 
ATOM   660 C C   . TYR A 1 70 ? 8.219   -7.835  -8.340  1.00 9.94  ? 67  TYR A C   1 
ATOM   661 O O   . TYR A 1 70 ? 8.259   -9.037  -8.088  1.00 11.24 ? 67  TYR A O   1 
ATOM   662 C CB  . TYR A 1 70 ? 10.658  -7.309  -8.467  1.00 10.82 ? 67  TYR A CB  1 
ATOM   663 C CG  . TYR A 1 70 ? 11.796  -6.872  -9.365  1.00 10.61 ? 67  TYR A CG  1 
ATOM   664 C CD1 . TYR A 1 70 ? 12.277  -7.710  -10.348 1.00 10.75 ? 67  TYR A CD1 1 
ATOM   665 C CD2 . TYR A 1 70 ? 12.344  -5.600  -9.278  1.00 10.91 ? 67  TYR A CD2 1 
ATOM   666 C CE1 . TYR A 1 70 ? 13.267  -7.273  -11.205 1.00 11.22 ? 67  TYR A CE1 1 
ATOM   667 C CE2 . TYR A 1 70 ? 13.318  -5.155  -10.129 1.00 12.29 ? 67  TYR A CE2 1 
ATOM   668 C CZ  . TYR A 1 70 ? 13.764  -6.006  -11.119 1.00 11.75 ? 67  TYR A CZ  1 
ATOM   669 O OH  . TYR A 1 70 ? 14.718  -5.573  -12.006 1.00 14.47 ? 67  TYR A OH  1 
ATOM   670 N N   . GLY A 1 71 ? 7.241   -7.020  -7.881  1.00 9.28  ? 68  GLY A N   1 
ATOM   671 C CA  . GLY A 1 71 ? 6.169   -7.531  -7.070  1.00 9.71  ? 68  GLY A CA  1 
ATOM   672 C C   . GLY A 1 71 ? 6.387   -7.441  -5.571  1.00 9.35  ? 68  GLY A C   1 
ATOM   673 O O   . GLY A 1 71 ? 7.442   -7.046  -5.099  1.00 10.07 ? 68  GLY A O   1 
ATOM   674 N N   . LEU A 1 72 ? 5.351   -7.841  -4.845  1.00 9.64  ? 69  LEU A N   1 
ATOM   675 C CA  . LEU A 1 72 ? 5.309   -7.677  -3.404  1.00 9.94  ? 69  LEU A CA  1 
ATOM   676 C C   . LEU A 1 72 ? 6.314   -8.549  -2.652  1.00 10.46 ? 69  LEU A C   1 
ATOM   677 O O   . LEU A 1 72 ? 7.002   -8.076  -1.766  1.00 10.83 ? 69  LEU A O   1 
ATOM   678 C CB  . LEU A 1 72 ? 3.892   -7.941  -2.861  1.00 10.62 ? 69  LEU A CB  1 
ATOM   679 C CG  . LEU A 1 72 ? 3.738   -7.711  -1.364  1.00 11.49 ? 69  LEU A CG  1 
ATOM   680 C CD1 . LEU A 1 72 ? 4.114   -6.306  -0.966  1.00 11.77 ? 69  LEU A CD1 1 
ATOM   681 C CD2 . LEU A 1 72 ? 2.308   -8.023  -0.945  1.00 14.06 ? 69  LEU A CD2 1 
ATOM   682 N N   . GLU A 1 73 ? 6.380   -9.825  -2.993  1.00 11.27 ? 70  GLU A N   1 
ATOM   683 C CA  A GLU A 1 73 ? 7.338   -10.694 -2.286  0.70 12.05 ? 70  GLU A CA  1 
ATOM   684 C CA  B GLU A 1 73 ? 7.322   -10.727 -2.304  0.30 12.19 ? 70  GLU A CA  1 
ATOM   685 C C   . GLU A 1 73 ? 8.761   -10.203 -2.479  1.00 11.82 ? 70  GLU A C   1 
ATOM   686 O O   . GLU A 1 73 ? 9.555   -10.153 -1.527  1.00 13.15 ? 70  GLU A O   1 
ATOM   687 C CB  A GLU A 1 73 ? 7.218   -12.119 -2.781  0.70 14.52 ? 70  GLU A CB  1 
ATOM   688 C CB  B GLU A 1 73 ? 7.166   -12.158 -2.840  0.30 14.19 ? 70  GLU A CB  1 
ATOM   689 C CG  A GLU A 1 73 ? 5.941   -12.767 -2.353  0.70 17.68 ? 70  GLU A CG  1 
ATOM   690 C CG  B GLU A 1 73 ? 7.912   -13.238 -2.061  0.30 15.87 ? 70  GLU A CG  1 
ATOM   691 C CD  A GLU A 1 73 ? 5.775   -12.851 -0.846  0.70 23.55 ? 70  GLU A CD  1 
ATOM   692 C CD  B GLU A 1 73 ? 7.672   -14.622 -2.633  0.30 19.95 ? 70  GLU A CD  1 
ATOM   693 O OE1 A GLU A 1 73 ? 6.787   -13.042 -0.127  0.70 29.44 ? 70  GLU A OE1 1 
ATOM   694 O OE1 B GLU A 1 73 ? 6.930   -14.736 -3.632  0.30 21.95 ? 70  GLU A OE1 1 
ATOM   695 O OE2 A GLU A 1 73 ? 4.622   -12.733 -0.382  0.70 33.09 ? 70  GLU A OE2 1 
ATOM   696 O OE2 B GLU A 1 73 ? 8.227   -15.599 -2.086  0.30 24.25 ? 70  GLU A OE2 1 
ATOM   697 N N   . ALA A 1 74 ? 9.083   -9.791  -3.699  1.00 11.54 ? 71  ALA A N   1 
ATOM   698 C CA  . ALA A 1 74 ? 10.396  -9.208  -3.945  1.00 12.34 ? 71  ALA A CA  1 
ATOM   699 C C   . ALA A 1 74 ? 10.640  -7.945  -3.146  1.00 11.56 ? 71  ALA A C   1 
ATOM   700 O O   . ALA A 1 74 ? 11.738  -7.740  -2.589  1.00 12.54 ? 71  ALA A O   1 
ATOM   701 C CB  . ALA A 1 74 ? 10.591  -8.950  -5.420  1.00 13.05 ? 71  ALA A CB  1 
ATOM   702 N N   . ALA A 1 75 ? 9.633   -7.082  -3.065  1.00 10.69 ? 72  ALA A N   1 
ATOM   703 C CA  . ALA A 1 75 ? 9.780   -5.842  -2.325  1.00 10.53 ? 72  ALA A CA  1 
ATOM   704 C C   . ALA A 1 75 ? 9.956   -6.070  -0.819  1.00 11.00 ? 72  ALA A C   1 
ATOM   705 O O   . ALA A 1 75 ? 10.586  -5.251  -0.141  1.00 14.40 ? 72  ALA A O   1 
ATOM   706 C CB  . ALA A 1 75 ? 8.606   -4.945  -2.562  1.00 11.62 ? 72  ALA A CB  1 
ATOM   707 N N   . ARG A 1 76 ? 9.372   -7.149  -0.298  1.00 10.48 ? 73  ARG A N   1 
ATOM   708 C CA  . ARG A 1 76 ? 9.535   -7.499  1.110   1.00 11.21 ? 73  ARG A CA  1 
ATOM   709 C C   . ARG A 1 76 ? 10.863  -8.184  1.422   1.00 12.13 ? 73  ARG A C   1 
ATOM   710 O O   . ARG A 1 76 ? 11.306  -8.165  2.565   1.00 14.58 ? 73  ARG A O   1 
ATOM   711 C CB  . ARG A 1 76 ? 8.431   -8.427  1.537   1.00 11.45 ? 73  ARG A CB  1 
ATOM   712 C CG  . ARG A 1 76 ? 7.040   -7.840  1.603   1.00 11.54 ? 73  ARG A CG  1 
ATOM   713 C CD  . ARG A 1 76 ? 6.036   -8.947  1.811   1.00 12.66 ? 73  ARG A CD  1 
ATOM   714 N NE  . ARG A 1 76 ? 4.720   -8.394  2.131   1.00 12.27 ? 73  ARG A NE  1 
ATOM   715 C CZ  . ARG A 1 76 ? 3.668   -9.136  2.409   1.00 14.86 ? 73  ARG A CZ  1 
ATOM   716 N NH1 . ARG A 1 76 ? 3.752   -10.457 2.330   1.00 19.31 ? 73  ARG A NH1 1 
ATOM   717 N NH2 . ARG A 1 76 ? 2.526   -8.559  2.738   1.00 14.97 ? 73  ARG A NH2 1 
ATOM   718 N N   . SER A 1 77 ? 11.472  -8.833  0.441   1.00 11.84 ? 74  SER A N   1 
ATOM   719 C CA  A SER A 1 77 ? 12.601  -9.714  0.698   0.60 11.63 ? 74  SER A CA  1 
ATOM   720 C CA  B SER A 1 77 ? 12.592  -9.702  0.696   0.40 11.58 ? 74  SER A CA  1 
ATOM   721 C C   . SER A 1 77 ? 13.787  -8.936  1.251   1.00 10.39 ? 74  SER A C   1 
ATOM   722 O O   . SER A 1 77 ? 14.238  -7.987  0.680   1.00 11.11 ? 74  SER A O   1 
ATOM   723 C CB  A SER A 1 77 ? 13.040  -10.413 -0.581  0.60 14.67 ? 74  SER A CB  1 
ATOM   724 C CB  B SER A 1 77 ? 12.999  -10.380 -0.593  0.40 13.31 ? 74  SER A CB  1 
ATOM   725 O OG  A SER A 1 77 ? 12.089  -11.390 -0.984  0.60 16.37 ? 74  SER A OG  1 
ATOM   726 O OG  B SER A 1 77 ? 13.898  -11.417 -0.309  0.40 15.62 ? 74  SER A OG  1 
ATOM   727 N N   . GLY A 1 78 ? 14.304  -9.436  2.375   1.00 11.55 ? 75  GLY A N   1 
ATOM   728 C CA  . GLY A 1 78 ? 15.450  -8.808  3.004   1.00 13.10 ? 75  GLY A CA  1 
ATOM   729 C C   . GLY A 1 78 ? 15.130  -7.624  3.884   1.00 12.52 ? 75  GLY A C   1 
ATOM   730 O O   . GLY A 1 78 ? 16.019  -7.033  4.460   1.00 15.13 ? 75  GLY A O   1 
ATOM   731 N N   . GLY A 1 79 ? 13.846  -7.312  3.995   1.00 12.81 ? 76  GLY A N   1 
ATOM   732 C CA  . GLY A 1 79 ? 13.439  -6.121  4.733   1.00 15.36 ? 76  GLY A CA  1 
ATOM   733 C C   . GLY A 1 79 ? 13.542  -6.308  6.229   1.00 13.93 ? 76  GLY A C   1 
ATOM   734 O O   . GLY A 1 79 ? 13.803  -7.421  6.736   1.00 15.52 ? 76  GLY A O   1 
ATOM   735 N N   . PRO A 1 80 ? 13.282  -5.228  6.974   1.00 19.32 ? 77  PRO A N   1 
ATOM   736 C CA  . PRO A 1 80 ? 13.294  -5.298  8.418   1.00 18.02 ? 77  PRO A CA  1 
ATOM   737 C C   . PRO A 1 80 ? 12.446  -6.433  8.983   1.00 17.03 ? 77  PRO A C   1 
ATOM   738 O O   . PRO A 1 80 ? 11.336  -6.715  8.512   1.00 19.74 ? 77  PRO A O   1 
ATOM   739 C CB  . PRO A 1 80 ? 12.743  -3.944  8.822   1.00 24.98 ? 77  PRO A CB  1 
ATOM   740 C CG  . PRO A 1 80 ? 13.229  -3.024  7.736   1.00 26.36 ? 77  PRO A CG  1 
ATOM   741 C CD  . PRO A 1 80 ? 13.167  -3.843  6.481   1.00 24.76 ? 77  PRO A CD  1 
ATOM   742 N N   . SER A 1 81 ? 12.936  -7.048  10.057  1.00 18.64 ? 78  SER A N   1 
ATOM   743 C CA  . SER A 1 81 ? 12.299  -8.232  10.606  1.00 19.96 ? 78  SER A CA  1 
ATOM   744 C C   . SER A 1 81 ? 10.924  -7.938  11.220  1.00 18.35 ? 78  SER A C   1 
ATOM   745 O O   . SER A 1 81 ? 10.083  -8.826  11.296  1.00 24.53 ? 78  SER A O   1 
ATOM   746 C CB  . SER A 1 81 ? 13.206  -8.856  11.661  1.00 23.21 ? 78  SER A CB  1 
ATOM   747 O OG  . SER A 1 81 ? 14.453  -9.225  11.074  1.00 33.83 ? 78  SER A OG  1 
ATOM   748 N N   . PHE A 1 82 ? 10.686  -6.683  11.591  1.00 17.79 ? 79  PHE A N   1 
ATOM   749 C CA  . PHE A 1 82 ? 9.389   -6.281  12.152  1.00 19.30 ? 79  PHE A CA  1 
ATOM   750 C C   . PHE A 1 82 ? 8.259   -6.273  11.130  1.00 18.90 ? 79  PHE A C   1 
ATOM   751 O O   . PHE A 1 82 ? 7.091   -6.217  11.524  1.00 24.32 ? 79  PHE A O   1 
ATOM   752 C CB  . PHE A 1 82 ? 9.466   -4.938  12.903  1.00 19.59 ? 79  PHE A CB  1 
ATOM   753 C CG  . PHE A 1 82 ? 9.878   -3.768  12.082  1.00 16.81 ? 79  PHE A CG  1 
ATOM   754 C CD1 . PHE A 1 82 ? 9.003   -3.211  11.169  1.00 19.02 ? 79  PHE A CD1 1 
ATOM   755 C CD2 . PHE A 1 82 ? 11.164  -3.230  12.185  1.00 17.31 ? 79  PHE A CD2 1 
ATOM   756 C CE1 . PHE A 1 82 ? 9.374   -2.127  10.414  1.00 19.75 ? 79  PHE A CE1 1 
ATOM   757 C CE2 . PHE A 1 82 ? 11.533  -2.150  11.397  1.00 21.40 ? 79  PHE A CE2 1 
ATOM   758 C CZ  . PHE A 1 82 ? 10.642  -1.596  10.521  1.00 20.73 ? 79  PHE A CZ  1 
ATOM   759 N N   . GLY A 1 83 ? 8.593   -6.269  9.834   1.00 19.26 ? 80  GLY A N   1 
ATOM   760 C CA  . GLY A 1 83 ? 7.592   -6.049  8.792   1.00 21.59 ? 80  GLY A CA  1 
ATOM   761 C C   . GLY A 1 83 ? 6.868   -7.321  8.410   1.00 22.44 ? 80  GLY A C   1 
ATOM   762 O O   . GLY A 1 83 ? 7.205   -8.404  8.853   1.00 24.14 ? 80  GLY A O   1 
ATOM   763 N N   . PRO A 1 84 ? 5.855   -7.190  7.541   1.00 22.47 ? 81  PRO A N   1 
ATOM   764 C CA  . PRO A 1 84 ? 5.061   -8.359  7.137   1.00 25.47 ? 81  PRO A CA  1 
ATOM   765 C C   A PRO A 1 84 ? 5.822   -9.342  6.233   0.50 25.47 ? 81  PRO A C   1 
ATOM   766 C C   B PRO A 1 84 ? 5.834   -9.332  6.231   0.50 28.14 ? 81  PRO A C   1 
ATOM   767 O O   A PRO A 1 84 ? 6.803   -8.974  5.589   0.50 22.45 ? 81  PRO A O   1 
ATOM   768 O O   B PRO A 1 84 ? 5.598   -10.547 6.282   0.50 35.92 ? 81  PRO A O   1 
ATOM   769 C CB  . PRO A 1 84 ? 3.881   -7.722  6.388   1.00 24.47 ? 81  PRO A CB  1 
ATOM   770 C CG  . PRO A 1 84 ? 4.439   -6.444  5.852   1.00 21.46 ? 81  PRO A CG  1 
ATOM   771 C CD  . PRO A 1 84 ? 5.341   -5.939  6.938   1.00 20.61 ? 81  PRO A CD  1 
HETATM 772 O O   . HOH B 2 .  ? 3.824   -4.362  -9.295  1.00 10.91 ? 101 HOH A O   1 
HETATM 773 O O   . HOH B 2 .  ? -0.156  -5.147  1.572   1.00 11.01 ? 102 HOH A O   1 
HETATM 774 O O   . HOH B 2 .  ? 0.585   -6.010  5.171   1.00 13.12 ? 103 HOH A O   1 
HETATM 775 O O   . HOH B 2 .  ? -6.858  9.002   -4.539  1.00 12.25 ? 104 HOH A O   1 
HETATM 776 O O   . HOH B 2 .  ? -1.974  3.101   8.774   1.00 13.18 ? 105 HOH A O   1 
HETATM 777 O O   . HOH B 2 .  ? 3.702   3.027   -11.300 1.00 14.26 ? 106 HOH A O   1 
HETATM 778 O O   . HOH B 2 .  ? -9.112  4.278   -0.471  1.00 13.85 ? 107 HOH A O   1 
HETATM 779 O O   . HOH B 2 .  ? -13.221 6.219   3.977   1.00 19.41 ? 108 HOH A O   1 
HETATM 780 O O   . HOH B 2 .  ? -1.386  -7.503  0.905   1.00 15.03 ? 109 HOH A O   1 
HETATM 781 O O   . HOH B 2 .  ? 7.584   -10.616 -6.034  1.00 13.76 ? 110 HOH A O   1 
HETATM 782 O O   . HOH B 2 .  ? 1.076   -7.198  -5.054  1.00 13.76 ? 111 HOH A O   1 
HETATM 783 O O   . HOH B 2 .  ? -5.232  -0.405  -9.271  1.00 13.46 ? 112 HOH A O   1 
HETATM 784 O O   . HOH B 2 .  ? -7.498  -6.168  -5.006  1.00 15.10 ? 113 HOH A O   1 
HETATM 785 O O   . HOH B 2 .  ? -1.761  -8.083  -7.661  1.00 19.27 ? 114 HOH A O   1 
HETATM 786 O O   . HOH B 2 .  ? -2.806  -8.624  6.838   1.00 16.95 ? 115 HOH A O   1 
HETATM 787 O O   . HOH B 2 .  ? 5.329   7.253   -5.143  1.00 16.91 ? 116 HOH A O   1 
HETATM 788 O O   . HOH B 2 .  ? -11.219 -1.025  0.466   1.00 17.05 ? 117 HOH A O   1 
HETATM 789 O O   . HOH B 2 .  ? 6.668   -4.540  3.647   1.00 18.62 ? 118 HOH A O   1 
HETATM 790 O O   . HOH B 2 .  ? -7.583  11.254  -8.167  1.00 20.77 ? 119 HOH A O   1 
HETATM 791 O O   . HOH B 2 .  ? -0.412  -9.420  2.755   1.00 21.07 ? 120 HOH A O   1 
HETATM 792 O O   . HOH B 2 .  ? -8.637  -1.308  0.637   1.00 20.40 ? 121 HOH A O   1 
HETATM 793 O O   . HOH B 2 .  ? 8.589   5.420   -7.972  1.00 20.22 ? 122 HOH A O   1 
HETATM 794 O O   . HOH B 2 .  ? -9.245  5.629   -2.931  1.00 20.08 ? 123 HOH A O   1 
HETATM 795 O O   . HOH B 2 .  ? 7.162   5.213   2.834   1.00 21.94 ? 124 HOH A O   1 
HETATM 796 O O   . HOH B 2 .  ? 10.021  -10.833 -9.438  1.00 20.79 ? 125 HOH A O   1 
HETATM 797 O O   . HOH B 2 .  ? 4.895   -11.102 -5.317  1.00 18.53 ? 126 HOH A O   1 
HETATM 798 O O   . HOH B 2 .  ? -11.637 -6.120  -0.256  1.00 31.54 ? 127 HOH A O   1 
HETATM 799 O O   . HOH B 2 .  ? -7.275  -7.458  1.041   1.00 22.85 ? 128 HOH A O   1 
HETATM 800 O O   . HOH B 2 .  ? -8.871  -8.778  10.482  1.00 24.57 ? 129 HOH A O   1 
HETATM 801 O O   . HOH B 2 .  ? -1.184  12.966  -12.150 1.00 23.95 ? 130 HOH A O   1 
HETATM 802 O O   A HOH B 2 .  ? -13.774 -5.997  5.946   0.50 12.15 ? 131 HOH A O   1 
HETATM 803 O O   . HOH B 2 .  ? -0.986  -9.472  -0.958  1.00 16.69 ? 132 HOH A O   1 
HETATM 804 O O   . HOH B 2 .  ? 3.690   12.400  -7.394  1.00 20.50 ? 133 HOH A O   1 
HETATM 805 O O   . HOH B 2 .  ? -14.978 -3.392  6.596   1.00 24.28 ? 134 HOH A O   1 
HETATM 806 O O   . HOH B 2 .  ? -3.621  14.023  -0.642  1.00 21.72 ? 135 HOH A O   1 
HETATM 807 O O   . HOH B 2 .  ? 2.663   14.980  -7.230  1.00 25.96 ? 136 HOH A O   1 
HETATM 808 O O   . HOH B 2 .  ? 10.593  -8.258  -13.629 1.00 25.72 ? 137 HOH A O   1 
HETATM 809 O O   . HOH B 2 .  ? 5.667   -2.368  5.308   1.00 26.28 ? 138 HOH A O   1 
HETATM 810 O O   . HOH B 2 .  ? -6.669  -9.088  4.845   1.00 30.19 ? 139 HOH A O   1 
HETATM 811 O O   . HOH B 2 .  ? 2.519   5.633   -14.880 1.00 30.51 ? 140 HOH A O   1 
HETATM 812 O O   . HOH B 2 .  ? -7.117  8.302   -7.282  1.00 16.18 ? 141 HOH A O   1 
HETATM 813 O O   . HOH B 2 .  ? -6.365  -3.551  -10.655 1.00 22.10 ? 142 HOH A O   1 
HETATM 814 O O   . HOH B 2 .  ? -9.132  6.456   -7.477  1.00 28.28 ? 143 HOH A O   1 
HETATM 815 O O   . HOH B 2 .  ? 4.532   9.418   -3.620  1.00 22.07 ? 144 HOH A O   1 
HETATM 816 O O   . HOH B 2 .  ? -12.085 -4.107  14.483  1.00 39.57 ? 145 HOH A O   1 
HETATM 817 O O   . HOH B 2 .  ? 7.514   3.422   -9.922  1.00 25.11 ? 146 HOH A O   1 
HETATM 818 O O   . HOH B 2 .  ? 9.386   -12.010 0.573   1.00 30.05 ? 147 HOH A O   1 
HETATM 819 O O   . HOH B 2 .  ? -12.350 9.032   12.297  1.00 33.04 ? 148 HOH A O   1 
HETATM 820 O O   . HOH B 2 .  ? -6.208  -9.714  13.227  1.00 38.27 ? 149 HOH A O   1 
HETATM 821 O O   . HOH B 2 .  ? 0.178   18.666  -2.401  1.00 25.80 ? 150 HOH A O   1 
HETATM 822 O O   . HOH B 2 .  ? -9.087  -9.057  6.274   1.00 27.09 ? 151 HOH A O   1 
HETATM 823 O O   . HOH B 2 .  ? 7.076   7.544   -7.114  1.00 21.88 ? 152 HOH A O   1 
HETATM 824 O O   . HOH B 2 .  ? -9.081  8.283   -3.112  1.00 21.45 ? 153 HOH A O   1 
HETATM 825 O O   . HOH B 2 .  ? 0.049   -9.288  -3.542  1.00 18.39 ? 154 HOH A O   1 
HETATM 826 O O   . HOH B 2 .  ? 9.253   -12.839 -5.971  1.00 24.12 ? 155 HOH A O   1 
HETATM 827 O O   . HOH B 2 .  ? -0.302  -8.421  5.841   1.00 27.28 ? 156 HOH A O   1 
HETATM 828 O O   . HOH B 2 .  ? -1.697  15.602  -0.415  1.00 27.59 ? 157 HOH A O   1 
HETATM 829 O O   . HOH B 2 .  ? 2.206   2.738   6.904   1.00 29.41 ? 158 HOH A O   1 
HETATM 830 O O   . HOH B 2 .  ? -7.333  8.580   7.643   1.00 32.13 ? 159 HOH A O   1 
HETATM 831 O O   . HOH B 2 .  ? 2.991   8.565   -10.922 1.00 38.93 ? 160 HOH A O   1 
HETATM 832 O O   . HOH B 2 .  ? -2.458  18.140  -1.473  1.00 26.48 ? 161 HOH A O   1 
HETATM 833 O O   . HOH B 2 .  ? 8.955   -2.945  6.916   1.00 30.18 ? 162 HOH A O   1 
HETATM 834 O O   . HOH B 2 .  ? 9.104   -3.639  2.238   1.00 28.78 ? 163 HOH A O   1 
HETATM 835 O O   . HOH B 2 .  ? 4.954   5.438   -11.405 1.00 31.52 ? 164 HOH A O   1 
HETATM 836 O O   . HOH B 2 .  ? -3.824  -10.426 4.899   1.00 36.17 ? 165 HOH A O   1 
HETATM 837 O O   . HOH B 2 .  ? -13.350 9.126   3.778   1.00 34.96 ? 166 HOH A O   1 
HETATM 838 O O   . HOH B 2 .  ? 10.011  4.248   3.317   1.00 40.43 ? 167 HOH A O   1 
HETATM 839 O O   . HOH B 2 .  ? -11.352 12.895  -2.942  1.00 33.75 ? 168 HOH A O   1 
HETATM 840 O O   . HOH B 2 .  ? -4.871  -10.234 1.084   1.00 34.94 ? 169 HOH A O   1 
HETATM 841 O O   . HOH B 2 .  ? -10.437 11.017  -4.467  1.00 31.21 ? 170 HOH A O   1 
HETATM 842 O O   . HOH B 2 .  ? 0.684   6.965   8.713   1.00 27.32 ? 171 HOH A O   1 
HETATM 843 O O   . HOH B 2 .  ? -11.817 4.118   -0.073  1.00 32.49 ? 172 HOH A O   1 
HETATM 844 O O   . HOH B 2 .  ? 13.136  6.293   -0.986  1.00 40.27 ? 173 HOH A O   1 
HETATM 845 O O   . HOH B 2 .  ? -1.392  -9.956  -5.660  1.00 43.51 ? 174 HOH A O   1 
HETATM 846 O O   . HOH B 2 .  ? 4.288   -11.594 -13.345 1.00 33.44 ? 175 HOH A O   1 
HETATM 847 O O   . HOH B 2 .  ? -3.166  -10.906 -1.458  1.00 34.08 ? 176 HOH A O   1 
HETATM 848 O O   . HOH B 2 .  ? 2.113   -9.521  -14.202 1.00 32.25 ? 177 HOH A O   1 
HETATM 849 O O   . HOH B 2 .  ? 7.279   14.980  -2.543  1.00 51.09 ? 178 HOH A O   1 
HETATM 850 O O   . HOH B 2 .  ? -16.737 2.755   9.634   1.00 33.63 ? 179 HOH A O   1 
HETATM 851 O O   . HOH B 2 .  ? -13.867 5.773   1.151   1.00 32.44 ? 180 HOH A O   1 
HETATM 852 O O   . HOH B 2 .  ? 7.869   -6.605  5.138   1.00 29.26 ? 181 HOH A O   1 
HETATM 853 O O   . HOH B 2 .  ? -6.706  -9.909  -2.919  1.00 42.91 ? 182 HOH A O   1 
HETATM 854 O O   . HOH B 2 .  ? -15.375 -4.563  12.372  1.00 54.31 ? 183 HOH A O   1 
HETATM 855 O O   . HOH B 2 .  ? 3.559   7.227   -12.887 1.00 38.90 ? 184 HOH A O   1 
HETATM 856 O O   A HOH B 2 .  ? 13.729  3.370   1.003   0.70 55.21 ? 185 HOH A O   1 
HETATM 857 O O   B HOH B 2 .  ? 13.881  3.508   0.442   0.30 30.43 ? 185 HOH A O   1 
HETATM 858 O O   . HOH B 2 .  ? 6.482   -6.680  14.138  1.00 38.66 ? 186 HOH A O   1 
HETATM 859 O O   . HOH B 2 .  ? 0.523   -11.560 0.108   1.00 34.64 ? 187 HOH A O   1 
HETATM 860 O O   . HOH B 2 .  ? 12.951  -11.408 3.986   1.00 31.64 ? 188 HOH A O   1 
HETATM 861 O O   . HOH B 2 .  ? 2.127   -10.929 -4.236  1.00 31.53 ? 189 HOH A O   1 
HETATM 862 O O   . HOH B 2 .  ? 3.244   11.015  -10.374 1.00 38.91 ? 190 HOH A O   1 
HETATM 863 O O   . HOH B 2 .  ? 5.230   7.080   3.798   1.00 38.80 ? 191 HOH A O   1 
HETATM 864 O O   . HOH B 2 .  ? 1.460   -12.093 3.006   1.00 44.83 ? 192 HOH A O   1 
HETATM 865 O O   . HOH B 2 .  ? -10.341 4.531   20.143  1.00 38.12 ? 193 HOH A O   1 
HETATM 866 O O   . HOH B 2 .  ? -15.402 -8.271  6.414   1.00 31.65 ? 194 HOH A O   1 
HETATM 867 O O   A HOH B 2 .  ? 4.278   5.000   6.017   0.70 50.77 ? 195 HOH A O   1 
HETATM 868 O O   B HOH B 2 .  ? 4.234   4.565   6.106   0.30 57.24 ? 195 HOH A O   1 
HETATM 869 O O   . HOH B 2 .  ? -15.117 4.555   8.720   1.00 35.83 ? 196 HOH A O   1 
HETATM 870 O O   . HOH B 2 .  ? 7.205   10.338  -1.302  1.00 36.11 ? 197 HOH A O   1 
HETATM 871 O O   . HOH B 2 .  ? 6.110   -12.280 2.136   1.00 43.20 ? 198 HOH A O   1 
HETATM 872 O O   . HOH B 2 .  ? -10.406 -8.073  1.611   1.00 35.34 ? 199 HOH A O   1 
HETATM 873 O O   . HOH B 2 .  ? 4.767   -13.760 -5.542  1.00 38.14 ? 200 HOH A O   1 
HETATM 874 O O   . HOH B 2 .  ? 8.680   -13.352 -9.336  1.00 43.20 ? 201 HOH A O   1 
HETATM 875 O O   . HOH B 2 .  ? 14.320  -13.011 1.492   1.00 43.86 ? 202 HOH A O   1 
HETATM 876 O O   . HOH B 2 .  ? -0.474  -6.091  -13.514 1.00 33.63 ? 203 HOH A O   1 
HETATM 877 O O   . HOH B 2 .  ? 10.214  6.847   -9.563  1.00 41.35 ? 204 HOH A O   1 
HETATM 878 O O   . HOH B 2 .  ? -3.757  -12.323 7.688   1.00 43.64 ? 205 HOH A O   1 
HETATM 879 O O   . HOH B 2 .  ? 9.623   -8.734  5.026   1.00 48.87 ? 206 HOH A O   1 
HETATM 880 O O   . HOH B 2 .  ? -10.452 -6.468  13.064  1.00 42.87 ? 207 HOH A O   1 
HETATM 881 O O   . HOH B 2 .  ? -14.489 -2.212  15.654  1.00 43.09 ? 208 HOH A O   1 
HETATM 882 O O   . HOH B 2 .  ? 13.278  -10.079 5.995   1.00 35.13 ? 209 HOH A O   1 
HETATM 883 O O   . HOH B 2 .  ? 6.849   4.634   -13.455 1.00 50.46 ? 210 HOH A O   1 
HETATM 884 O O   . HOH B 2 .  ? 9.986   0.445   -11.823 1.00 30.15 ? 211 HOH A O   1 
HETATM 885 O O   . HOH B 2 .  ? 6.107   7.713   -9.750  1.00 41.35 ? 212 HOH A O   1 
HETATM 886 O O   . HOH B 2 .  ? -13.881 -6.914  9.775   1.00 42.11 ? 213 HOH A O   1 
HETATM 887 O O   . HOH B 2 .  ? 8.476   10.049  -7.290  1.00 43.47 ? 214 HOH A O   1 
HETATM 888 O O   . HOH B 2 .  ? -12.626 -9.518  7.654   1.00 54.25 ? 215 HOH A O   1 
HETATM 889 O O   . HOH B 2 .  ? 3.262   2.992   -14.025 1.00 39.56 ? 216 HOH A O   1 
HETATM 890 O O   . HOH B 2 .  ? 0.983   2.203   -14.552 1.00 36.50 ? 217 HOH A O   1 
HETATM 891 O O   . HOH B 2 .  ? 1.726   5.045   7.286   1.00 34.62 ? 218 HOH A O   1 
HETATM 892 O O   . HOH B 2 .  ? 10.005  -5.333  6.417   1.00 39.41 ? 219 HOH A O   1 
HETATM 893 O O   A HOH B 2 .  ? 14.877  -2.951  -12.472 0.60 22.39 ? 220 HOH A O   1 
HETATM 894 O O   . HOH B 2 .  ? 7.029   0.379   8.426   1.00 34.97 ? 221 HOH A O   1 
HETATM 895 O O   . HOH B 2 .  ? 6.445   11.366  -3.812  1.00 32.69 ? 222 HOH A O   1 
HETATM 896 O O   . HOH B 2 .  ? -15.162 5.624   5.918   1.00 38.63 ? 223 HOH A O   1 
HETATM 897 O O   . HOH B 2 .  ? -0.730  -10.331 9.782   1.00 45.10 ? 224 HOH A O   1 
HETATM 898 O O   . HOH B 2 .  ? -16.584 3.010   6.159   1.00 52.87 ? 225 HOH A O   1 
HETATM 899 O O   . HOH B 2 .  ? 0.882   -9.245  12.053  1.00 51.34 ? 226 HOH A O   1 
HETATM 900 O O   . HOH B 2 .  ? 8.328   9.338   0.613   1.00 43.97 ? 227 HOH A O   1 
HETATM 901 O O   . HOH B 2 .  ? -13.206 3.990   20.055  1.00 41.97 ? 228 HOH A O   1 
HETATM 902 O O   . HOH B 2 .  ? 6.670   1.818   -12.840 1.00 38.43 ? 229 HOH A O   1 
HETATM 903 O O   . HOH B 2 .  ? -2.261  -7.754  -9.770  1.00 33.09 ? 230 HOH A O   1 
HETATM 904 O O   . HOH B 2 .  ? 10.700  7.886   1.090   1.00 52.28 ? 231 HOH A O   1 
HETATM 905 O O   . HOH B 2 .  ? 4.275   9.931   -8.658  1.00 60.92 ? 232 HOH A O   1 
HETATM 906 O O   . HOH B 2 .  ? -15.374 7.737   10.049  1.00 45.31 ? 233 HOH A O   1 
HETATM 907 O O   . HOH B 2 .  ? -15.023 8.858   7.870   1.00 55.32 ? 234 HOH A O   1 
HETATM 908 O O   . HOH B 2 .  ? 14.847  5.497   -7.660  1.00 47.06 ? 235 HOH A O   1 
HETATM 909 O O   B HOH B 2 .  ? 1.514   10.488  -0.446  0.30 9.84  ? 236 HOH A O   1 
HETATM 910 O O   . HOH B 2 .  ? -7.271  -10.853 2.390   1.00 53.04 ? 237 HOH A O   1 
HETATM 911 O O   . HOH B 2 .  ? 10.168  -11.490 3.190   1.00 40.01 ? 238 HOH A O   1 
HETATM 912 O O   . HOH B 2 .  ? 8.087   -11.612 6.891   1.00 53.95 ? 239 HOH A O   1 
HETATM 913 O O   . HOH B 2 .  ? 8.274   7.510   2.198   1.00 42.30 ? 240 HOH A O   1 
HETATM 914 O O   . HOH B 2 .  ? -12.447 11.274  10.714  1.00 51.55 ? 241 HOH A O   1 
HETATM 915 O O   . HOH B 2 .  ? 13.556  -11.563 8.417   1.00 49.15 ? 242 HOH A O   1 
HETATM 916 O O   . HOH B 2 .  ? 10.355  10.413  -0.692  1.00 55.64 ? 243 HOH A O   1 
HETATM 917 O O   . HOH B 2 .  ? -0.075  9.281   8.361   1.00 43.39 ? 244 HOH A O   1 
HETATM 918 O O   A HOH B 2 .  ? 7.700   -14.911 -5.295  0.70 34.50 ? 245 HOH A O   1 
HETATM 919 O O   . HOH B 2 .  ? -11.964 -8.113  15.090  1.00 44.24 ? 246 HOH A O   1 
# 
loop_
_atom_site_anisotrop.id 
_atom_site_anisotrop.type_symbol 
_atom_site_anisotrop.pdbx_label_atom_id 
_atom_site_anisotrop.pdbx_label_alt_id 
_atom_site_anisotrop.pdbx_label_comp_id 
_atom_site_anisotrop.pdbx_label_asym_id 
_atom_site_anisotrop.pdbx_label_seq_id 
_atom_site_anisotrop.pdbx_PDB_ins_code 
_atom_site_anisotrop.U[1][1] 
_atom_site_anisotrop.U[2][2] 
_atom_site_anisotrop.U[3][3] 
_atom_site_anisotrop.U[1][2] 
_atom_site_anisotrop.U[1][3] 
_atom_site_anisotrop.U[2][3] 
_atom_site_anisotrop.pdbx_auth_seq_id 
_atom_site_anisotrop.pdbx_auth_comp_id 
_atom_site_anisotrop.pdbx_auth_asym_id 
_atom_site_anisotrop.pdbx_auth_atom_id 
1   N N   A MET A 4  ? 0.4480 0.4040 0.3874 0.0095  0.0202  -0.0527 1   MET A N   
2   N N   B MET A 4  ? 0.5390 0.2624 0.2295 0.1160  -0.0349 0.0768  1   MET A N   
3   C CA  A MET A 4  ? 0.4452 0.4115 0.2539 0.0323  -0.0408 -0.0050 1   MET A CA  
4   C CA  B MET A 4  ? 0.4120 0.3422 0.2685 0.0330  0.0079  0.0849  1   MET A CA  
5   C C   A MET A 4  ? 0.2850 0.2255 0.2626 0.0628  0.0322  0.0276  1   MET A C   
6   C C   B MET A 4  ? 0.2849 0.2198 0.2577 0.0642  0.0394  0.0276  1   MET A C   
7   O O   A MET A 4  ? 0.3058 0.2316 0.3848 0.0353  0.1233  0.0664  1   MET A O   
8   O O   B MET A 4  ? 0.3044 0.2137 0.3251 0.0434  0.0866  0.0848  1   MET A O   
9   C CB  A MET A 4  ? 0.4070 0.3477 0.2061 0.0712  -0.0670 0.0823  1   MET A CB  
10  C CB  B MET A 4  ? 0.3780 0.2459 0.3731 0.0970  -0.0201 0.0568  1   MET A CB  
11  C CG  A MET A 4  ? 0.4217 0.5164 0.2481 -0.0387 -0.1088 -0.0146 1   MET A CG  
12  C CG  B MET A 4  ? 0.4351 0.3798 0.2640 -0.0096 -0.0494 0.1187  1   MET A CG  
13  S SD  A MET A 4  ? 0.6048 0.6911 0.6272 0.0705  -0.0227 0.0779  1   MET A SD  
14  S SD  B MET A 4  ? 0.4460 0.5459 0.3531 0.0058  -0.0396 0.0509  1   MET A SD  
15  C CE  A MET A 4  ? 0.3353 0.5114 0.4358 -0.0578 -0.1167 -0.0732 1   MET A CE  
16  C CE  B MET A 4  ? 0.4131 0.4709 0.3325 0.0271  -0.0120 0.0322  1   MET A CE  
17  N N   . VAL A 5  ? 0.2175 0.2009 0.1684 0.0526  0.0002  -0.0119 2   VAL A N   
18  C CA  . VAL A 5  ? 0.1355 0.1767 0.1556 0.0331  -0.0049 -0.0029 2   VAL A CA  
19  C C   . VAL A 5  ? 0.1268 0.1823 0.1153 0.0142  0.0124  -0.0233 2   VAL A C   
20  O O   . VAL A 5  ? 0.1586 0.1981 0.1719 0.0207  -0.0299 -0.0538 2   VAL A O   
21  C CB  . VAL A 5  ? 0.1274 0.1690 0.1650 0.0207  -0.0115 -0.0130 2   VAL A CB  
22  C CG1 . VAL A 5  ? 0.1473 0.1794 0.1473 0.0143  -0.0130 -0.0092 2   VAL A CG1 
23  C CG2 . VAL A 5  ? 0.1439 0.1771 0.1998 0.0187  0.0192  -0.0261 2   VAL A CG2 
24  N N   . LYS A 6  ? 0.1264 0.1679 0.1159 0.0043  -0.0018 -0.0240 3   LYS A N   
25  C CA  A LYS A 6  ? 0.1237 0.1615 0.1232 0.0020  0.0103  -0.0327 3   LYS A CA  
26  C CA  B LYS A 6  ? 0.1238 0.1611 0.1213 0.0019  0.0096  -0.0323 3   LYS A CA  
27  C C   . LYS A 6  ? 0.1261 0.1526 0.1448 -0.0005 0.0111  -0.0309 3   LYS A C   
28  O O   . LYS A 6  ? 0.1420 0.1916 0.1596 -0.0068 0.0038  -0.0625 3   LYS A O   
29  C CB  A LYS A 6  ? 0.1086 0.1689 0.1516 0.0004  0.0117  -0.0296 3   LYS A CB  
30  C CB  B LYS A 6  ? 0.1080 0.1661 0.1519 0.0010  0.0109  -0.0300 3   LYS A CB  
31  C CG  A LYS A 6  ? 0.1392 0.1674 0.1734 0.0029  0.0209  -0.0343 3   LYS A CG  
32  C CG  B LYS A 6  ? 0.1436 0.1656 0.1706 0.0016  0.0174  -0.0345 3   LYS A CG  
33  C CD  A LYS A 6  ? 0.1607 0.2031 0.2072 0.0092  -0.0050 -0.0357 3   LYS A CD  
34  C CD  B LYS A 6  ? 0.1632 0.2053 0.2049 0.0107  -0.0076 -0.0400 3   LYS A CD  
35  C CE  A LYS A 6  ? 0.2100 0.2164 0.2610 0.0150  -0.0025 -0.0147 3   LYS A CE  
36  C CE  B LYS A 6  ? 0.2346 0.2142 0.2530 0.0103  -0.0144 -0.0263 3   LYS A CE  
37  N NZ  A LYS A 6  ? 0.1961 0.2140 0.2551 0.0342  0.0037  -0.0223 3   LYS A NZ  
38  N NZ  B LYS A 6  ? 0.3069 0.2778 0.2470 0.0401  -0.0016 -0.0342 3   LYS A NZ  
39  N N   . GLU A 7  ? 0.1166 0.1372 0.1320 0.0118  0.0091  -0.0210 4   GLU A N   
40  C CA  . GLU A 7  ? 0.1164 0.1166 0.1342 -0.0051 0.0052  -0.0211 4   GLU A CA  
41  C C   . GLU A 7  ? 0.1069 0.1310 0.1099 0.0031  0.0047  -0.0190 4   GLU A C   
42  O O   . GLU A 7  ? 0.1033 0.1322 0.1674 0.0139  0.0004  -0.0211 4   GLU A O   
43  C CB  . GLU A 7  ? 0.1245 0.1460 0.1427 0.0098  0.0031  -0.0175 4   GLU A CB  
44  C CG  . GLU A 7  ? 0.1564 0.1493 0.1706 0.0235  -0.0093 -0.0203 4   GLU A CG  
45  C CD  . GLU A 7  ? 0.1540 0.1390 0.1668 0.0163  -0.0110 -0.0232 4   GLU A CD  
46  O OE1 . GLU A 7  ? 0.1238 0.1741 0.1694 0.0137  -0.0151 -0.0175 4   GLU A OE1 
47  O OE2 . GLU A 7  ? 0.1972 0.1781 0.1964 0.0620  -0.0205 -0.0162 4   GLU A OE2 
48  N N   . THR A 8  ? 0.1053 0.1319 0.1348 0.0004  -0.0020 -0.0299 5   THR A N   
49  C CA  . THR A 8  ? 0.1075 0.1242 0.1164 0.0057  -0.0041 -0.0116 5   THR A CA  
50  C C   . THR A 8  ? 0.0998 0.1099 0.1113 0.0062  -0.0157 -0.0140 5   THR A C   
51  O O   . THR A 8  ? 0.1219 0.1263 0.1164 0.0206  -0.0041 -0.0165 5   THR A O   
52  C CB  . THR A 8  ? 0.1628 0.1648 0.1115 0.0240  -0.0190 0.0153  5   THR A CB  
53  O OG1 . THR A 8  ? 0.1489 0.2180 0.2245 -0.0040 -0.0522 -0.0287 5   THR A OG1 
54  C CG2 . THR A 8  ? 0.1973 0.2212 0.1200 0.0377  -0.0064 0.0122  5   THR A CG2 
55  N N   . LYS A 9  ? 0.1007 0.1229 0.1230 0.0137  -0.0044 -0.0143 6   LYS A N   
56  C CA  A LYS A 9  ? 0.0960 0.1419 0.1276 0.0070  -0.0053 -0.0143 6   LYS A CA  
57  C CA  B LYS A 9  ? 0.1068 0.1388 0.1240 0.0063  -0.0050 -0.0114 6   LYS A CA  
58  C C   . LYS A 9  ? 0.1062 0.1271 0.1053 0.0019  -0.0076 0.0046  6   LYS A C   
59  O O   . LYS A 9  ? 0.1120 0.1369 0.0993 0.0142  -0.0127 -0.0174 6   LYS A O   
60  C CB  A LYS A 9  ? 0.1657 0.1351 0.1419 0.0004  -0.0121 -0.0057 6   LYS A CB  
61  C CB  B LYS A 9  ? 0.1564 0.1392 0.1393 0.0018  -0.0110 -0.0016 6   LYS A CB  
62  C CG  A LYS A 9  ? 0.1657 0.1889 0.1605 0.0179  -0.0145 0.0153  6   LYS A CG  
63  C CG  B LYS A 9  ? 0.1637 0.1864 0.1531 0.0059  -0.0045 0.0064  6   LYS A CG  
64  C CD  A LYS A 9  ? 0.1585 0.1602 0.1526 0.0232  -0.0067 -0.0059 6   LYS A CD  
65  C CD  B LYS A 9  ? 0.1690 0.1936 0.1845 0.0111  -0.0114 0.0131  6   LYS A CD  
66  C CE  A LYS A 9  ? 0.1812 0.2205 0.1806 0.0108  0.0073  0.0111  6   LYS A CE  
67  C CE  B LYS A 9  ? 0.1919 0.2279 0.1943 -0.0043 -0.0053 0.0092  6   LYS A CE  
68  N NZ  A LYS A 9  ? 0.1552 0.2230 0.2296 -0.0102 -0.0217 0.0205  6   LYS A NZ  
69  N NZ  B LYS A 9  ? 0.1951 0.2237 0.2139 -0.0104 -0.0093 -0.0064 6   LYS A NZ  
70  N N   . LEU A 10 ? 0.0982 0.1097 0.1107 0.0179  -0.0044 -0.0079 7   LEU A N   
71  C CA  . LEU A 10 ? 0.0805 0.1066 0.0968 0.0085  0.0030  0.0000  7   LEU A CA  
72  C C   . LEU A 10 ? 0.0770 0.1149 0.0924 0.0118  -0.0169 -0.0078 7   LEU A C   
73  O O   . LEU A 10 ? 0.1053 0.1165 0.1013 0.0189  -0.0074 -0.0093 7   LEU A O   
74  C CB  . LEU A 10 ? 0.0793 0.1132 0.0954 0.0108  -0.0040 -0.0061 7   LEU A CB  
75  C CG  . LEU A 10 ? 0.0944 0.1080 0.1085 0.0209  -0.0100 -0.0058 7   LEU A CG  
76  C CD1 . LEU A 10 ? 0.0976 0.1102 0.1197 0.0163  -0.0066 0.0040  7   LEU A CD1 
77  C CD2 . LEU A 10 ? 0.0842 0.1404 0.1223 0.0097  -0.0114 -0.0033 7   LEU A CD2 
78  N N   . TYR A 11 ? 0.0800 0.1187 0.0930 0.0092  -0.0117 -0.0013 8   TYR A N   
79  C CA  . TYR A 11 ? 0.0882 0.1146 0.1032 0.0176  -0.0068 -0.0092 8   TYR A CA  
80  C C   . TYR A 11 ? 0.0904 0.1023 0.0932 0.0059  -0.0223 -0.0042 8   TYR A C   
81  O O   . TYR A 11 ? 0.0971 0.1223 0.1060 0.0190  -0.0044 0.0001  8   TYR A O   
82  C CB  . TYR A 11 ? 0.0953 0.1306 0.1088 0.0051  -0.0071 0.0081  8   TYR A CB  
83  C CG  . TYR A 11 ? 0.0895 0.1149 0.0850 0.0105  -0.0116 0.0016  8   TYR A CG  
84  C CD1 . TYR A 11 ? 0.0920 0.1177 0.0995 0.0158  -0.0117 -0.0145 8   TYR A CD1 
85  C CD2 . TYR A 11 ? 0.0988 0.1168 0.1000 0.0115  -0.0123 -0.0050 8   TYR A CD2 
86  C CE1 . TYR A 11 ? 0.1001 0.1089 0.1061 0.0095  -0.0045 -0.0030 8   TYR A CE1 
87  C CE2 . TYR A 11 ? 0.0943 0.0951 0.1098 0.0225  -0.0060 -0.0020 8   TYR A CE2 
88  C CZ  . TYR A 11 ? 0.0969 0.1013 0.1029 0.0031  -0.0025 0.0024  8   TYR A CZ  
89  O OH  . TYR A 11 ? 0.0978 0.1145 0.1198 0.0055  0.0032  0.0036  8   TYR A OH  
90  N N   . ASP A 12 ? 0.0880 0.0970 0.1011 0.0020  -0.0180 -0.0108 9   ASP A N   
91  C CA  . ASP A 12 ? 0.0934 0.1417 0.1220 -0.0037 -0.0098 -0.0037 9   ASP A CA  
92  C C   . ASP A 12 ? 0.0729 0.1283 0.1210 0.0033  -0.0099 -0.0028 9   ASP A C   
93  O O   . ASP A 12 ? 0.0833 0.1458 0.1244 0.0091  -0.0088 -0.0118 9   ASP A O   
94  C CB  . ASP A 12 ? 0.0977 0.1434 0.1393 -0.0075 -0.0187 -0.0080 9   ASP A CB  
95  C CG  . ASP A 12 ? 0.1754 0.1309 0.1576 0.0240  -0.0377 -0.0141 9   ASP A CG  
96  O OD1 . ASP A 12 ? 0.1385 0.1592 0.1294 0.0072  -0.0139 -0.0163 9   ASP A OD1 
97  O OD2 . ASP A 12 ? 0.3967 0.1481 0.2064 0.0428  -0.1280 -0.0517 9   ASP A OD2 
98  N N   . LEU A 13 ? 0.0907 0.1184 0.1087 0.0132  -0.0029 0.0008  10  LEU A N   
99  C CA  . LEU A 13 ? 0.0930 0.1313 0.1075 -0.0020 -0.0107 0.0012  10  LEU A CA  
100 C C   . LEU A 13 ? 0.1091 0.1337 0.0969 0.0107  -0.0078 0.0035  10  LEU A C   
101 O O   . LEU A 13 ? 0.1413 0.1527 0.1092 0.0103  0.0285  0.0070  10  LEU A O   
102 C CB  . LEU A 13 ? 0.0952 0.1432 0.0991 0.0041  -0.0052 0.0016  10  LEU A CB  
103 C CG  . LEU A 13 ? 0.1013 0.1387 0.1003 0.0011  -0.0113 -0.0124 10  LEU A CG  
104 C CD1 . LEU A 13 ? 0.1157 0.1379 0.1054 0.0122  -0.0135 0.0108  10  LEU A CD1 
105 C CD2 . LEU A 13 ? 0.1170 0.1386 0.1208 -0.0053 -0.0095 0.0019  10  LEU A CD2 
106 N N   . LEU A 14 ? 0.1040 0.1181 0.1033 0.0082  -0.0026 -0.0057 11  LEU A N   
107 C CA  . LEU A 14 ? 0.1133 0.1109 0.1041 0.0029  0.0067  0.0063  11  LEU A CA  
108 C C   . LEU A 14 ? 0.1214 0.1271 0.1094 0.0132  0.0074  -0.0077 11  LEU A C   
109 O O   . LEU A 14 ? 0.1183 0.1290 0.1298 0.0113  -0.0075 -0.0047 11  LEU A O   
110 C CB  . LEU A 14 ? 0.1142 0.1000 0.1114 0.0095  -0.0055 -0.0089 11  LEU A CB  
111 C CG  . LEU A 14 ? 0.1377 0.1331 0.1005 0.0157  -0.0157 -0.0021 11  LEU A CG  
112 C CD1 . LEU A 14 ? 0.1325 0.1338 0.1334 0.0234  -0.0185 0.0008  11  LEU A CD1 
113 C CD2 . LEU A 14 ? 0.1416 0.1701 0.1098 0.0190  -0.0082 0.0088  11  LEU A CD2 
114 N N   . GLY A 15 ? 0.1058 0.1182 0.1261 0.0148  0.0010  -0.0061 12  GLY A N   
115 C CA  . GLY A 15 ? 0.0903 0.1453 0.1314 0.0251  0.0030  -0.0108 12  GLY A CA  
116 C C   . GLY A 15 ? 0.0774 0.1499 0.1743 0.0170  -0.0091 -0.0007 12  GLY A C   
117 O O   . GLY A 15 ? 0.1210 0.1588 0.1968 0.0280  0.0090  0.0333  12  GLY A O   
118 N N   . VAL A 16 ? 0.0892 0.1199 0.1036 0.0171  -0.0075 -0.0085 13  VAL A N   
119 C CA  . VAL A 16 ? 0.0976 0.1280 0.1317 0.0184  -0.0107 -0.0004 13  VAL A CA  
120 C C   . VAL A 16 ? 0.0981 0.1394 0.1117 0.0022  -0.0053 0.0070  13  VAL A C   
121 O O   . VAL A 16 ? 0.1261 0.1370 0.1287 0.0086  -0.0232 -0.0028 13  VAL A O   
122 C CB  . VAL A 16 ? 0.1206 0.1232 0.1254 -0.0035 -0.0014 0.0051  13  VAL A CB  
123 C CG1 . VAL A 16 ? 0.1328 0.1133 0.1394 0.0054  -0.0150 0.0013  13  VAL A CG1 
124 C CG2 . VAL A 16 ? 0.1131 0.1371 0.1269 0.0028  -0.0089 -0.0050 13  VAL A CG2 
125 N N   . SER A 17 ? 0.1174 0.1144 0.1185 0.0151  -0.0065 0.0051  14  SER A N   
126 C CA  . SER A 17 ? 0.1248 0.1256 0.1229 0.0135  -0.0036 0.0010  14  SER A CA  
127 C C   . SER A 17 ? 0.1255 0.1225 0.1176 0.0134  -0.0094 0.0008  14  SER A C   
128 O O   . SER A 17 ? 0.1250 0.1302 0.1069 0.0159  -0.0133 0.0069  14  SER A O   
129 C CB  . SER A 17 ? 0.1620 0.1558 0.1185 0.0170  -0.0140 0.0156  14  SER A CB  
130 O OG  . SER A 17 ? 0.1648 0.1953 0.1435 0.0300  -0.0142 0.0217  14  SER A OG  
131 N N   . PRO A 18 ? 0.1239 0.1211 0.1062 0.0073  -0.0139 -0.0040 15  PRO A N   
132 C CA  . PRO A 18 ? 0.1263 0.1308 0.1116 0.0285  -0.0140 0.0002  15  PRO A CA  
133 C C   . PRO A 18 ? 0.1403 0.1481 0.1070 0.0108  -0.0108 0.0013  15  PRO A C   
134 O O   . PRO A 18 ? 0.1322 0.1421 0.1383 0.0270  -0.0100 0.0034  15  PRO A O   
135 C CB  . PRO A 18 ? 0.1675 0.1561 0.1222 0.0248  -0.0221 -0.0200 15  PRO A CB  
136 C CG  . PRO A 18 ? 0.1838 0.1607 0.1732 0.0163  -0.0088 -0.0417 15  PRO A CG  
137 C CD  . PRO A 18 ? 0.1445 0.1450 0.1251 0.0031  -0.0093 -0.0292 15  PRO A CD  
138 N N   . SER A 19 ? 0.1217 0.1297 0.1097 -0.0005 -0.0086 0.0080  16  SER A N   
139 C CA  . SER A 19 ? 0.1450 0.1359 0.1323 0.0002  -0.0027 0.0154  16  SER A CA  
140 C C   . SER A 19 ? 0.1325 0.1415 0.1407 0.0083  -0.0078 0.0065  16  SER A C   
141 O O   . SER A 19 ? 0.1717 0.1474 0.1433 0.0056  -0.0086 0.0196  16  SER A O   
142 C CB  . SER A 19 ? 0.2678 0.1744 0.1232 -0.0246 -0.0106 0.0232  16  SER A CB  
143 O OG  . SER A 19 ? 0.3316 0.2483 0.1231 -0.0405 0.0186  -0.0073 16  SER A OG  
144 N N   . ALA A 20 ? 0.1322 0.0964 0.1300 0.0108  -0.0068 0.0036  17  ALA A N   
145 C CA  . ALA A 20 ? 0.1358 0.0969 0.1448 0.0095  -0.0108 -0.0088 17  ALA A CA  
146 C C   . ALA A 20 ? 0.1057 0.1137 0.1242 0.0166  -0.0075 -0.0095 17  ALA A C   
147 O O   . ALA A 20 ? 0.1137 0.1249 0.1524 0.0315  -0.0100 -0.0046 17  ALA A O   
148 C CB  . ALA A 20 ? 0.1436 0.1349 0.1532 0.0028  0.0103  -0.0205 17  ALA A CB  
149 N N   . ASN A 21 ? 0.1031 0.1092 0.1273 0.0153  -0.0171 -0.0057 18  ASN A N   
150 C CA  . ASN A 21 ? 0.1093 0.1102 0.1285 0.0196  -0.0112 -0.0055 18  ASN A CA  
151 C C   . ASN A 21 ? 0.1055 0.1087 0.1298 0.0140  -0.0080 0.0088  18  ASN A C   
152 O O   . ASN A 21 ? 0.1016 0.1206 0.1375 0.0223  -0.0120 0.0170  18  ASN A O   
153 C CB  . ASN A 21 ? 0.1087 0.1060 0.1346 0.0091  -0.0075 -0.0026 18  ASN A CB  
154 C CG  . ASN A 21 ? 0.1015 0.1346 0.1117 0.0125  -0.0144 -0.0082 18  ASN A CG  
155 O OD1 . ASN A 21 ? 0.1268 0.1219 0.1087 0.0273  -0.0125 0.0009  18  ASN A OD1 
156 N ND2 . ASN A 21 ? 0.1279 0.1395 0.1119 0.0317  -0.0072 0.0027  18  ASN A ND2 
157 N N   . GLU A 22 ? 0.1084 0.1251 0.1304 -0.0023 -0.0181 0.0176  19  GLU A N   
158 C CA  A GLU A 22 ? 0.1133 0.1543 0.1328 0.0041  -0.0214 0.0222  19  GLU A CA  
159 C CA  B GLU A 22 ? 0.1150 0.1550 0.1322 0.0035  -0.0202 0.0208  19  GLU A CA  
160 C C   . GLU A 22 ? 0.1139 0.1253 0.1153 -0.0061 -0.0272 0.0140  19  GLU A C   
161 O O   . GLU A 22 ? 0.1320 0.1291 0.1098 0.0097  -0.0172 0.0040  19  GLU A O   
162 C CB  A GLU A 22 ? 0.1227 0.1922 0.1878 -0.0230 -0.0101 0.0124  19  GLU A CB  
163 C CB  B GLU A 22 ? 0.1184 0.1857 0.1674 -0.0159 -0.0155 0.0177  19  GLU A CB  
164 C CG  A GLU A 22 ? 0.2219 0.2515 0.2054 0.0126  -0.0296 -0.0103 19  GLU A CG  
165 C CG  B GLU A 22 ? 0.1974 0.2237 0.1840 0.0097  -0.0311 -0.0080 19  GLU A CG  
166 C CD  A GLU A 22 ? 0.2368 0.3029 0.2827 -0.0204 -0.0046 -0.0595 19  GLU A CD  
167 C CD  B GLU A 22 ? 0.2333 0.2934 0.2686 -0.0435 -0.0292 -0.0259 19  GLU A CD  
168 O OE1 A GLU A 22 ? 0.1883 0.3200 0.3388 0.0124  -0.0193 0.0244  19  GLU A OE1 
169 O OE1 B GLU A 22 ? 0.2774 0.3034 0.3474 -0.1679 0.0005  -0.0915 19  GLU A OE1 
170 O OE2 A GLU A 22 ? 0.3758 0.4855 0.2890 -0.0113 -0.0081 -0.0632 19  GLU A OE2 
171 O OE2 B GLU A 22 ? 0.4487 0.3578 0.3373 -0.0945 -0.0023 -0.1464 19  GLU A OE2 
172 N N   . GLN A 23 ? 0.1214 0.1197 0.1094 -0.0038 -0.0136 0.0151  20  GLN A N   
173 C CA  . GLN A 23 ? 0.1351 0.1202 0.1139 0.0027  -0.0082 0.0078  20  GLN A CA  
174 C C   . GLN A 23 ? 0.1172 0.1176 0.0944 0.0108  -0.0186 0.0140  20  GLN A C   
175 O O   . GLN A 23 ? 0.1294 0.1322 0.1220 0.0010  -0.0009 0.0037  20  GLN A O   
176 C CB  . GLN A 23 ? 0.1325 0.1274 0.1347 0.0150  -0.0051 0.0132  20  GLN A CB  
177 C CG  . GLN A 23 ? 0.1951 0.1338 0.1415 0.0078  -0.0248 0.0000  20  GLN A CG  
178 C CD  . GLN A 23 ? 0.1806 0.1824 0.1408 -0.0087 -0.0474 -0.0029 20  GLN A CD  
179 O OE1 . GLN A 23 ? 0.1702 0.1649 0.1556 0.0183  -0.0218 0.0170  20  GLN A OE1 
180 N NE2 . GLN A 23 ? 0.2613 0.2544 0.2287 -0.0798 -0.0080 -0.0474 20  GLN A NE2 
181 N N   . GLU A 24 ? 0.1131 0.1133 0.0943 0.0140  -0.0118 0.0146  21  GLU A N   
182 C CA  . GLU A 24 ? 0.1083 0.1169 0.1015 0.0168  -0.0085 0.0021  21  GLU A CA  
183 C C   . GLU A 24 ? 0.1073 0.1078 0.1045 0.0049  -0.0099 -0.0055 21  GLU A C   
184 O O   . GLU A 24 ? 0.1094 0.1301 0.1027 0.0049  -0.0108 0.0016  21  GLU A O   
185 C CB  . GLU A 24 ? 0.0912 0.1203 0.1064 0.0090  -0.0351 0.0074  21  GLU A CB  
186 C CG  . GLU A 24 ? 0.0993 0.1348 0.1130 0.0168  -0.0506 0.0074  21  GLU A CG  
187 C CD  . GLU A 24 ? 0.1152 0.1399 0.1105 0.0258  -0.0240 0.0059  21  GLU A CD  
188 O OE1 . GLU A 24 ? 0.1306 0.1716 0.1175 0.0398  -0.0084 -0.0129 21  GLU A OE1 
189 O OE2 . GLU A 24 ? 0.1272 0.1396 0.1323 0.0218  -0.0411 -0.0061 21  GLU A OE2 
190 N N   . LEU A 25 ? 0.1057 0.1130 0.1039 0.0141  -0.0065 0.0038  22  LEU A N   
191 C CA  . LEU A 25 ? 0.1056 0.1175 0.1145 0.0014  -0.0142 0.0142  22  LEU A CA  
192 C C   . LEU A 25 ? 0.0982 0.1213 0.1192 0.0131  -0.0200 0.0119  22  LEU A C   
193 O O   . LEU A 25 ? 0.1148 0.1367 0.1292 0.0120  -0.0020 0.0124  22  LEU A O   
194 C CB  . LEU A 25 ? 0.1075 0.1192 0.1194 0.0136  -0.0084 0.0183  22  LEU A CB  
195 C CG  . LEU A 25 ? 0.1266 0.1352 0.1407 0.0286  -0.0054 0.0074  22  LEU A CG  
196 C CD1 . LEU A 25 ? 0.1291 0.1433 0.1853 0.0107  0.0183  0.0044  22  LEU A CD1 
197 C CD2 . LEU A 25 ? 0.0951 0.1471 0.1652 0.0254  0.0060  -0.0014 22  LEU A CD2 
198 N N   . LYS A 26 ? 0.1275 0.1243 0.1113 0.0064  -0.0022 0.0108  23  LYS A N   
199 C CA  A LYS A 26 ? 0.1314 0.1434 0.0985 -0.0022 -0.0113 0.0180  23  LYS A CA  
200 C CA  B LYS A 26 ? 0.1333 0.1409 0.1108 0.0029  -0.0068 0.0072  23  LYS A CA  
201 C C   . LYS A 26 ? 0.1329 0.1115 0.1169 0.0102  -0.0087 -0.0071 23  LYS A C   
202 O O   . LYS A 26 ? 0.1461 0.1370 0.1150 0.0154  -0.0036 -0.0046 23  LYS A O   
203 C CB  A LYS A 26 ? 0.1553 0.1554 0.1525 0.0020  -0.0107 -0.0090 23  LYS A CB  
204 C CB  B LYS A 26 ? 0.1434 0.1529 0.1572 -0.0013 -0.0087 -0.0077 23  LYS A CB  
205 C CG  A LYS A 26 ? 0.1618 0.1893 0.1818 0.0164  0.0026  0.0072  23  LYS A CG  
206 C CG  B LYS A 26 ? 0.1896 0.1725 0.1657 -0.0044 0.0113  -0.0172 23  LYS A CG  
207 C CD  A LYS A 26 ? 0.2657 0.2236 0.2304 -0.0231 -0.0280 -0.0169 23  LYS A CD  
208 C CD  B LYS A 26 ? 0.2471 0.2093 0.2413 0.0237  -0.0132 0.0054  23  LYS A CD  
209 C CE  A LYS A 26 ? 0.2728 0.3219 0.3094 -0.0232 -0.0246 -0.0572 23  LYS A CE  
210 C CE  B LYS A 26 ? 0.2759 0.2553 0.2744 0.0386  0.0262  0.0117  23  LYS A CE  
211 N NZ  A LYS A 26 ? 0.4079 0.3852 0.4217 -0.0255 -0.0198 0.0009  23  LYS A NZ  
212 N NZ  B LYS A 26 ? 0.3055 0.2385 0.2528 0.0133  0.0017  -0.0248 23  LYS A NZ  
213 N N   . LYS A 27 ? 0.1240 0.1295 0.1231 0.0086  -0.0062 -0.0029 24  LYS A N   
214 C CA  . LYS A 27 ? 0.1268 0.1444 0.1267 -0.0046 0.0136  -0.0044 24  LYS A CA  
215 C C   . LYS A 27 ? 0.1083 0.1284 0.0965 0.0061  -0.0088 -0.0099 24  LYS A C   
216 O O   . LYS A 27 ? 0.1229 0.1423 0.1140 0.0108  0.0055  -0.0019 24  LYS A O   
217 C CB  . LYS A 27 ? 0.1518 0.1382 0.1499 0.0205  -0.0068 -0.0116 24  LYS A CB  
218 C CG  . LYS A 27 ? 0.1656 0.1885 0.2106 0.0161  -0.0062 0.0310  24  LYS A CG  
219 C CD  . LYS A 27 ? 0.2199 0.2739 0.2434 0.0292  -0.0113 -0.0036 24  LYS A CD  
220 C CE  . LYS A 27 ? 0.2606 0.2528 0.2275 0.0066  0.0275  -0.0302 24  LYS A CE  
221 N NZ  . LYS A 27 ? 0.3246 0.2732 0.2697 0.0437  0.0272  -0.0024 24  LYS A NZ  
222 N N   . GLY A 28 ? 0.1038 0.1159 0.1108 0.0174  0.0014  0.0045  25  GLY A N   
223 C CA  . GLY A 28 ? 0.0929 0.1252 0.1029 0.0068  -0.0085 0.0041  25  GLY A CA  
224 C C   . GLY A 28 ? 0.1116 0.1235 0.1002 0.0108  -0.0072 -0.0006 25  GLY A C   
225 O O   . GLY A 28 ? 0.1123 0.1348 0.1210 0.0138  -0.0010 0.0013  25  GLY A O   
226 N N   . TYR A 29 ? 0.1160 0.1299 0.0974 0.0083  -0.0030 0.0150  26  TYR A N   
227 C CA  . TYR A 29 ? 0.1234 0.1311 0.0959 0.0153  -0.0046 0.0155  26  TYR A CA  
228 C C   . TYR A 29 ? 0.0989 0.1394 0.1265 -0.0046 -0.0078 0.0055  26  TYR A C   
229 O O   . TYR A 29 ? 0.1077 0.1445 0.1240 0.0166  0.0053  0.0085  26  TYR A O   
230 C CB  . TYR A 29 ? 0.1225 0.1366 0.1108 0.0231  0.0026  0.0061  26  TYR A CB  
231 C CG  . TYR A 29 ? 0.1186 0.1535 0.0993 0.0153  0.0050  -0.0024 26  TYR A CG  
232 C CD1 . TYR A 29 ? 0.1304 0.1428 0.1139 0.0220  -0.0085 -0.0059 26  TYR A CD1 
233 C CD2 . TYR A 29 ? 0.2264 0.1460 0.1312 0.0055  -0.0344 0.0089  26  TYR A CD2 
234 C CE1 . TYR A 29 ? 0.1337 0.1532 0.1251 0.0228  -0.0125 0.0213  26  TYR A CE1 
235 C CE2 . TYR A 29 ? 0.2970 0.2095 0.1095 -0.0530 -0.0415 0.0133  26  TYR A CE2 
236 C CZ  . TYR A 29 ? 0.1806 0.2026 0.1160 -0.0066 -0.0345 0.0297  26  TYR A CZ  
237 O OH  . TYR A 29 ? 0.3127 0.2804 0.1150 -0.0766 -0.0727 0.0423  26  TYR A OH  
238 N N   . ARG A 30 ? 0.1264 0.1459 0.1152 -0.0004 0.0003  -0.0007 27  ARG A N   
239 C CA  A ARG A 30 ? 0.1570 0.1626 0.1023 0.0051  -0.0035 -0.0220 27  ARG A CA  
240 C CA  B ARG A 30 ? 0.1383 0.1942 0.1569 0.0136  0.0236  -0.0105 27  ARG A CA  
241 C CA  C ARG A 30 ? 0.1391 0.1919 0.1542 0.0132  0.0228  -0.0086 27  ARG A CA  
242 C C   . ARG A 30 ? 0.1350 0.1405 0.1206 0.0269  0.0146  0.0016  27  ARG A C   
243 O O   . ARG A 30 ? 0.1452 0.1791 0.1220 0.0346  0.0227  0.0059  27  ARG A O   
244 C CB  A ARG A 30 ? 0.1802 0.1603 0.1499 0.0106  0.0261  -0.0385 27  ARG A CB  
245 C CB  B ARG A 30 ? 0.1828 0.1921 0.2035 0.0033  0.0221  -0.0162 27  ARG A CB  
246 C CB  C ARG A 30 ? 0.1996 0.1967 0.2037 0.0133  0.0277  -0.0080 27  ARG A CB  
247 C CG  A ARG A 30 ? 0.1992 0.2392 0.2411 -0.0183 0.0152  -0.0321 27  ARG A CG  
248 C CG  B ARG A 30 ? 0.1837 0.2011 0.2263 0.0163  0.0092  -0.0319 27  ARG A CG  
249 C CG  C ARG A 30 ? 0.2295 0.2625 0.2471 -0.0092 0.0059  -0.0163 27  ARG A CG  
250 C CD  A ARG A 30 ? 0.3363 0.2447 0.3163 -0.0257 0.0220  -0.0333 27  ARG A CD  
251 C CD  B ARG A 30 ? 0.2687 0.2493 0.2438 0.0108  -0.0085 -0.0176 27  ARG A CD  
252 C CD  C ARG A 30 ? 0.3058 0.2688 0.2780 0.0009  0.0073  -0.0270 27  ARG A CD  
253 N NE  A ARG A 30 ? 0.3796 0.3226 0.3193 -0.0249 0.0357  0.0078  27  ARG A NE  
254 N NE  B ARG A 30 ? 0.2940 0.2601 0.2838 0.0302  0.0043  -0.0223 27  ARG A NE  
255 N NE  C ARG A 30 ? 0.3146 0.2950 0.2926 -0.0179 0.0032  -0.0349 27  ARG A NE  
256 C CZ  A ARG A 30 ? 0.3125 0.1774 0.4391 -0.0864 0.0087  0.0071  27  ARG A CZ  
257 C CZ  B ARG A 30 ? 0.3588 0.2594 0.2813 -0.0081 -0.0227 -0.0612 27  ARG A CZ  
258 C CZ  C ARG A 30 ? 0.4075 0.3158 0.2890 -0.0179 0.0306  -0.0274 27  ARG A CZ  
259 N NH1 A ARG A 30 ? 0.3193 0.3676 0.5350 -0.0468 0.0721  0.0398  27  ARG A NH1 
260 N NH1 B ARG A 30 ? 0.4418 0.2148 0.3410 0.0173  -0.0238 -0.0447 27  ARG A NH1 
261 N NH1 C ARG A 30 ? 0.4098 0.4049 0.3164 -0.0096 0.0301  -0.0051 27  ARG A NH1 
262 N NH2 A ARG A 30 ? 0.3993 0.3238 0.2956 -0.0317 0.0124  -0.1241 27  ARG A NH2 
263 N NH2 B ARG A 30 ? 0.3644 0.2827 0.3129 0.0098  -0.0204 -0.0572 27  ARG A NH2 
264 N NH2 C ARG A 30 ? 0.4354 0.3058 0.2166 -0.0332 0.0069  -0.0427 27  ARG A NH2 
265 N N   . LYS A 31 ? 0.1353 0.1315 0.1227 0.0158  0.0099  0.0030  28  LYS A N   
266 C CA  A LYS A 31 ? 0.1390 0.1538 0.1175 0.0060  0.0280  -0.0030 28  LYS A CA  
267 C CA  B LYS A 31 ? 0.1380 0.1537 0.1251 0.0064  0.0248  -0.0002 28  LYS A CA  
268 C C   . LYS A 31 ? 0.1066 0.1513 0.1242 0.0078  0.0065  0.0008  28  LYS A C   
269 O O   . LYS A 31 ? 0.1216 0.1562 0.1493 0.0086  0.0258  0.0215  28  LYS A O   
270 C CB  A LYS A 31 ? 0.1457 0.2088 0.1449 0.0140  -0.0029 0.0091  28  LYS A CB  
271 C CB  B LYS A 31 ? 0.1486 0.2067 0.1477 0.0123  -0.0008 0.0094  28  LYS A CB  
272 C CG  A LYS A 31 ? 0.1998 0.2309 0.2701 0.0248  0.0160  0.0385  28  LYS A CG  
273 C CG  B LYS A 31 ? 0.1946 0.2241 0.2592 0.0209  0.0125  0.0351  28  LYS A CG  
274 C CD  A LYS A 31 ? 0.2834 0.3415 0.2865 0.0314  -0.0111 0.0626  28  LYS A CD  
275 C CD  B LYS A 31 ? 0.2635 0.3133 0.2736 0.0209  -0.0069 0.0599  28  LYS A CD  
276 C CE  A LYS A 31 ? 0.3803 0.3433 0.4264 0.0502  -0.0401 0.0536  28  LYS A CE  
277 C CE  B LYS A 31 ? 0.3240 0.3216 0.3974 0.0429  -0.0330 0.0425  28  LYS A CE  
278 N NZ  A LYS A 31 ? 0.3635 0.3650 0.4214 0.0935  -0.0038 0.0298  28  LYS A NZ  
279 N NZ  B LYS A 31 ? 0.3344 0.3454 0.4048 0.0590  0.0017  0.0243  28  LYS A NZ  
280 N N   . ALA A 32 ? 0.1104 0.1326 0.1024 0.0102  0.0028  0.0004  29  ALA A N   
281 C CA  . ALA A 32 ? 0.1118 0.1374 0.1116 -0.0046 0.0068  0.0031  29  ALA A CA  
282 C C   . ALA A 32 ? 0.1172 0.1464 0.1217 0.0089  0.0053  0.0099  29  ALA A C   
283 O O   . ALA A 32 ? 0.1388 0.1636 0.1196 -0.0016 0.0131  0.0154  29  ALA A O   
284 C CB  . ALA A 32 ? 0.1583 0.1625 0.0992 0.0217  0.0064  0.0010  29  ALA A CB  
285 N N   . ALA A 33 ? 0.1161 0.1715 0.0992 0.0150  0.0044  0.0125  30  ALA A N   
286 C CA  . ALA A 33 ? 0.1280 0.1926 0.1000 0.0185  -0.0060 0.0015  30  ALA A CA  
287 C C   . ALA A 33 ? 0.1275 0.1702 0.1194 0.0089  0.0035  0.0128  30  ALA A C   
288 O O   . ALA A 33 ? 0.1193 0.2110 0.1128 0.0100  0.0007  0.0220  30  ALA A O   
289 C CB  . ALA A 33 ? 0.1331 0.1893 0.1115 0.0151  -0.0029 0.0029  30  ALA A CB  
290 N N   . LEU A 34 ? 0.1224 0.1889 0.1058 0.0146  0.0089  0.0028  31  LEU A N   
291 C CA  . LEU A 34 ? 0.1266 0.1964 0.1198 0.0197  0.0139  0.0019  31  LEU A CA  
292 C C   . LEU A 34 ? 0.1189 0.2138 0.1296 0.0077  0.0096  0.0000  31  LEU A C   
293 O O   . LEU A 34 ? 0.1467 0.2786 0.1430 0.0031  0.0372  0.0040  31  LEU A O   
294 C CB  . LEU A 34 ? 0.1518 0.1983 0.1653 0.0128  0.0211  0.0282  31  LEU A CB  
295 C CG  . LEU A 34 ? 0.1841 0.2265 0.2007 0.0228  0.0355  -0.0095 31  LEU A CG  
296 C CD1 . LEU A 34 ? 0.2407 0.2635 0.2620 0.0547  0.0566  0.0336  31  LEU A CD1 
297 C CD2 . LEU A 34 ? 0.2265 0.2415 0.2007 0.0327  0.0117  -0.0498 31  LEU A CD2 
298 N N   . LYS A 35 ? 0.1474 0.1975 0.1173 0.0186  -0.0226 0.0171  32  LYS A N   
299 C CA  A LYS A 35 ? 0.1656 0.2167 0.1536 -0.0022 0.0023  0.0160  32  LYS A CA  
300 C CA  B LYS A 35 ? 0.1634 0.2121 0.1562 -0.0007 -0.0009 0.0152  32  LYS A CA  
301 C C   . LYS A 35 ? 0.1202 0.1767 0.1562 -0.0079 0.0073  0.0026  32  LYS A C   
302 O O   . LYS A 35 ? 0.1224 0.2150 0.1783 -0.0101 0.0110  0.0177  32  LYS A O   
303 C CB  A LYS A 35 ? 0.1735 0.2356 0.1810 -0.0184 -0.0219 -0.0103 32  LYS A CB  
304 C CB  B LYS A 35 ? 0.1768 0.2408 0.1725 -0.0193 -0.0234 -0.0012 32  LYS A CB  
305 C CG  A LYS A 35 ? 0.2201 0.2508 0.1808 -0.0192 -0.0188 -0.0139 32  LYS A CG  
306 C CG  B LYS A 35 ? 0.2013 0.2550 0.1938 -0.0229 -0.0395 -0.0019 32  LYS A CG  
307 C CD  A LYS A 35 ? 0.1649 0.2295 0.1618 -0.0317 -0.0291 -0.0067 32  LYS A CD  
308 C CD  B LYS A 35 ? 0.1973 0.2157 0.1812 -0.0164 -0.0265 -0.0020 32  LYS A CD  
309 C CE  A LYS A 35 ? 0.1917 0.2063 0.1936 0.0385  0.0025  0.0165  32  LYS A CE  
310 C CE  B LYS A 35 ? 0.1844 0.2180 0.1850 -0.0183 -0.0366 0.0039  32  LYS A CE  
311 N NZ  A LYS A 35 ? 0.2645 0.2105 0.2062 -0.0807 0.0020  -0.0638 32  LYS A NZ  
312 N NZ  B LYS A 35 ? 0.2553 0.2295 0.1778 -0.0768 0.0263  -0.0438 32  LYS A NZ  
313 N N   . TYR A 36 ? 0.1117 0.1947 0.1150 -0.0058 -0.0085 -0.0113 33  TYR A N   
314 C CA  . TYR A 36 ? 0.1280 0.1853 0.1159 -0.0053 0.0019  -0.0020 33  TYR A CA  
315 C C   . TYR A 36 ? 0.0991 0.1752 0.1265 -0.0163 0.0035  0.0008  33  TYR A C   
316 O O   . TYR A 36 ? 0.1317 0.1874 0.1248 -0.0108 -0.0003 -0.0014 33  TYR A O   
317 C CB  . TYR A 36 ? 0.1297 0.2099 0.1121 0.0112  -0.0078 0.0022  33  TYR A CB  
318 C CG  . TYR A 36 ? 0.1566 0.1726 0.1104 0.0221  -0.0061 -0.0087 33  TYR A CG  
319 C CD1 . TYR A 36 ? 0.1545 0.2134 0.1396 0.0112  -0.0262 -0.0264 33  TYR A CD1 
320 C CD2 . TYR A 36 ? 0.2390 0.1737 0.1194 0.0070  -0.0045 -0.0216 33  TYR A CD2 
321 C CE1 . TYR A 36 ? 0.1831 0.2016 0.1562 0.0092  -0.0352 -0.0310 33  TYR A CE1 
322 C CE2 . TYR A 36 ? 0.2635 0.2084 0.1254 0.0175  -0.0336 -0.0221 33  TYR A CE2 
323 C CZ  . TYR A 36 ? 0.2339 0.2120 0.1341 0.0233  -0.0520 -0.0178 33  TYR A CZ  
324 O OH  . TYR A 36 ? 0.3284 0.3035 0.1549 0.0430  -0.1013 -0.0498 33  TYR A OH  
325 N N   . HIS A 37 ? 0.1321 0.1727 0.0960 0.0101  -0.0093 0.0141  34  HIS A N   
326 C CA  . HIS A 37 ? 0.1189 0.1853 0.1049 -0.0036 -0.0092 -0.0120 34  HIS A CA  
327 C C   . HIS A 37 ? 0.1412 0.2053 0.1339 -0.0110 0.0057  -0.0064 34  HIS A C   
328 O O   . HIS A 37 ? 0.1423 0.2118 0.1193 -0.0141 -0.0007 -0.0048 34  HIS A O   
329 C CB  . HIS A 37 ? 0.1378 0.1770 0.1128 -0.0136 -0.0047 -0.0051 34  HIS A CB  
330 C CG  . HIS A 37 ? 0.1324 0.2041 0.1060 -0.0047 0.0066  0.0018  34  HIS A CG  
331 N ND1 . HIS A 37 ? 0.1531 0.2194 0.1207 -0.0344 -0.0020 0.0015  34  HIS A ND1 
332 C CD2 . HIS A 37 ? 0.1571 0.1930 0.1167 -0.0233 -0.0007 0.0077  34  HIS A CD2 
333 C CE1 . HIS A 37 ? 0.1738 0.2157 0.1044 -0.0307 -0.0073 -0.0114 34  HIS A CE1 
334 N NE2 . HIS A 37 ? 0.1592 0.2319 0.1225 -0.0252 -0.0270 -0.0039 34  HIS A NE2 
335 N N   . PRO A 38 ? 0.1369 0.2095 0.1326 -0.0124 0.0014  0.0036  35  PRO A N   
336 C CA  . PRO A 38 ? 0.1611 0.2018 0.1495 -0.0164 -0.0021 0.0044  35  PRO A CA  
337 C C   . PRO A 38 ? 0.1673 0.2232 0.1197 -0.0181 -0.0062 0.0173  35  PRO A C   
338 O O   . PRO A 38 ? 0.2004 0.2902 0.2060 -0.0542 0.0386  0.0123  35  PRO A O   
339 C CB  . PRO A 38 ? 0.2009 0.2545 0.1998 0.0088  0.0167  0.0643  35  PRO A CB  
340 C CG  . PRO A 38 ? 0.1730 0.2482 0.2216 -0.0089 -0.0281 0.0654  35  PRO A CG  
341 C CD  . PRO A 38 ? 0.1383 0.2106 0.1320 -0.0058 -0.0053 0.0196  35  PRO A CD  
342 N N   . ASP A 39 ? 0.1548 0.2409 0.1130 -0.0196 0.0127  -0.0012 36  ASP A N   
343 C CA  . ASP A 39 ? 0.1660 0.2852 0.1490 -0.0164 0.0428  0.0018  36  ASP A CA  
344 C C   . ASP A 39 ? 0.1695 0.3099 0.1420 -0.0011 0.0198  -0.0123 36  ASP A C   
345 O O   . ASP A 39 ? 0.1886 0.4562 0.1939 0.0366  0.0352  -0.0300 36  ASP A O   
346 C CB  . ASP A 39 ? 0.2188 0.3282 0.1573 -0.0119 -0.0040 -0.0280 36  ASP A CB  
347 C CG  . ASP A 39 ? 0.2726 0.3094 0.1488 -0.0413 -0.0325 -0.0158 36  ASP A CG  
348 O OD1 . ASP A 39 ? 0.3989 0.4010 0.1467 -0.0395 -0.0713 0.0291  36  ASP A OD1 
349 O OD2 . ASP A 39 ? 0.2621 0.4166 0.1941 -0.0418 -0.0243 -0.0785 36  ASP A OD2 
350 N N   . LYS A 40 ? 0.1716 0.2590 0.1413 -0.0137 -0.0091 -0.0205 37  LYS A N   
351 C CA  A LYS A 40 ? 0.1779 0.2570 0.1469 0.0137  0.0195  -0.0138 37  LYS A CA  
352 C CA  B LYS A 40 ? 0.1748 0.2577 0.1533 0.0110  0.0100  -0.0128 37  LYS A CA  
353 C C   . LYS A 40 ? 0.1758 0.2813 0.1441 -0.0060 0.0168  -0.0156 37  LYS A C   
354 O O   . LYS A 40 ? 0.1644 0.3060 0.1706 -0.0082 0.0089  -0.0265 37  LYS A O   
355 C CB  A LYS A 40 ? 0.2055 0.3029 0.1322 0.0254  0.0087  -0.0072 37  LYS A CB  
356 C CB  B LYS A 40 ? 0.2054 0.2863 0.1517 0.0203  0.0105  -0.0032 37  LYS A CB  
357 C CG  A LYS A 40 ? 0.2228 0.3014 0.1981 0.0247  0.0491  0.0379  37  LYS A CG  
358 C CG  B LYS A 40 ? 0.2172 0.2881 0.2062 0.0135  0.0385  0.0222  37  LYS A CG  
359 C CD  A LYS A 40 ? 0.2949 0.3255 0.3177 0.0513  0.0632  0.0157  37  LYS A CD  
360 C CD  B LYS A 40 ? 0.2869 0.2788 0.2802 0.0122  0.0412  0.0006  37  LYS A CD  
361 C CE  A LYS A 40 ? 0.3566 0.3314 0.3625 0.0424  0.0425  0.0307  37  LYS A CE  
362 C CE  B LYS A 40 ? 0.2936 0.3127 0.2985 0.0246  0.0263  0.0149  37  LYS A CE  
363 N NZ  A LYS A 40 ? 0.3246 0.3950 0.3724 0.0727  0.0385  0.0367  37  LYS A NZ  
364 N NZ  B LYS A 40 ? 0.2979 0.3701 0.3560 0.0344  0.0512  0.0400  37  LYS A NZ  
365 N N   . PRO A 41 ? 0.1965 0.3058 0.1913 0.0076  0.0062  -0.0489 38  PRO A N   
366 C CA  A PRO A 41 ? 0.2208 0.3429 0.2193 -0.0245 0.0172  -0.0447 38  PRO A CA  
367 C CA  B PRO A 41 ? 0.2127 0.3174 0.2225 -0.0132 0.0145  -0.0317 38  PRO A CA  
368 C C   . PRO A 41 ? 0.1631 0.3080 0.2292 -0.0440 0.0279  -0.0306 38  PRO A C   
369 O O   . PRO A 41 ? 0.2234 0.3698 0.2102 -0.0735 0.0644  -0.0436 38  PRO A O   
370 C CB  A PRO A 41 ? 0.1860 0.3541 0.3121 -0.0189 0.0146  -0.0653 38  PRO A CB  
371 C CB  B PRO A 41 ? 0.2046 0.2995 0.2826 -0.0088 0.0166  -0.0427 38  PRO A CB  
372 C CG  A PRO A 41 ? 0.1525 0.3508 0.3052 0.0313  -0.0067 -0.0576 38  PRO A CG  
373 C CG  B PRO A 41 ? 0.1932 0.2907 0.2390 0.0173  0.0042  -0.0309 38  PRO A CG  
374 C CD  A PRO A 41 ? 0.1594 0.3349 0.2616 0.0151  0.0065  -0.0635 38  PRO A CD  
375 C CD  B PRO A 41 ? 0.1894 0.3177 0.2364 0.0070  0.0068  -0.0277 38  PRO A CD  
376 N N   . THR A 42 ? 0.1281 0.3190 0.1920 -0.0223 0.0138  -0.0493 39  THR A N   
377 C CA  . THR A 42 ? 0.1404 0.3099 0.1916 -0.0274 0.0078  -0.0443 39  THR A CA  
378 C C   . THR A 42 ? 0.1349 0.2924 0.1642 -0.0283 0.0133  -0.0371 39  THR A C   
379 O O   . THR A 42 ? 0.1562 0.2768 0.1705 -0.0420 0.0269  -0.0390 39  THR A O   
380 C CB  . THR A 42 ? 0.1443 0.3378 0.2041 0.0128  0.0070  -0.0231 39  THR A CB  
381 O OG1 . THR A 42 ? 0.1361 0.3362 0.2735 0.0152  0.0085  0.0275  39  THR A OG1 
382 C CG2 . THR A 42 ? 0.1542 0.3783 0.2469 0.0063  -0.0289 -0.0388 39  THR A CG2 
383 N N   . GLY A 43 ? 0.1295 0.2542 0.1672 -0.0269 0.0170  -0.0163 40  GLY A N   
384 C CA  . GLY A 43 ? 0.1454 0.2319 0.1435 -0.0113 0.0265  -0.0148 40  GLY A CA  
385 C C   . GLY A 43 ? 0.1393 0.2079 0.1690 -0.0136 0.0155  -0.0023 40  GLY A C   
386 O O   . GLY A 43 ? 0.1779 0.2770 0.1762 -0.0594 0.0253  -0.0165 40  GLY A O   
387 N N   . ASP A 44 ? 0.1161 0.2207 0.1386 -0.0332 0.0027  -0.0059 41  ASP A N   
388 C CA  . ASP A 44 ? 0.1502 0.1901 0.1394 -0.0325 0.0026  0.0206  41  ASP A CA  
389 C C   . ASP A 44 ? 0.1524 0.2020 0.1242 -0.0206 0.0131  0.0020  41  ASP A C   
390 O O   . ASP A 44 ? 0.1513 0.2211 0.1269 -0.0285 0.0050  0.0040  41  ASP A O   
391 C CB  . ASP A 44 ? 0.1582 0.2305 0.1564 -0.0306 -0.0132 -0.0019 41  ASP A CB  
392 C CG  . ASP A 44 ? 0.1806 0.2600 0.2173 -0.0317 -0.0135 -0.0339 41  ASP A CG  
393 O OD1 . ASP A 44 ? 0.1813 0.2127 0.1831 -0.0282 -0.0092 -0.0195 41  ASP A OD1 
394 O OD2 . ASP A 44 ? 0.2126 0.2792 0.2520 -0.0378 -0.0364 -0.0622 41  ASP A OD2 
395 N N   . THR A 45 ? 0.1512 0.2099 0.1315 -0.0218 -0.0051 -0.0001 42  THR A N   
396 C CA  . THR A 45 ? 0.1582 0.2216 0.1052 -0.0365 0.0018  0.0113  42  THR A CA  
397 C C   . THR A 45 ? 0.1644 0.1756 0.1096 -0.0103 -0.0162 0.0072  42  THR A C   
398 O O   . THR A 45 ? 0.1570 0.1897 0.1105 -0.0188 -0.0208 0.0073  42  THR A O   
399 C CB  . THR A 45 ? 0.1919 0.2283 0.1261 -0.0099 -0.0283 -0.0004 42  THR A CB  
400 O OG1 . THR A 45 ? 0.2360 0.2872 0.1139 -0.0075 -0.0049 0.0034  42  THR A OG1 
401 C CG2 . THR A 45 ? 0.1990 0.1933 0.1324 -0.0054 -0.0110 0.0195  42  THR A CG2 
402 N N   . GLU A 46 ? 0.1783 0.1622 0.1299 -0.0220 0.0107  0.0052  43  GLU A N   
403 C CA  . GLU A 46 ? 0.1964 0.1695 0.1419 -0.0108 0.0033  0.0019  43  GLU A CA  
404 C C   . GLU A 46 ? 0.1790 0.1598 0.1206 -0.0131 -0.0037 -0.0192 43  GLU A C   
405 O O   . GLU A 46 ? 0.1684 0.2058 0.1162 -0.0169 -0.0083 -0.0201 43  GLU A O   
406 C CB  . GLU A 46 ? 0.2540 0.1817 0.1885 -0.0356 0.0189  -0.0095 43  GLU A CB  
407 C CG  . GLU A 46 ? 0.3009 0.1928 0.2371 -0.0086 -0.0060 0.0040  43  GLU A CG  
408 C CD  . GLU A 46 ? 0.3074 0.3274 0.2272 -0.0183 -0.0186 -0.0123 43  GLU A CD  
409 O OE1 . GLU A 46 ? 0.3425 0.3116 0.2750 0.0557  0.0148  0.0516  43  GLU A OE1 
410 O OE2 . GLU A 46 ? 0.3819 0.3803 0.2314 -0.0333 -0.0581 0.0270  43  GLU A OE2 
411 N N   . LYS A 47 ? 0.1671 0.1800 0.1151 -0.0228 -0.0008 -0.0159 44  LYS A N   
412 C CA  A LYS A 47 ? 0.1515 0.2040 0.1363 -0.0279 0.0078  0.0074  44  LYS A CA  
413 C CA  B LYS A 47 ? 0.1518 0.2038 0.1365 -0.0276 0.0077  0.0072  44  LYS A CA  
414 C C   . LYS A 47 ? 0.1464 0.1761 0.1076 0.0009  0.0110  0.0008  44  LYS A C   
415 O O   . LYS A 47 ? 0.1235 0.2033 0.1041 -0.0191 -0.0151 0.0025  44  LYS A O   
416 C CB  A LYS A 47 ? 0.1668 0.2595 0.2178 -0.0315 -0.0137 0.0177  44  LYS A CB  
417 C CB  B LYS A 47 ? 0.1671 0.2566 0.2267 -0.0291 -0.0142 0.0165  44  LYS A CB  
418 C CG  A LYS A 47 ? 0.2333 0.2739 0.2465 0.0005  -0.0525 0.0574  44  LYS A CG  
419 C CG  B LYS A 47 ? 0.2494 0.2696 0.2534 0.0106  -0.0435 0.0566  44  LYS A CG  
420 C CD  A LYS A 47 ? 0.2563 0.3019 0.2037 -0.0267 -0.0319 0.0165  44  LYS A CD  
421 C CD  B LYS A 47 ? 0.2501 0.3028 0.2665 0.0002  -0.0325 0.0134  44  LYS A CD  
422 C CE  A LYS A 47 ? 0.1780 0.2812 0.1915 -0.0328 -0.0431 0.0107  44  LYS A CE  
423 C CE  B LYS A 47 ? 0.3073 0.2714 0.2630 -0.0147 0.0311  -0.0015 44  LYS A CE  
424 N NZ  A LYS A 47 ? 0.1848 0.1730 0.0823 -0.0374 -0.0253 0.0473  44  LYS A NZ  
425 N NZ  B LYS A 47 ? 0.2219 0.2431 0.2514 -0.0417 -0.0245 -0.0112 44  LYS A NZ  
426 N N   . PHE A 48 ? 0.1356 0.1749 0.0968 -0.0078 -0.0018 0.0007  45  PHE A N   
427 C CA  . PHE A 48 ? 0.1396 0.1640 0.0956 -0.0027 -0.0139 0.0044  45  PHE A CA  
428 C C   . PHE A 48 ? 0.1481 0.1352 0.0912 -0.0021 -0.0160 -0.0018 45  PHE A C   
429 O O   . PHE A 48 ? 0.1308 0.1462 0.0952 0.0049  -0.0201 0.0048  45  PHE A O   
430 C CB  . PHE A 48 ? 0.1150 0.1668 0.1037 -0.0029 -0.0020 0.0180  45  PHE A CB  
431 C CG  . PHE A 48 ? 0.1228 0.1535 0.0957 0.0017  -0.0005 0.0099  45  PHE A CG  
432 C CD1 . PHE A 48 ? 0.1317 0.1620 0.1225 0.0090  0.0128  0.0271  45  PHE A CD1 
433 C CD2 . PHE A 48 ? 0.1329 0.1592 0.1080 0.0071  -0.0137 0.0079  45  PHE A CD2 
434 C CE1 . PHE A 48 ? 0.1240 0.1696 0.1078 0.0085  -0.0056 0.0164  45  PHE A CE1 
435 C CE2 . PHE A 48 ? 0.1327 0.1518 0.0894 -0.0004 -0.0144 0.0174  45  PHE A CE2 
436 C CZ  . PHE A 48 ? 0.1418 0.1478 0.0968 0.0002  -0.0168 0.0067  45  PHE A CZ  
437 N N   . LYS A 49 ? 0.1307 0.1380 0.0897 -0.0016 -0.0131 -0.0007 46  LYS A N   
438 C CA  . LYS A 49 ? 0.1305 0.1584 0.0964 0.0033  -0.0090 -0.0045 46  LYS A CA  
439 C C   . LYS A 49 ? 0.1251 0.1347 0.0941 0.0007  -0.0089 -0.0020 46  LYS A C   
440 O O   . LYS A 49 ? 0.1238 0.1713 0.1050 -0.0022 -0.0185 0.0112  46  LYS A O   
441 C CB  . LYS A 49 ? 0.1313 0.1631 0.1177 0.0003  -0.0196 -0.0040 46  LYS A CB  
442 C CG  . LYS A 49 ? 0.1471 0.1889 0.1158 -0.0118 -0.0260 0.0191  46  LYS A CG  
443 C CD  . LYS A 49 ? 0.2341 0.2186 0.1646 0.0265  -0.0012 0.0265  46  LYS A CD  
444 C CE  . LYS A 49 ? 0.2397 0.2520 0.1737 0.0033  -0.0173 0.0091  46  LYS A CE  
445 N NZ  . LYS A 49 ? 0.3299 0.2489 0.2724 -0.0079 -0.0397 0.0472  46  LYS A NZ  
446 N N   . GLU A 50 ? 0.1192 0.1539 0.0942 -0.0104 -0.0034 0.0085  47  GLU A N   
447 C CA  . GLU A 50 ? 0.1258 0.1552 0.0894 -0.0021 -0.0032 -0.0027 47  GLU A CA  
448 C C   . GLU A 50 ? 0.1228 0.1480 0.0895 -0.0029 -0.0094 -0.0059 47  GLU A C   
449 O O   . GLU A 50 ? 0.1166 0.1506 0.0917 -0.0002 -0.0092 -0.0009 47  GLU A O   
450 C CB  . GLU A 50 ? 0.1570 0.1583 0.0854 -0.0073 -0.0102 -0.0048 47  GLU A CB  
451 C CG  . GLU A 50 ? 0.1528 0.1622 0.1242 -0.0068 0.0035  -0.0063 47  GLU A CG  
452 C CD  . GLU A 50 ? 0.1850 0.1917 0.1539 -0.0229 -0.0096 -0.0344 47  GLU A CD  
453 O OE1 . GLU A 50 ? 0.1851 0.2678 0.2015 -0.0254 -0.0048 -0.0304 47  GLU A OE1 
454 O OE2 . GLU A 50 ? 0.2073 0.2295 0.1690 -0.0147 -0.0008 -0.0309 47  GLU A OE2 
455 N N   . ILE A 51 ? 0.1276 0.1479 0.0869 -0.0014 -0.0062 -0.0060 48  ILE A N   
456 C CA  A ILE A 51 ? 0.1190 0.1431 0.0979 0.0034  0.0059  -0.0218 48  ILE A CA  
457 C CA  B ILE A 51 ? 0.1235 0.1415 0.1009 0.0026  0.0007  -0.0163 48  ILE A CA  
458 C C   . ILE A 51 ? 0.1376 0.1252 0.0922 0.0093  -0.0141 -0.0199 48  ILE A C   
459 O O   . ILE A 51 ? 0.1256 0.1638 0.0926 -0.0083 -0.0125 0.0007  48  ILE A O   
460 C CB  A ILE A 51 ? 0.1333 0.1614 0.1382 0.0203  0.0049  -0.0059 48  ILE A CB  
461 C CB  B ILE A 51 ? 0.1277 0.1543 0.1330 0.0166  -0.0034 -0.0108 48  ILE A CB  
462 C CG1 A ILE A 51 ? 0.1427 0.1542 0.1254 0.0282  -0.0204 -0.0155 48  ILE A CG1 
463 C CG1 B ILE A 51 ? 0.1345 0.1555 0.1427 0.0215  -0.0120 -0.0122 48  ILE A CG1 
464 C CG2 A ILE A 51 ? 0.1184 0.1296 0.1357 0.0362  0.0083  -0.0069 48  ILE A CG2 
465 C CG2 B ILE A 51 ? 0.1241 0.1481 0.1327 0.0146  0.0050  -0.0121 48  ILE A CG2 
466 C CD1 A ILE A 51 ? 0.1358 0.1685 0.1473 0.0120  -0.0145 0.0026  48  ILE A CD1 
467 C CD1 B ILE A 51 ? 0.1376 0.1570 0.1435 0.0024  -0.0131 0.0042  48  ILE A CD1 
468 N N   . SER A 52 ? 0.1252 0.1401 0.0879 0.0065  -0.0013 -0.0046 49  SER A N   
469 C CA  . SER A 52 ? 0.1277 0.1383 0.0977 0.0100  -0.0124 -0.0090 49  SER A CA  
470 C C   . SER A 52 ? 0.1261 0.1383 0.0886 -0.0120 -0.0149 -0.0084 49  SER A C   
471 O O   . SER A 52 ? 0.1227 0.1610 0.1010 -0.0021 -0.0064 -0.0080 49  SER A O   
472 C CB  . SER A 52 ? 0.1082 0.1613 0.0952 -0.0102 -0.0107 -0.0084 49  SER A CB  
473 O OG  . SER A 52 ? 0.1306 0.1961 0.1132 -0.0100 0.0143  -0.0262 49  SER A OG  
474 N N   . GLU A 53 ? 0.1104 0.1431 0.0935 -0.0036 -0.0076 -0.0041 50  GLU A N   
475 C CA  . GLU A 53 ? 0.0962 0.1535 0.0936 -0.0070 -0.0090 -0.0080 50  GLU A CA  
476 C C   . GLU A 53 ? 0.1093 0.1319 0.0969 0.0060  -0.0064 -0.0131 50  GLU A C   
477 O O   . GLU A 53 ? 0.1093 0.1525 0.1032 0.0083  -0.0120 -0.0112 50  GLU A O   
478 C CB  . GLU A 53 ? 0.1251 0.1508 0.0797 -0.0006 -0.0143 -0.0095 50  GLU A CB  
479 C CG  . GLU A 53 ? 0.1366 0.1576 0.1133 -0.0016 0.0021  -0.0106 50  GLU A CG  
480 C CD  . GLU A 53 ? 0.1362 0.1563 0.1053 0.0108  0.0005  -0.0048 50  GLU A CD  
481 O OE1 . GLU A 53 ? 0.1308 0.1419 0.1225 0.0128  -0.0017 0.0060  50  GLU A OE1 
482 O OE2 . GLU A 53 ? 0.1235 0.1712 0.1515 0.0141  -0.0033 -0.0086 50  GLU A OE2 
483 N N   . ALA A 54 ? 0.1026 0.1329 0.0951 0.0080  0.0001  0.0042  51  ALA A N   
484 C CA  . ALA A 54 ? 0.0994 0.1320 0.0861 0.0115  0.0120  0.0046  51  ALA A CA  
485 C C   . ALA A 54 ? 0.1018 0.1276 0.0886 0.0099  -0.0107 -0.0035 51  ALA A C   
486 O O   . ALA A 54 ? 0.1073 0.1390 0.0941 0.0022  -0.0070 0.0013  51  ALA A O   
487 C CB  . ALA A 54 ? 0.1134 0.1547 0.1065 -0.0009 -0.0101 -0.0060 51  ALA A CB  
488 N N   . PHE A 55 ? 0.1026 0.1280 0.1118 0.0111  0.0003  -0.0162 52  PHE A N   
489 C CA  . PHE A 55 ? 0.1058 0.1419 0.0918 0.0092  0.0058  0.0001  52  PHE A CA  
490 C C   . PHE A 55 ? 0.1204 0.1035 0.1103 0.0114  -0.0076 -0.0100 52  PHE A C   
491 O O   . PHE A 55 ? 0.1194 0.1277 0.1306 0.0027  -0.0029 -0.0194 52  PHE A O   
492 C CB  . PHE A 55 ? 0.1155 0.1419 0.1026 0.0140  -0.0053 -0.0141 52  PHE A CB  
493 C CG  . PHE A 55 ? 0.1102 0.1473 0.1371 0.0155  -0.0076 -0.0259 52  PHE A CG  
494 C CD1 . PHE A 55 ? 0.1203 0.1403 0.1366 0.0226  -0.0036 -0.0231 52  PHE A CD1 
495 C CD2 . PHE A 55 ? 0.1738 0.1604 0.1569 0.0173  -0.0617 -0.0104 52  PHE A CD2 
496 C CE1 . PHE A 55 ? 0.1157 0.1474 0.1566 0.0306  -0.0042 -0.0099 52  PHE A CE1 
497 C CE2 . PHE A 55 ? 0.2122 0.1700 0.1951 -0.0011 -0.0743 -0.0386 52  PHE A CE2 
498 C CZ  . PHE A 55 ? 0.1749 0.1236 0.2087 0.0101  -0.0221 -0.0315 52  PHE A CZ  
499 N N   . GLU A 56 ? 0.1120 0.1304 0.1160 0.0055  -0.0086 -0.0047 53  GLU A N   
500 C CA  A GLU A 56 ? 0.1156 0.1613 0.1362 0.0073  -0.0155 -0.0206 53  GLU A CA  
501 C CA  B GLU A 56 ? 0.1148 0.1613 0.1366 0.0089  -0.0145 -0.0195 53  GLU A CA  
502 C CA  C GLU A 56 ? 0.1148 0.1593 0.1360 0.0056  -0.0151 -0.0203 53  GLU A CA  
503 C C   . GLU A 56 ? 0.1146 0.1389 0.1277 0.0196  -0.0240 -0.0143 53  GLU A C   
504 O O   . GLU A 56 ? 0.1321 0.1447 0.1952 -0.0064 -0.0045 -0.0380 53  GLU A O   
505 C CB  A GLU A 56 ? 0.1476 0.2039 0.1338 -0.0088 -0.0268 -0.0032 53  GLU A CB  
506 C CB  B GLU A 56 ? 0.1480 0.2078 0.1273 -0.0089 -0.0298 -0.0057 53  GLU A CB  
507 C CB  C GLU A 56 ? 0.1356 0.2009 0.1364 -0.0104 -0.0363 -0.0061 53  GLU A CB  
508 C CG  A GLU A 56 ? 0.1638 0.2463 0.2018 -0.0373 -0.0526 0.0087  53  GLU A CG  
509 C CG  B GLU A 56 ? 0.1633 0.2589 0.2056 0.0238  -0.0428 0.0072  53  GLU A CG  
510 C CG  C GLU A 56 ? 0.1294 0.2246 0.2541 -0.0473 -0.0313 -0.0006 53  GLU A CG  
511 C CD  A GLU A 56 ? 0.1847 0.2768 0.2360 -0.0122 -0.0276 0.0287  53  GLU A CD  
512 C CD  B GLU A 56 ? 0.0772 0.3276 0.2669 0.0212  -0.0056 -0.0096 53  GLU A CD  
513 C CD  C GLU A 56 ? 0.1825 0.3153 0.2836 0.0054  -0.0351 0.0451  53  GLU A CD  
514 O OE1 A GLU A 56 ? 0.1596 0.3134 0.2627 -0.0102 0.0203  -0.0208 53  GLU A OE1 
515 O OE1 B GLU A 56 ? 0.1742 0.3285 0.2408 0.0177  -0.0283 -0.0375 53  GLU A OE1 
516 O OE1 C GLU A 56 ? 0.2471 0.3649 0.2226 0.0154  -0.0493 0.1565  53  GLU A OE1 
517 O OE2 A GLU A 56 ? 0.1913 0.3787 0.3707 -0.0467 -0.0516 0.0793  53  GLU A OE2 
518 O OE2 B GLU A 56 ? 0.0793 0.4729 0.2472 0.0607  -0.0198 -0.0328 53  GLU A OE2 
519 O OE2 C GLU A 56 ? 0.1994 0.4049 0.3530 0.0670  -0.0411 0.1159  53  GLU A OE2 
520 N N   . ILE A 57 ? 0.0769 0.1477 0.1268 0.0026  -0.0168 -0.0140 54  ILE A N   
521 C CA  . ILE A 57 ? 0.0952 0.1468 0.1249 0.0045  0.0001  0.0014  54  ILE A CA  
522 C C   . ILE A 57 ? 0.0952 0.1265 0.1207 0.0072  -0.0153 -0.0125 54  ILE A C   
523 O O   . ILE A 57 ? 0.0948 0.1554 0.1592 0.0176  0.0051  -0.0060 54  ILE A O   
524 C CB  . ILE A 57 ? 0.0991 0.1298 0.1270 0.0256  -0.0095 -0.0014 54  ILE A CB  
525 C CG1 . ILE A 57 ? 0.1217 0.1267 0.1428 0.0299  -0.0195 -0.0026 54  ILE A CG1 
526 C CG2 . ILE A 57 ? 0.0987 0.1214 0.1350 0.0122  -0.0033 0.0135  54  ILE A CG2 
527 C CD1 . ILE A 57 ? 0.1482 0.1223 0.1370 0.0306  -0.0014 0.0124  54  ILE A CD1 
528 N N   . LEU A 58 ? 0.0997 0.1274 0.1149 0.0177  -0.0124 -0.0045 55  LEU A N   
529 C CA  . LEU A 58 ? 0.0947 0.1108 0.1217 0.0173  0.0153  0.0059  55  LEU A CA  
530 C C   . LEU A 58 ? 0.1154 0.1081 0.1287 0.0239  -0.0011 0.0023  55  LEU A C   
531 O O   . LEU A 58 ? 0.1243 0.1313 0.1386 0.0160  -0.0018 0.0040  55  LEU A O   
532 C CB  . LEU A 58 ? 0.1056 0.1295 0.1095 0.0177  -0.0013 0.0024  55  LEU A CB  
533 C CG  . LEU A 58 ? 0.1044 0.1351 0.0977 0.0148  -0.0076 0.0029  55  LEU A CG  
534 C CD1 . LEU A 58 ? 0.1062 0.1212 0.0966 0.0095  -0.0084 -0.0029 55  LEU A CD1 
535 C CD2 . LEU A 58 ? 0.1139 0.1403 0.1061 0.0073  0.0008  -0.0025 55  LEU A CD2 
536 N N   . ASN A 59 ? 0.1003 0.1328 0.1285 0.0082  0.0077  -0.0083 56  ASN A N   
537 C CA  . ASN A 59 ? 0.1129 0.1368 0.1776 0.0182  0.0097  -0.0039 56  ASN A CA  
538 C C   . ASN A 59 ? 0.1176 0.1313 0.1976 0.0123  0.0067  -0.0265 56  ASN A C   
539 O O   . ASN A 59 ? 0.1110 0.1495 0.3026 0.0060  0.0140  -0.0380 56  ASN A O   
540 C CB  . ASN A 59 ? 0.1377 0.1627 0.2163 0.0188  0.0246  -0.0372 56  ASN A CB  
541 C CG  . ASN A 59 ? 0.1611 0.1766 0.2714 0.0038  0.0209  -0.0212 56  ASN A CG  
542 O OD1 . ASN A 59 ? 0.1895 0.1627 0.3510 0.0615  0.0505  0.0364  56  ASN A OD1 
543 N ND2 . ASN A 59 ? 0.2531 0.2508 0.3161 -0.0285 0.0414  -0.1089 56  ASN A ND2 
544 N N   . ASP A 60 ? 0.1030 0.1347 0.1828 0.0114  -0.0007 -0.0300 57  ASP A N   
545 C CA  . ASP A 60 ? 0.1085 0.1585 0.1890 0.0007  -0.0081 -0.0473 57  ASP A CA  
546 C C   . ASP A 60 ? 0.0819 0.1347 0.1941 0.0328  0.0045  -0.0130 57  ASP A C   
547 O O   . ASP A 60 ? 0.1132 0.1293 0.1986 0.0138  0.0020  -0.0231 57  ASP A O   
548 C CB  . ASP A 60 ? 0.1244 0.1953 0.1729 0.0130  -0.0095 -0.0399 57  ASP A CB  
549 C CG  . ASP A 60 ? 0.1254 0.2808 0.2163 0.0267  -0.0288 -0.0215 57  ASP A CG  
550 O OD1 . ASP A 60 ? 0.1212 0.3628 0.2308 -0.0224 -0.0253 -0.0602 57  ASP A OD1 
551 O OD2 . ASP A 60 ? 0.2060 0.4704 0.2479 0.0344  -0.0477 -0.0532 57  ASP A OD2 
552 N N   . PRO A 61 ? 0.1333 0.1276 0.2105 0.0113  0.0267  -0.0289 58  PRO A N   
553 C CA  . PRO A 61 ? 0.1324 0.1564 0.2090 0.0104  0.0222  0.0016  58  PRO A CA  
554 C C   . PRO A 61 ? 0.1458 0.1453 0.1777 0.0119  0.0045  -0.0178 58  PRO A C   
555 O O   . PRO A 61 ? 0.1295 0.1639 0.1926 0.0083  0.0154  -0.0222 58  PRO A O   
556 C CB  . PRO A 61 ? 0.1867 0.1657 0.2823 0.0146  0.0456  0.0198  58  PRO A CB  
557 C CG  . PRO A 61 ? 0.2339 0.1586 0.3077 0.0222  0.0447  0.0005  58  PRO A CG  
558 C CD  . PRO A 61 ? 0.2105 0.1310 0.2645 0.0036  0.0473  -0.0401 58  PRO A CD  
559 N N   . GLN A 62 ? 0.1199 0.1400 0.1996 0.0169  0.0212  -0.0290 59  GLN A N   
560 C CA  A GLN A 62 ? 0.1292 0.1523 0.2198 0.0322  0.0173  -0.0223 59  GLN A CA  
561 C CA  B GLN A 62 ? 0.1314 0.1490 0.2095 0.0279  0.0182  -0.0234 59  GLN A CA  
562 C C   . GLN A 62 ? 0.1050 0.1581 0.1863 0.0237  0.0173  -0.0183 59  GLN A C   
563 O O   . GLN A 62 ? 0.1145 0.1432 0.1736 0.0222  0.0041  -0.0205 59  GLN A O   
564 C CB  A GLN A 62 ? 0.1525 0.1814 0.2611 0.0465  -0.0171 -0.0560 59  GLN A CB  
565 C CB  B GLN A 62 ? 0.1497 0.1939 0.2406 0.0226  -0.0047 -0.0291 59  GLN A CB  
566 C CG  A GLN A 62 ? 0.1860 0.2199 0.3543 0.0216  0.0040  -0.0509 59  GLN A CG  
567 C CG  B GLN A 62 ? 0.1882 0.2285 0.2866 -0.0090 0.0123  -0.0292 59  GLN A CG  
568 C CD  A GLN A 62 ? 0.1949 0.2817 0.4020 0.0037  -0.0187 -0.0505 59  GLN A CD  
569 C CD  B GLN A 62 ? 0.2101 0.2204 0.3205 -0.0288 -0.0127 -0.0159 59  GLN A CD  
570 O OE1 A GLN A 62 ? 0.2458 0.4299 0.4415 -0.0738 -0.0022 -0.1048 59  GLN A OE1 
571 O OE1 B GLN A 62 ? 0.2344 0.3070 0.3617 0.0023  0.0135  -0.0463 59  GLN A OE1 
572 N NE2 A GLN A 62 ? 0.2609 0.3537 0.5562 0.0188  0.0632  -0.0265 59  GLN A NE2 
573 N NE2 B GLN A 62 ? 0.2228 0.2416 0.3478 -0.0002 0.0080  -0.0012 59  GLN A NE2 
574 N N   . LYS A 63 ? 0.0916 0.1522 0.1627 0.0167  0.0024  -0.0221 60  LYS A N   
575 C CA  A LYS A 63 ? 0.0929 0.1518 0.1575 0.0201  -0.0148 -0.0023 60  LYS A CA  
576 C CA  B LYS A 63 ? 0.0981 0.1514 0.1563 0.0172  -0.0140 -0.0062 60  LYS A CA  
577 C C   . LYS A 63 ? 0.0988 0.1180 0.1350 0.0132  -0.0040 -0.0063 60  LYS A C   
578 O O   . LYS A 63 ? 0.0960 0.1197 0.1300 0.0205  -0.0014 -0.0058 60  LYS A O   
579 C CB  A LYS A 63 ? 0.1149 0.1924 0.1514 -0.0036 -0.0264 -0.0207 60  LYS A CB  
580 C CB  B LYS A 63 ? 0.1226 0.1816 0.1545 -0.0001 -0.0172 -0.0141 60  LYS A CB  
581 C CG  A LYS A 63 ? 0.1430 0.2380 0.1733 0.0003  -0.0494 -0.0199 60  LYS A CG  
582 C CG  B LYS A 63 ? 0.1463 0.2275 0.1750 -0.0061 -0.0400 -0.0198 60  LYS A CG  
583 C CD  A LYS A 63 ? 0.2429 0.3506 0.1962 -0.0445 -0.0524 -0.0141 60  LYS A CD  
584 C CD  B LYS A 63 ? 0.2373 0.3166 0.2029 -0.0457 -0.0318 0.0053  60  LYS A CD  
585 C CE  A LYS A 63 ? 0.1747 0.3254 0.2630 0.0344  -0.0216 0.0158  60  LYS A CE  
586 C CE  B LYS A 63 ? 0.2647 0.2880 0.2085 -0.0403 0.0293  0.0022  60  LYS A CE  
587 N NZ  A LYS A 63 ? 0.2663 0.3112 0.2761 0.0306  0.0101  -0.0809 60  LYS A NZ  
588 N NZ  B LYS A 63 ? 0.2417 0.2794 0.2289 0.0171  0.0509  -0.0094 60  LYS A NZ  
589 N N   . ARG A 64 ? 0.1052 0.1189 0.1228 0.0159  -0.0010 -0.0062 61  ARG A N   
590 C CA  . ARG A 64 ? 0.0959 0.1173 0.1218 0.0077  0.0028  -0.0001 61  ARG A CA  
591 C C   . ARG A 64 ? 0.1020 0.1039 0.1289 0.0186  -0.0053 -0.0035 61  ARG A C   
592 O O   . ARG A 64 ? 0.1074 0.1217 0.1342 0.0218  -0.0105 -0.0158 61  ARG A O   
593 C CB  . ARG A 64 ? 0.0952 0.1195 0.1276 0.0105  0.0016  0.0029  61  ARG A CB  
594 C CG  . ARG A 64 ? 0.0899 0.1213 0.1367 0.0128  0.0060  0.0037  61  ARG A CG  
595 C CD  . ARG A 64 ? 0.0995 0.1215 0.1407 0.0124  -0.0007 0.0068  61  ARG A CD  
596 N NE  . ARG A 64 ? 0.1069 0.1015 0.1417 0.0123  -0.0044 -0.0098 61  ARG A NE  
597 C CZ  . ARG A 64 ? 0.1093 0.1075 0.1225 0.0148  0.0055  0.0062  61  ARG A CZ  
598 N NH1 . ARG A 64 ? 0.1143 0.1190 0.1523 0.0278  -0.0264 -0.0050 61  ARG A NH1 
599 N NH2 . ARG A 64 ? 0.1239 0.0991 0.1481 0.0183  -0.0183 -0.0021 61  ARG A NH2 
600 N N   . GLU A 65 ? 0.1133 0.1317 0.1352 0.0218  -0.0002 -0.0070 62  GLU A N   
601 C CA  A GLU A 65 ? 0.1203 0.1188 0.1201 0.0204  0.0048  0.0037  62  GLU A CA  
602 C CA  B GLU A 65 ? 0.1262 0.1211 0.1314 0.0242  0.0048  0.0007  62  GLU A CA  
603 C C   . GLU A 65 ? 0.0704 0.1200 0.1648 0.0204  0.0026  0.0131  62  GLU A C   
604 O O   . GLU A 65 ? 0.1175 0.1696 0.1332 0.0150  0.0032  -0.0211 62  GLU A O   
605 C CB  A GLU A 65 ? 0.1529 0.1468 0.1580 0.0031  0.0257  0.0142  62  GLU A CB  
606 C CB  B GLU A 65 ? 0.1534 0.1470 0.2055 0.0003  0.0111  -0.0028 62  GLU A CB  
607 C CG  A GLU A 65 ? 0.1873 0.1545 0.2004 0.0252  0.0247  0.0255  62  GLU A CG  
608 C CG  B GLU A 65 ? 0.2064 0.2197 0.2219 -0.0001 0.0108  0.0322  62  GLU A CG  
609 C CD  A GLU A 65 ? 0.2386 0.1873 0.3732 -0.0066 0.0450  0.0601  62  GLU A CD  
610 C CD  B GLU A 65 ? 0.2429 0.3103 0.3800 -0.0589 0.0491  0.0463  62  GLU A CD  
611 O OE1 A GLU A 65 ? 0.2152 0.3258 0.4982 -0.0052 0.0465  0.0455  62  GLU A OE1 
612 O OE1 B GLU A 65 ? 0.2955 0.3807 0.4130 -0.0585 0.0186  0.0494  62  GLU A OE1 
613 O OE2 A GLU A 65 ? 0.3221 0.2097 0.6157 0.0168  0.1268  0.1243  62  GLU A OE2 
614 O OE2 B GLU A 65 ? 0.3736 0.4274 0.3969 0.0072  0.0444  0.0918  62  GLU A OE2 
615 N N   . ILE A 66 ? 0.0962 0.1016 0.1245 0.0098  0.0130  -0.0151 63  ILE A N   
616 C CA  . ILE A 66 ? 0.0987 0.1051 0.1367 0.0224  -0.0018 -0.0223 63  ILE A CA  
617 C C   . ILE A 66 ? 0.1077 0.1130 0.1174 0.0138  0.0102  -0.0142 63  ILE A C   
618 O O   . ILE A 66 ? 0.1132 0.1144 0.1262 0.0204  -0.0098 -0.0181 63  ILE A O   
619 C CB  . ILE A 66 ? 0.0937 0.1238 0.1308 0.0119  0.0005  -0.0260 63  ILE A CB  
620 C CG1 . ILE A 66 ? 0.0921 0.1027 0.1716 0.0103  -0.0069 -0.0067 63  ILE A CG1 
621 C CG2 . ILE A 66 ? 0.1135 0.1307 0.1564 0.0146  -0.0123 -0.0173 63  ILE A CG2 
622 C CD1 . ILE A 66 ? 0.1390 0.1356 0.1758 0.0190  -0.0097 -0.0258 63  ILE A CD1 
623 N N   . TYR A 67 ? 0.1031 0.1087 0.1103 0.0137  0.0069  -0.0115 64  TYR A N   
624 C CA  . TYR A 67 ? 0.1145 0.0880 0.1038 0.0154  0.0102  0.0012  64  TYR A CA  
625 C C   . TYR A 67 ? 0.0919 0.1060 0.1153 0.0138  0.0086  -0.0046 64  TYR A C   
626 O O   . TYR A 67 ? 0.0899 0.1208 0.1237 0.0112  0.0008  -0.0221 64  TYR A O   
627 C CB  . TYR A 67 ? 0.1128 0.1066 0.1139 0.0198  0.0059  -0.0142 64  TYR A CB  
628 C CG  . TYR A 67 ? 0.1049 0.1105 0.1076 0.0194  0.0092  -0.0120 64  TYR A CG  
629 C CD1 . TYR A 67 ? 0.1038 0.1135 0.1230 0.0252  0.0096  -0.0023 64  TYR A CD1 
630 C CD2 . TYR A 67 ? 0.1117 0.1025 0.0952 0.0106  0.0113  0.0053  64  TYR A CD2 
631 C CE1 . TYR A 67 ? 0.1173 0.0864 0.1340 0.0137  0.0042  0.0006  64  TYR A CE1 
632 C CE2 . TYR A 67 ? 0.0941 0.1267 0.1084 0.0185  0.0016  -0.0018 64  TYR A CE2 
633 C CZ  . TYR A 67 ? 0.0949 0.1223 0.1058 0.0090  0.0074  -0.0106 64  TYR A CZ  
634 O OH  . TYR A 67 ? 0.0977 0.1485 0.1283 0.0081  -0.0049 -0.0215 64  TYR A OH  
635 N N   . ASP A 68 ? 0.0902 0.1163 0.1179 0.0068  0.0023  -0.0042 65  ASP A N   
636 C CA  . ASP A 68 ? 0.0957 0.1332 0.1149 0.0053  -0.0013 -0.0137 65  ASP A CA  
637 C C   . ASP A 68 ? 0.1092 0.1282 0.1150 0.0116  -0.0058 -0.0072 65  ASP A C   
638 O O   . ASP A 68 ? 0.1091 0.1753 0.1233 0.0100  -0.0117 -0.0260 65  ASP A O   
639 C CB  . ASP A 68 ? 0.1212 0.1381 0.1182 0.0061  -0.0064 -0.0076 65  ASP A CB  
640 C CG  . ASP A 68 ? 0.1014 0.1375 0.1206 0.0043  -0.0022 0.0013  65  ASP A CG  
641 O OD1 . ASP A 68 ? 0.1112 0.1222 0.1301 0.0179  0.0119  0.0156  65  ASP A OD1 
642 O OD2 . ASP A 68 ? 0.1347 0.1515 0.1598 0.0185  0.0189  0.0054  65  ASP A OD2 
643 N N   . GLN A 69 ? 0.1072 0.1304 0.1150 0.0054  -0.0027 -0.0152 66  GLN A N   
644 C CA  A GLN A 69 ? 0.1225 0.1554 0.1226 0.0223  0.0139  -0.0109 66  GLN A CA  
645 C CA  B GLN A 69 ? 0.1270 0.1530 0.1229 0.0212  0.0111  -0.0127 66  GLN A CA  
646 C C   . GLN A 69 ? 0.1025 0.1475 0.1275 0.0102  0.0075  -0.0120 66  GLN A C   
647 O O   . GLN A 69 ? 0.1670 0.1685 0.1416 0.0362  -0.0085 -0.0330 66  GLN A O   
648 C CB  A GLN A 69 ? 0.1176 0.1944 0.1376 0.0246  0.0322  -0.0202 66  GLN A CB  
649 C CB  B GLN A 69 ? 0.1246 0.1984 0.1467 0.0218  0.0286  -0.0286 66  GLN A CB  
650 C CG  A GLN A 69 ? 0.1510 0.2202 0.2109 -0.0201 0.0158  -0.0074 66  GLN A CG  
651 C CG  B GLN A 69 ? 0.1894 0.2262 0.2252 -0.0191 0.0284  -0.0098 66  GLN A CG  
652 C CD  A GLN A 69 ? 0.1807 0.2564 0.2762 -0.0070 0.0815  0.0177  66  GLN A CD  
653 C CD  B GLN A 69 ? 0.1930 0.3695 0.2998 -0.0199 0.0584  0.0249  66  GLN A CD  
654 O OE1 A GLN A 69 ? 0.2280 0.3423 0.4243 -0.0170 0.0383  -0.0557 66  GLN A OE1 
655 O OE1 B GLN A 69 ? 0.2548 0.1924 0.2706 -0.0357 0.0719  0.0529  66  GLN A OE1 
656 N NE2 A GLN A 69 ? 0.1567 0.4702 0.3024 -0.0299 0.1339  0.0361  66  GLN A NE2 
657 N NE2 B GLN A 69 ? 0.3673 0.4595 0.3303 -0.0293 0.0305  0.0525  66  GLN A NE2 
658 N N   . TYR A 70 ? 0.1047 0.1332 0.1248 0.0111  0.0085  -0.0070 67  TYR A N   
659 C CA  . TYR A 70 ? 0.1299 0.1227 0.1238 0.0151  -0.0001 -0.0167 67  TYR A CA  
660 C C   . TYR A 70 ? 0.1312 0.1159 0.1303 0.0153  0.0018  -0.0097 67  TYR A C   
661 O O   . TYR A 70 ? 0.1429 0.1261 0.1578 0.0184  -0.0011 -0.0020 67  TYR A O   
662 C CB  . TYR A 70 ? 0.1226 0.1381 0.1502 0.0239  0.0024  -0.0043 67  TYR A CB  
663 C CG  . TYR A 70 ? 0.0968 0.1467 0.1594 0.0214  -0.0011 -0.0241 67  TYR A CG  
664 C CD1 . TYR A 70 ? 0.1157 0.1337 0.1591 0.0301  0.0044  -0.0139 67  TYR A CD1 
665 C CD2 . TYR A 70 ? 0.0967 0.1579 0.1598 0.0143  0.0103  -0.0164 67  TYR A CD2 
666 C CE1 . TYR A 70 ? 0.0994 0.1613 0.1655 0.0327  0.0126  -0.0203 67  TYR A CE1 
667 C CE2 . TYR A 70 ? 0.1004 0.1609 0.2053 0.0181  0.0150  -0.0122 67  TYR A CE2 
668 C CZ  . TYR A 70 ? 0.0941 0.1669 0.1851 0.0340  -0.0001 -0.0071 67  TYR A CZ  
669 O OH  . TYR A 70 ? 0.1112 0.2236 0.2149 0.0346  0.0161  -0.0063 67  TYR A OH  
670 N N   . GLY A 71 ? 0.1208 0.1189 0.1125 0.0120  0.0059  -0.0083 68  GLY A N   
671 C CA  . GLY A 71 ? 0.1066 0.1314 0.1310 0.0072  -0.0037 0.0000  68  GLY A CA  
672 C C   . GLY A 71 ? 0.1086 0.1188 0.1279 0.0099  -0.0003 -0.0042 68  GLY A C   
673 O O   . GLY A 71 ? 0.1069 0.1317 0.1441 0.0098  -0.0098 -0.0064 68  GLY A O   
674 N N   . LEU A 72 ? 0.0978 0.1310 0.1371 0.0157  -0.0095 0.0018  69  LEU A N   
675 C CA  . LEU A 72 ? 0.1306 0.1194 0.1277 0.0066  -0.0044 0.0061  69  LEU A CA  
676 C C   . LEU A 72 ? 0.1102 0.1390 0.1482 0.0122  -0.0024 -0.0088 69  LEU A C   
677 O O   . LEU A 72 ? 0.1198 0.1587 0.1327 0.0181  -0.0083 0.0079  69  LEU A O   
678 C CB  . LEU A 72 ? 0.1295 0.1298 0.1443 0.0191  -0.0044 0.0212  69  LEU A CB  
679 C CG  . LEU A 72 ? 0.1308 0.1625 0.1432 0.0175  0.0046  0.0144  69  LEU A CG  
680 C CD1 . LEU A 72 ? 0.1585 0.1520 0.1367 0.0365  -0.0084 0.0098  69  LEU A CD1 
681 C CD2 . LEU A 72 ? 0.1418 0.2222 0.1702 0.0033  0.0196  0.0039  69  LEU A CD2 
682 N N   . GLU A 73 ? 0.1197 0.1419 0.1664 0.0098  -0.0228 -0.0010 70  GLU A N   
683 C CA  A GLU A 73 ? 0.1517 0.1341 0.1721 0.0237  -0.0130 0.0201  70  GLU A CA  
684 C CA  B GLU A 73 ? 0.1476 0.1448 0.1708 0.0255  -0.0094 0.0155  70  GLU A CA  
685 C C   . GLU A 73 ? 0.1519 0.1525 0.1442 0.0241  0.0061  -0.0007 70  GLU A C   
686 O O   . GLU A 73 ? 0.1636 0.1840 0.1520 0.0369  -0.0208 0.0060  70  GLU A O   
687 C CB  A GLU A 73 ? 0.1788 0.1364 0.2361 0.0394  -0.0188 0.0167  70  GLU A CB  
688 C CB  B GLU A 73 ? 0.1684 0.1498 0.2207 0.0293  -0.0104 0.0062  70  GLU A CB  
689 C CG  A GLU A 73 ? 0.1937 0.1877 0.2900 0.0031  -0.0182 0.0268  70  GLU A CG  
690 C CG  B GLU A 73 ? 0.1859 0.1783 0.2387 0.0441  -0.0142 0.0205  70  GLU A CG  
691 C CD  A GLU A 73 ? 0.2463 0.3412 0.3071 -0.0076 0.0183  0.0380  70  GLU A CD  
692 C CD  B GLU A 73 ? 0.2594 0.1931 0.3051 0.0006  -0.0277 0.0141  70  GLU A CD  
693 O OE1 A GLU A 73 ? 0.2833 0.4605 0.3747 -0.0213 -0.0243 0.0806  70  GLU A OE1 
694 O OE1 B GLU A 73 ? 0.3786 0.1208 0.3346 0.0137  -0.0749 -0.0204 70  GLU A OE1 
695 O OE2 A GLU A 73 ? 0.3243 0.5008 0.4323 0.0854  0.1385  0.0978  70  GLU A OE2 
696 O OE2 B GLU A 73 ? 0.3340 0.1871 0.4003 0.0620  0.0127  0.0262  70  GLU A OE2 
697 N N   . ALA A 74 ? 0.1301 0.1558 0.1524 0.0327  -0.0101 0.0071  71  ALA A N   
698 C CA  . ALA A 74 ? 0.1236 0.1893 0.1557 0.0307  -0.0028 0.0050  71  ALA A CA  
699 C C   . ALA A 74 ? 0.1007 0.1799 0.1587 0.0130  -0.0099 0.0051  71  ALA A C   
700 O O   . ALA A 74 ? 0.1162 0.2049 0.1551 0.0225  -0.0233 -0.0138 71  ALA A O   
701 C CB  . ALA A 74 ? 0.1412 0.2014 0.1530 0.0224  0.0037  0.0020  71  ALA A CB  
702 N N   . ALA A 75 ? 0.1018 0.1533 0.1509 0.0094  -0.0129 0.0032  72  ALA A N   
703 C CA  . ALA A 75 ? 0.1136 0.1441 0.1422 0.0114  -0.0144 0.0144  72  ALA A CA  
704 C C   . ALA A 75 ? 0.1313 0.1476 0.1390 0.0008  -0.0116 0.0040  72  ALA A C   
705 O O   . ALA A 75 ? 0.2074 0.1682 0.1713 -0.0299 -0.0540 0.0155  72  ALA A O   
706 C CB  . ALA A 75 ? 0.1298 0.1493 0.1623 0.0242  -0.0033 0.0001  72  ALA A CB  
707 N N   . ARG A 76 ? 0.1135 0.1531 0.1315 0.0097  -0.0148 0.0063  73  ARG A N   
708 C CA  . ARG A 76 ? 0.1327 0.1676 0.1256 0.0267  -0.0016 0.0131  73  ARG A CA  
709 C C   . ARG A 76 ? 0.1394 0.1909 0.1304 0.0375  -0.0170 -0.0043 73  ARG A C   
710 O O   . ARG A 76 ? 0.1575 0.2656 0.1305 0.0605  -0.0119 -0.0058 73  ARG A O   
711 C CB  . ARG A 76 ? 0.1388 0.1490 0.1469 0.0254  0.0035  0.0141  73  ARG A CB  
712 C CG  . ARG A 76 ? 0.1459 0.1407 0.1518 0.0353  0.0014  0.0063  73  ARG A CG  
713 C CD  . ARG A 76 ? 0.1371 0.1733 0.1706 0.0305  0.0041  0.0107  73  ARG A CD  
714 N NE  . ARG A 76 ? 0.1383 0.1483 0.1795 0.0273  0.0081  0.0177  73  ARG A NE  
715 C CZ  . ARG A 76 ? 0.1588 0.1658 0.2398 0.0223  0.0284  0.0160  73  ARG A CZ  
716 N NH1 . ARG A 76 ? 0.1959 0.1663 0.3714 0.0032  0.0537  -0.0034 73  ARG A NH1 
717 N NH2 . ARG A 76 ? 0.1480 0.1821 0.2384 0.0187  0.0355  0.0169  73  ARG A NH2 
718 N N   . SER A 77 ? 0.1454 0.1756 0.1287 0.0334  -0.0208 -0.0017 74  SER A N   
719 C CA  A SER A 77 ? 0.1440 0.1448 0.1529 0.0205  -0.0186 -0.0011 74  SER A CA  
720 C CA  B SER A 77 ? 0.1401 0.1492 0.1507 0.0229  -0.0134 -0.0066 74  SER A CA  
721 C C   . SER A 77 ? 0.1340 0.1351 0.1257 0.0256  0.0044  -0.0119 74  SER A C   
722 O O   . SER A 77 ? 0.1350 0.1560 0.1310 0.0273  0.0026  -0.0137 74  SER A O   
723 C CB  A SER A 77 ? 0.2044 0.1844 0.1685 0.0130  -0.0060 -0.0209 74  SER A CB  
724 C CB  B SER A 77 ? 0.1668 0.1680 0.1707 0.0262  -0.0015 -0.0214 74  SER A CB  
725 O OG  A SER A 77 ? 0.2079 0.1697 0.2441 0.0332  -0.0670 -0.0132 74  SER A OG  
726 O OG  B SER A 77 ? 0.1622 0.2184 0.2126 0.0754  0.0027  -0.0594 74  SER A OG  
727 N N   . GLY A 78 ? 0.1459 0.1559 0.1371 0.0364  -0.0145 -0.0021 75  GLY A N   
728 C CA  . GLY A 78 ? 0.1481 0.1847 0.1648 0.0262  -0.0107 -0.0282 75  GLY A CA  
729 C C   . GLY A 78 ? 0.1440 0.1933 0.1382 0.0204  -0.0055 -0.0201 75  GLY A C   
730 O O   . GLY A 78 ? 0.1853 0.2102 0.1793 0.0156  -0.0144 -0.0593 75  GLY A O   
731 N N   . GLY A 79 ? 0.1461 0.1756 0.1650 0.0295  0.0141  -0.0134 76  GLY A N   
732 C CA  . GLY A 79 ? 0.2244 0.1989 0.1600 0.0694  0.0135  -0.0079 76  GLY A CA  
733 C C   . GLY A 79 ? 0.1919 0.1786 0.1586 0.0242  0.0141  -0.0083 76  GLY A C   
734 O O   . GLY A 79 ? 0.2284 0.2073 0.1538 0.0574  0.0156  -0.0115 76  GLY A O   
735 N N   . PRO A 80 ? 0.3312 0.2481 0.1547 0.0760  -0.0131 -0.0353 77  PRO A N   
736 C CA  . PRO A 80 ? 0.2490 0.2797 0.1559 0.0544  0.0034  -0.0210 77  PRO A CA  
737 C C   . PRO A 80 ? 0.2382 0.2600 0.1487 0.0394  0.0059  -0.0450 77  PRO A C   
738 O O   . PRO A 80 ? 0.2417 0.3684 0.1397 0.0489  -0.0037 -0.0288 77  PRO A O   
739 C CB  . PRO A 80 ? 0.4034 0.2747 0.2707 0.0510  0.0558  -0.0787 77  PRO A CB  
740 C CG  . PRO A 80 ? 0.4526 0.2577 0.2913 0.0626  0.0172  -0.0740 77  PRO A CG  
741 C CD  . PRO A 80 ? 0.4463 0.2410 0.2535 0.0925  0.0273  -0.0404 77  PRO A CD  
742 N N   . SER A 81 ? 0.2143 0.2965 0.1973 0.0691  0.0113  0.0017  78  SER A N   
743 C CA  . SER A 81 ? 0.2298 0.3140 0.2144 0.0539  -0.0026 0.0111  78  SER A CA  
744 C C   . SER A 81 ? 0.2439 0.2740 0.1790 0.0433  0.0074  0.0162  78  SER A C   
745 O O   . SER A 81 ? 0.3245 0.3538 0.2536 -0.0081 0.0251  0.0444  78  SER A O   
746 C CB  . SER A 81 ? 0.3079 0.3035 0.2704 0.0820  0.0000  0.0809  78  SER A CB  
747 O OG  . SER A 81 ? 0.3990 0.5008 0.3854 0.1647  0.0544  0.0570  78  SER A OG  
748 N N   . PHE A 82 ? 0.2399 0.2760 0.1598 0.0447  -0.0045 0.0033  79  PHE A N   
749 C CA  . PHE A 82 ? 0.2151 0.2875 0.2304 0.0399  -0.0106 0.0128  79  PHE A CA  
750 C C   . PHE A 82 ? 0.2113 0.3243 0.1824 0.0168  0.0196  0.0098  79  PHE A C   
751 O O   . PHE A 82 ? 0.2161 0.3762 0.3317 0.0748  0.0693  0.0409  79  PHE A O   
752 C CB  . PHE A 82 ? 0.2520 0.3114 0.1808 0.0433  0.0210  -0.0161 79  PHE A CB  
753 C CG  . PHE A 82 ? 0.1930 0.2560 0.1895 0.0521  0.0339  -0.0586 79  PHE A CG  
754 C CD1 . PHE A 82 ? 0.2205 0.2878 0.2142 0.0545  0.0060  -0.0254 79  PHE A CD1 
755 C CD2 . PHE A 82 ? 0.2195 0.2304 0.2075 0.0420  0.0365  -0.0980 79  PHE A CD2 
756 C CE1 . PHE A 82 ? 0.2616 0.2663 0.2222 0.0273  0.0253  -0.0623 79  PHE A CE1 
757 C CE2 . PHE A 82 ? 0.2553 0.2549 0.3029 0.0184  0.0445  -0.0809 79  PHE A CE2 
758 C CZ  . PHE A 82 ? 0.2777 0.2520 0.2578 0.0085  0.0790  -0.0414 79  PHE A CZ  
759 N N   . GLY A 83 ? 0.2144 0.3395 0.1776 0.0531  0.0169  0.0317  80  GLY A N   
760 C CA  . GLY A 83 ? 0.2285 0.3637 0.2281 0.0195  -0.0323 0.0150  80  GLY A CA  
761 C C   . GLY A 83 ? 0.2869 0.3116 0.2538 0.0213  -0.0181 0.0409  80  GLY A C   
762 O O   . GLY A 83 ? 0.3480 0.3325 0.2365 0.0304  -0.0231 0.0482  80  GLY A O   
763 N N   . PRO A 84 ? 0.2845 0.3211 0.2481 0.0159  -0.0348 0.0539  81  PRO A N   
764 C CA  . PRO A 84 ? 0.3621 0.3239 0.2818 0.0312  -0.0557 0.0367  81  PRO A CA  
765 C C   A PRO A 84 ? 0.3426 0.2919 0.3332 0.0466  -0.0171 0.0599  81  PRO A C   
766 C C   B PRO A 84 ? 0.4243 0.2872 0.3576 0.0683  -0.0561 0.0283  81  PRO A C   
767 O O   A PRO A 84 ? 0.3478 0.3282 0.1770 0.1289  0.0095  0.0690  81  PRO A O   
768 O O   B PRO A 84 ? 0.6627 0.2945 0.4073 0.0582  -0.1461 0.1183  81  PRO A O   
769 C CB  . PRO A 84 ? 0.2923 0.3549 0.2823 -0.0059 -0.0714 -0.0100 81  PRO A CB  
770 C CG  . PRO A 84 ? 0.2305 0.3867 0.1981 0.0292  -0.0314 0.0418  81  PRO A CG  
771 C CD  . PRO A 84 ? 0.2105 0.3452 0.2272 0.0398  -0.0085 0.0220  81  PRO A CD  
772 O O   . HOH B .  ? 0.1182 0.1611 0.1353 0.0183  -0.0018 -0.0334 101 HOH A O   
773 O O   . HOH B .  ? 0.1350 0.1728 0.1103 0.0205  -0.0086 -0.0016 102 HOH A O   
774 O O   . HOH B .  ? 0.1728 0.1901 0.1356 0.0127  -0.0122 0.0047  103 HOH A O   
775 O O   . HOH B .  ? 0.1253 0.1754 0.1648 0.0195  -0.0216 -0.0132 104 HOH A O   
776 O O   . HOH B .  ? 0.1785 0.1988 0.1235 0.0242  -0.0248 0.0067  105 HOH A O   
777 O O   . HOH B .  ? 0.1454 0.2052 0.1911 0.0424  0.0307  0.0475  106 HOH A O   
778 O O   . HOH B .  ? 0.1574 0.1955 0.1730 -0.0034 0.0028  -0.0118 107 HOH A O   
779 O O   . HOH B .  ? 0.1338 0.2897 0.3139 0.0450  0.0030  0.0268  108 HOH A O   
780 O O   . HOH B .  ? 0.1841 0.1979 0.1889 -0.0126 -0.0024 -0.0329 109 HOH A O   
781 O O   . HOH B .  ? 0.1930 0.1613 0.1686 0.0326  -0.0168 -0.0038 110 HOH A O   
782 O O   . HOH B .  ? 0.1561 0.1727 0.1940 0.0229  0.0024  -0.0047 111 HOH A O   
783 O O   . HOH B .  ? 0.1724 0.1764 0.1626 0.0018  -0.0238 -0.0206 112 HOH A O   
784 O O   . HOH B .  ? 0.1778 0.1986 0.1970 0.0055  -0.0153 -0.0135 113 HOH A O   
785 O O   . HOH B .  ? 0.1965 0.2010 0.3344 0.0240  0.0417  -0.0299 114 HOH A O   
786 O O   . HOH B .  ? 0.2535 0.2173 0.1731 0.0051  -0.0006 0.0052  115 HOH A O   
787 O O   . HOH B .  ? 0.2153 0.2009 0.2263 0.0162  -0.0396 0.0113  116 HOH A O   
788 O O   . HOH B .  ? 0.2261 0.2781 0.1434 -0.0099 -0.0274 -0.0177 117 HOH A O   
789 O O   . HOH B .  ? 0.1633 0.2522 0.2918 0.0072  -0.0720 -0.0394 118 HOH A O   
790 O O   . HOH B .  ? 0.1498 0.4243 0.2147 0.0803  -0.0246 0.0719  119 HOH A O   
791 O O   . HOH B .  ? 0.2383 0.2326 0.3296 -0.0164 -0.0225 0.0471  120 HOH A O   
792 O O   . HOH B .  ? 0.2663 0.3746 0.1340 -0.1064 0.0117  0.0159  121 HOH A O   
793 O O   . HOH B .  ? 0.2262 0.2958 0.2460 -0.0027 0.0115  0.0606  122 HOH A O   
794 O O   . HOH B .  ? 0.2496 0.2675 0.2457 0.0597  0.0390  -0.0252 123 HOH A O   
795 O O   . HOH B .  ? 0.2531 0.2756 0.3046 -0.0780 0.0437  -0.1321 124 HOH A O   
796 O O   . HOH B .  ? 0.2823 0.2251 0.2823 0.0903  0.0257  -0.0325 125 HOH A O   
797 O O   . HOH B .  ? 0.2452 0.1907 0.2681 0.0011  -0.0868 0.0086  126 HOH A O   
798 O O   . HOH B .  ? 0.2745 0.5890 0.3347 -0.2589 0.1194  -0.2559 127 HOH A O   
799 O O   . HOH B .  ? 0.2391 0.3318 0.2971 -0.0525 -0.0767 0.0279  128 HOH A O   
800 O O   . HOH B .  ? 0.2837 0.3086 0.3412 -0.0820 0.0569  -0.0374 129 HOH A O   
801 O O   . HOH B .  ? 0.4227 0.3458 0.1412 -0.1519 -0.0148 0.0441  130 HOH A O   
802 O O   A HOH B .  ? 0.1888 0.1947 0.0781 -0.0234 -0.0561 0.0170  131 HOH A O   
803 O O   . HOH B .  ? 0.2100 0.2156 0.2084 -0.0073 0.0340  0.0007  132 HOH A O   
804 O O   . HOH B .  ? 0.1932 0.2973 0.2882 -0.0541 0.0034  0.0447  133 HOH A O   
805 O O   . HOH B .  ? 0.2556 0.3991 0.2678 -0.0113 -0.0211 -0.1076 134 HOH A O   
806 O O   . HOH B .  ? 0.3124 0.2373 0.2755 0.0149  0.0334  -0.0771 135 HOH A O   
807 O O   . HOH B .  ? 0.2464 0.2794 0.4605 0.0667  0.0851  0.1093  136 HOH A O   
808 O O   . HOH B .  ? 0.2739 0.3976 0.3057 0.1125  -0.0386 -0.1515 137 HOH A O   
809 O O   . HOH B .  ? 0.2581 0.4274 0.3128 -0.0513 -0.0657 -0.0558 138 HOH A O   
810 O O   . HOH B .  ? 0.3970 0.3806 0.3695 -0.0625 0.1024  0.0668  139 HOH A O   
811 O O   . HOH B .  ? 0.4701 0.3800 0.3091 0.0360  0.0332  -0.0033 140 HOH A O   
812 O O   . HOH B .  ? 0.2020 0.2227 0.1901 0.0352  -0.0510 -0.0069 141 HOH A O   
813 O O   . HOH B .  ? 0.1983 0.3716 0.2695 -0.0108 0.0065  -0.0536 142 HOH A O   
814 O O   . HOH B .  ? 0.2846 0.3589 0.4310 -0.0720 -0.0967 0.1610  143 HOH A O   
815 O O   . HOH B .  ? 0.2716 0.2207 0.3462 -0.0028 -0.0650 -0.0190 144 HOH A O   
816 O O   . HOH B .  ? 0.4774 0.4434 0.5825 -0.1824 -0.0037 -0.0734 145 HOH A O   
817 O O   . HOH B .  ? 0.2791 0.3340 0.3407 -0.0782 -0.0569 0.1075  146 HOH A O   
818 O O   . HOH B .  ? 0.5131 0.2995 0.3289 -0.0131 -0.1051 0.0771  147 HOH A O   
819 O O   . HOH B .  ? 0.3057 0.7151 0.2343 0.0207  0.0298  0.0022  148 HOH A O   
820 O O   . HOH B .  ? 0.7161 0.3868 0.3512 0.0198  0.0656  -0.0200 149 HOH A O   
821 O O   . HOH B .  ? 0.3718 0.3152 0.2932 0.0049  -0.0698 -0.1014 150 HOH A O   
822 O O   . HOH B .  ? 0.3043 0.3697 0.3552 -0.0528 -0.0256 -0.0835 151 HOH A O   
823 O O   . HOH B .  ? 0.2723 0.2243 0.3344 0.0015  -0.0212 0.0169  152 HOH A O   
824 O O   . HOH B .  ? 0.2043 0.2355 0.3750 0.0366  0.0517  0.0111  153 HOH A O   
825 O O   . HOH B .  ? 0.2504 0.2319 0.2163 -0.0102 0.0207  0.0113  154 HOH A O   
826 O O   . HOH B .  ? 0.3082 0.2075 0.4007 0.0919  -0.0130 -0.0208 155 HOH A O   
827 O O   . HOH B .  ? 0.2565 0.2281 0.5515 0.0153  0.1270  0.0932  156 HOH A O   
828 O O   . HOH B .  ? 0.4549 0.2761 0.3172 -0.0498 -0.0141 0.0379  157 HOH A O   
829 O O   . HOH B .  ? 0.3920 0.4051 0.3202 -0.1641 0.1326  -0.2304 158 HOH A O   
830 O O   . HOH B .  ? 0.5724 0.4424 0.2058 -0.1195 0.0478  -0.0207 159 HOH A O   
831 O O   . HOH B .  ? 0.4998 0.6546 0.3246 -0.1853 0.0833  0.0696  160 HOH A O   
832 O O   . HOH B .  ? 0.4435 0.2810 0.2815 0.0111  -0.1597 -0.0140 161 HOH A O   
833 O O   . HOH B .  ? 0.2934 0.5862 0.2670 0.0681  0.0322  -0.0725 162 HOH A O   
834 O O   . HOH B .  ? 0.3503 0.3190 0.4242 -0.0664 -0.0146 -0.0614 163 HOH A O   
835 O O   . HOH B .  ? 0.3998 0.3109 0.4870 -0.0582 0.0951  0.1412  164 HOH A O   
836 O O   . HOH B .  ? 0.4554 0.4402 0.4786 0.0390  -0.1027 -0.1775 165 HOH A O   
837 O O   . HOH B .  ? 0.4291 0.3950 0.5042 0.1222  -0.0246 -0.0145 166 HOH A O   
838 O O   . HOH B .  ? 0.5544 0.6040 0.3778 0.2595  -0.0873 -0.1038 167 HOH A O   
839 O O   . HOH B .  ? 0.5541 0.3670 0.3613 0.0432  -0.0300 -0.0203 168 HOH A O   
840 O O   . HOH B .  ? 0.5436 0.2183 0.5657 -0.0460 -0.1238 -0.1007 169 HOH A O   
841 O O   . HOH B .  ? 0.3195 0.4555 0.4106 0.0247  -0.0824 -0.0290 170 HOH A O   
842 O O   . HOH B .  ? 0.3508 0.4169 0.2701 -0.0305 -0.0990 0.0671  171 HOH A O   
843 O O   . HOH B .  ? 0.2877 0.3836 0.5630 -0.0299 0.0249  -0.0609 172 HOH A O   
844 O O   . HOH B .  ? 0.2670 0.4936 0.7694 -0.1109 0.1036  -0.1854 173 HOH A O   
845 O O   . HOH B .  ? 0.7747 0.2216 0.6569 0.1320  -0.2879 -0.0512 174 HOH A O   
846 O O   . HOH B .  ? 0.4889 0.3973 0.3843 -0.0210 -0.0816 -0.0487 175 HOH A O   
847 O O   . HOH B .  ? 0.3769 0.3190 0.5988 -0.0658 0.0169  -0.1143 176 HOH A O   
848 O O   . HOH B .  ? 0.3385 0.5305 0.3563 -0.1121 0.0891  -0.2475 177 HOH A O   
849 O O   . HOH B .  ? 0.4448 0.6565 0.8396 -0.2022 -0.0958 -0.2133 178 HOH A O   
850 O O   . HOH B .  ? 0.3195 0.4781 0.4801 -0.0099 0.0174  -0.1394 179 HOH A O   
851 O O   . HOH B .  ? 0.3504 0.4204 0.4615 -0.0005 -0.0948 -0.0413 180 HOH A O   
852 O O   . HOH B .  ? 0.3546 0.4856 0.2714 0.1328  -0.0518 0.0242  181 HOH A O   
853 O O   . HOH B .  ? 0.5914 0.6064 0.4323 0.1292  -0.0287 -0.1421 182 HOH A O   
854 O O   . HOH B .  ? 0.5117 0.5487 1.0026 -0.0554 0.4831  0.1196  183 HOH A O   
855 O O   . HOH B .  ? 0.4190 0.5421 0.5167 -0.0653 -0.1531 -0.0271 184 HOH A O   
856 O O   A HOH B .  ? 0.1096 0.5033 1.4846 0.1100  -0.1002 -0.3862 185 HOH A O   
857 O O   B HOH B .  ? 0.1496 0.4346 0.5717 0.1351  -0.1895 -0.2653 185 HOH A O   
858 O O   . HOH B .  ? 0.6044 0.4252 0.4391 0.1852  0.2623  0.0826  186 HOH A O   
859 O O   . HOH B .  ? 0.4438 0.3327 0.5394 0.0674  -0.0288 0.0725  187 HOH A O   
860 O O   . HOH B .  ? 0.3547 0.4777 0.3696 -0.0446 -0.0081 0.1202  188 HOH A O   
861 O O   . HOH B .  ? 0.3030 0.3233 0.5713 -0.0325 0.0998  -0.1686 189 HOH A O   
862 O O   . HOH B .  ? 0.3875 0.6943 0.3963 -0.0072 0.1947  -0.0852 190 HOH A O   
863 O O   . HOH B .  ? 0.4020 0.5367 0.5353 0.0839  -0.0191 -0.0810 191 HOH A O   
864 O O   . HOH B .  ? 0.4272 0.3509 0.9249 -0.1646 0.1957  0.0630  192 HOH A O   
865 O O   . HOH B .  ? 0.5193 0.3951 0.5338 0.0475  0.1117  -0.0459 193 HOH A O   
866 O O   . HOH B .  ? 0.4569 0.3958 0.3498 0.0483  0.0200  0.0515  194 HOH A O   
867 O O   A HOH B .  ? 0.4282 0.5976 0.9030 0.1889  -0.2577 -0.4880 195 HOH A O   
868 O O   B HOH B .  ? 0.1806 0.5953 1.3987 -0.1166 -0.2381 -0.5186 195 HOH A O   
869 O O   . HOH B .  ? 0.2199 0.6027 0.5387 0.0403  0.0075  -0.1382 196 HOH A O   
870 O O   . HOH B .  ? 0.4162 0.2364 0.7192 -0.0219 0.0532  -0.0291 197 HOH A O   
871 O O   . HOH B .  ? 0.3973 0.2042 1.0396 0.0449  0.1873  -0.1141 198 HOH A O   
872 O O   . HOH B .  ? 0.4985 0.4448 0.3994 -0.1801 0.0816  0.0151  199 HOH A O   
873 O O   . HOH B .  ? 0.6104 0.1738 0.6649 0.0257  -0.0424 0.0255  200 HOH A O   
874 O O   . HOH B .  ? 0.6518 0.3092 0.6802 0.0562  0.2709  -0.0218 201 HOH A O   
875 O O   . HOH B .  ? 0.4153 0.4813 0.7699 0.0185  -0.1137 0.2439  202 HOH A O   
876 O O   . HOH B .  ? 0.3439 0.5703 0.3634 0.0179  -0.0290 -0.0782 203 HOH A O   
877 O O   . HOH B .  ? 0.4674 0.4796 0.6239 0.0646  0.2194  0.1606  204 HOH A O   
878 O O   . HOH B .  ? 0.7091 0.3843 0.5647 -0.1234 0.0779  -0.1227 205 HOH A O   
879 O O   . HOH B .  ? 0.6611 0.8885 0.3070 0.1806  0.0158  -0.0902 206 HOH A O   
880 O O   . HOH B .  ? 0.2349 0.8268 0.5669 0.0556  0.1219  0.5037  207 HOH A O   
881 O O   . HOH B .  ? 0.3547 0.8244 0.4580 -0.0274 0.0651  0.1335  208 HOH A O   
882 O O   . HOH B .  ? 0.4853 0.4000 0.4492 -0.0073 -0.0406 -0.0104 209 HOH A O   
883 O O   . HOH B .  ? 0.4542 0.4847 0.9784 -0.0992 0.2188  0.0643  210 HOH A O   
884 O O   . HOH B .  ? 0.4273 0.3954 0.3226 0.0407  -0.0039 -0.0403 211 HOH A O   
885 O O   . HOH B .  ? 0.4648 0.6455 0.4607 0.1159  0.0229  0.1736  212 HOH A O   
886 O O   . HOH B .  ? 0.4683 0.5717 0.5599 -0.2296 0.1084  -0.1225 213 HOH A O   
887 O O   . HOH B .  ? 0.6757 0.3332 0.6425 0.0189  0.0008  0.1118  214 HOH A O   
888 O O   . HOH B .  ? 0.6945 0.7131 0.6535 -0.4087 -0.0258 -0.0607 215 HOH A O   
889 O O   . HOH B .  ? 0.5884 0.6700 0.2448 0.0722  0.0533  0.0858  216 HOH A O   
890 O O   . HOH B .  ? 0.6079 0.3500 0.4289 0.0668  0.2495  0.1258  217 HOH A O   
891 O O   . HOH B .  ? 0.4163 0.5521 0.3466 0.0141  -0.1184 0.0713  218 HOH A O   
892 O O   . HOH B .  ? 0.4344 0.7748 0.2880 0.1876  -0.0680 0.0789  219 HOH A O   
893 O O   A HOH B .  ? 0.3829 0.2093 0.2582 0.0159  0.1386  0.0251  220 HOH A O   
894 O O   . HOH B .  ? 0.3771 0.6414 0.3099 0.0219  0.0052  -0.1997 221 HOH A O   
895 O O   . HOH B .  ? 0.3458 0.3466 0.5495 -0.0489 -0.0780 0.0625  222 HOH A O   
896 O O   . HOH B .  ? 0.2591 0.6676 0.5408 0.0510  0.1375  0.0457  223 HOH A O   
897 O O   . HOH B .  ? 0.5082 0.6081 0.5970 -0.0540 -0.0390 0.1399  224 HOH A O   
898 O O   . HOH B .  ? 0.3169 1.0617 0.6302 -0.0967 0.1397  -0.0822 225 HOH A O   
899 O O   . HOH B .  ? 0.5707 0.5932 0.7867 0.2239  0.3229  0.2331  226 HOH A O   
900 O O   . HOH B .  ? 0.5506 0.4903 0.6296 -0.1330 0.0448  -0.1767 227 HOH A O   
901 O O   . HOH B .  ? 0.5361 0.5185 0.5399 -0.0706 0.2315  -0.1809 228 HOH A O   
902 O O   . HOH B .  ? 0.6345 0.4759 0.3494 0.1029  0.2741  0.1342  229 HOH A O   
903 O O   . HOH B .  ? 0.2447 0.2377 0.7744 -0.0305 -0.0418 -0.1326 230 HOH A O   
904 O O   . HOH B .  ? 0.7461 0.5530 0.6873 0.0709  -0.1204 -0.4074 231 HOH A O   
905 O O   . HOH B .  ? 0.3179 0.7596 1.2373 0.2019  0.0444  0.2007  232 HOH A O   
906 O O   . HOH B .  ? 0.4805 0.7030 0.5380 0.0273  -0.0147 -0.0587 233 HOH A O   
907 O O   . HOH B .  ? 0.5066 0.9466 0.6483 0.0464  0.0761  -0.0326 234 HOH A O   
908 O O   . HOH B .  ? 0.4900 0.6208 0.6770 0.1340  -0.0368 -0.1062 235 HOH A O   
909 O O   B HOH B .  ? 0.1083 0.1312 0.1342 0.0364  -0.0359 0.0015  236 HOH A O   
910 O O   . HOH B .  ? 0.8646 0.4226 0.7278 0.0256  -0.0644 -0.1304 237 HOH A O   
911 O O   . HOH B .  ? 0.6398 0.3446 0.5354 0.0469  -0.1033 0.1050  238 HOH A O   
912 O O   . HOH B .  ? 0.6196 0.6822 0.7477 0.0057  0.2424  0.1721  239 HOH A O   
913 O O   . HOH B .  ? 0.7177 0.4486 0.4410 -0.1934 0.0141  -0.0862 240 HOH A O   
914 O O   . HOH B .  ? 0.8990 0.5477 0.5120 0.1240  0.0625  -0.1522 241 HOH A O   
915 O O   . HOH B .  ? 0.8319 0.5311 0.5044 0.2212  -0.1952 0.0178  242 HOH A O   
916 O O   . HOH B .  ? 0.8659 0.4408 0.8071 -0.1216 0.0163  -0.3266 243 HOH A O   
917 O O   . HOH B .  ? 0.5967 0.3795 0.6725 -0.0057 -0.1982 -0.0785 244 HOH A O   
918 O O   A HOH B .  ? 0.4482 0.2591 0.6034 -0.0629 -0.0422 0.0766  245 HOH A O   
919 O O   . HOH B .  ? 0.4063 0.6833 0.5911 -0.2644 0.0694  -0.0595 246 HOH A O   
# 
loop_
_pdbx_poly_seq_scheme.asym_id 
_pdbx_poly_seq_scheme.entity_id 
_pdbx_poly_seq_scheme.seq_id 
_pdbx_poly_seq_scheme.mon_id 
_pdbx_poly_seq_scheme.ndb_seq_num 
_pdbx_poly_seq_scheme.pdb_seq_num 
_pdbx_poly_seq_scheme.auth_seq_num 
_pdbx_poly_seq_scheme.pdb_mon_id 
_pdbx_poly_seq_scheme.auth_mon_id 
_pdbx_poly_seq_scheme.pdb_strand_id 
_pdbx_poly_seq_scheme.pdb_ins_code 
_pdbx_poly_seq_scheme.hetero 
A 1 1  SER 1  -2 ?  ?   ?   A . n 
A 1 2  ASN 2  -1 ?  ?   ?   A . n 
A 1 3  ALA 3  0  ?  ?   ?   A . n 
A 1 4  MET 4  1  1  MET MET A . n 
A 1 5  VAL 5  2  2  VAL VAL A . n 
A 1 6  LYS 6  3  3  LYS LYS A . n 
A 1 7  GLU 7  4  4  GLU GLU A . n 
A 1 8  THR 8  5  5  THR THR A . n 
A 1 9  LYS 9  6  6  LYS LYS A . n 
A 1 10 LEU 10 7  7  LEU LEU A . n 
A 1 11 TYR 11 8  8  TYR TYR A . n 
A 1 12 ASP 12 9  9  ASP ASP A . n 
A 1 13 LEU 13 10 10 LEU LEU A . n 
A 1 14 LEU 14 11 11 LEU LEU A . n 
A 1 15 GLY 15 12 12 GLY GLY A . n 
A 1 16 VAL 16 13 13 VAL VAL A . n 
A 1 17 SER 17 14 14 SER SER A . n 
A 1 18 PRO 18 15 15 PRO PRO A . n 
A 1 19 SER 19 16 16 SER SER A . n 
A 1 20 ALA 20 17 17 ALA ALA A . n 
A 1 21 ASN 21 18 18 ASN ASN A . n 
A 1 22 GLU 22 19 19 GLU GLU A . n 
A 1 23 GLN 23 20 20 GLN GLN A . n 
A 1 24 GLU 24 21 21 GLU GLU A . n 
A 1 25 LEU 25 22 22 LEU LEU A . n 
A 1 26 LYS 26 23 23 LYS LYS A . n 
A 1 27 LYS 27 24 24 LYS LYS A . n 
A 1 28 GLY 28 25 25 GLY GLY A . n 
A 1 29 TYR 29 26 26 TYR TYR A . n 
A 1 30 ARG 30 27 27 ARG ARG A . n 
A 1 31 LYS 31 28 28 LYS LYS A . n 
A 1 32 ALA 32 29 29 ALA ALA A . n 
A 1 33 ALA 33 30 30 ALA ALA A . n 
A 1 34 LEU 34 31 31 LEU LEU A . n 
A 1 35 LYS 35 32 32 LYS LYS A . n 
A 1 36 TYR 36 33 33 TYR TYR A . n 
A 1 37 HIS 37 34 34 HIS HIS A . n 
A 1 38 PRO 38 35 35 PRO PRO A . n 
A 1 39 ASP 39 36 36 ASP ASP A . n 
A 1 40 LYS 40 37 37 LYS LYS A . n 
A 1 41 PRO 41 38 38 PRO PRO A . n 
A 1 42 THR 42 39 39 THR THR A . n 
A 1 43 GLY 43 40 40 GLY GLY A . n 
A 1 44 ASP 44 41 41 ASP ASP A . n 
A 1 45 THR 45 42 42 THR THR A . n 
A 1 46 GLU 46 43 43 GLU GLU A . n 
A 1 47 LYS 47 44 44 LYS LYS A . n 
A 1 48 PHE 48 45 45 PHE PHE A . n 
A 1 49 LYS 49 46 46 LYS LYS A . n 
A 1 50 GLU 50 47 47 GLU GLU A . n 
A 1 51 ILE 51 48 48 ILE ILE A . n 
A 1 52 SER 52 49 49 SER SER A . n 
A 1 53 GLU 53 50 50 GLU GLU A . n 
A 1 54 ALA 54 51 51 ALA ALA A . n 
A 1 55 PHE 55 52 52 PHE PHE A . n 
A 1 56 GLU 56 53 53 GLU GLU A . n 
A 1 57 ILE 57 54 54 ILE ILE A . n 
A 1 58 LEU 58 55 55 LEU LEU A . n 
A 1 59 ASN 59 56 56 ASN ASN A . n 
A 1 60 ASP 60 57 57 ASP ASP A . n 
A 1 61 PRO 61 58 58 PRO PRO A . n 
A 1 62 GLN 62 59 59 GLN GLN A . n 
A 1 63 LYS 63 60 60 LYS LYS A . n 
A 1 64 ARG 64 61 61 ARG ARG A . n 
A 1 65 GLU 65 62 62 GLU GLU A . n 
A 1 66 ILE 66 63 63 ILE ILE A . n 
A 1 67 TYR 67 64 64 TYR TYR A . n 
A 1 68 ASP 68 65 65 ASP ASP A . n 
A 1 69 GLN 69 66 66 GLN GLN A . n 
A 1 70 TYR 70 67 67 TYR TYR A . n 
A 1 71 GLY 71 68 68 GLY GLY A . n 
A 1 72 LEU 72 69 69 LEU LEU A . n 
A 1 73 GLU 73 70 70 GLU GLU A . n 
A 1 74 ALA 74 71 71 ALA ALA A . n 
A 1 75 ALA 75 72 72 ALA ALA A . n 
A 1 76 ARG 76 73 73 ARG ARG A . n 
A 1 77 SER 77 74 74 SER SER A . n 
A 1 78 GLY 78 75 75 GLY GLY A . n 
A 1 79 GLY 79 76 76 GLY GLY A . n 
A 1 80 PRO 80 77 77 PRO PRO A . n 
A 1 81 SER 81 78 78 SER SER A . n 
A 1 82 PHE 82 79 79 PHE PHE A . n 
A 1 83 GLY 83 80 80 GLY GLY A . n 
A 1 84 PRO 84 81 81 PRO PRO A . n 
A 1 85 GLY 85 82 ?  ?   ?   A . n 
A 1 86 GLY 86 83 ?  ?   ?   A . n 
A 1 87 PRO 87 84 ?  ?   ?   A . n 
A 1 88 GLY 88 85 ?  ?   ?   A . n 
A 1 89 GLY 89 86 ?  ?   ?   A . n 
A 1 90 ALA 90 87 ?  ?   ?   A . n 
A 1 91 GLY 91 88 ?  ?   ?   A . n 
A 1 92 GLY 92 89 ?  ?   ?   A . n 
# 
_pdbx_SG_project.id                    1 
_pdbx_SG_project.project_name          'PSI, Protein Structure Initiative' 
_pdbx_SG_project.full_name_of_center   'Midwest Center for Structural Genomics' 
_pdbx_SG_project.initial_of_center     MCSG 
# 
loop_
_pdbx_nonpoly_scheme.asym_id 
_pdbx_nonpoly_scheme.entity_id 
_pdbx_nonpoly_scheme.mon_id 
_pdbx_nonpoly_scheme.ndb_seq_num 
_pdbx_nonpoly_scheme.pdb_seq_num 
_pdbx_nonpoly_scheme.auth_seq_num 
_pdbx_nonpoly_scheme.pdb_mon_id 
_pdbx_nonpoly_scheme.auth_mon_id 
_pdbx_nonpoly_scheme.pdb_strand_id 
_pdbx_nonpoly_scheme.pdb_ins_code 
B 2 HOH 1   101 1   HOH HOH A . 
B 2 HOH 2   102 2   HOH HOH A . 
B 2 HOH 3   103 3   HOH HOH A . 
B 2 HOH 4   104 4   HOH HOH A . 
B 2 HOH 5   105 5   HOH HOH A . 
B 2 HOH 6   106 6   HOH HOH A . 
B 2 HOH 7   107 7   HOH HOH A . 
B 2 HOH 8   108 8   HOH HOH A . 
B 2 HOH 9   109 9   HOH HOH A . 
B 2 HOH 10  110 10  HOH HOH A . 
B 2 HOH 11  111 11  HOH HOH A . 
B 2 HOH 12  112 12  HOH HOH A . 
B 2 HOH 13  113 13  HOH HOH A . 
B 2 HOH 14  114 14  HOH HOH A . 
B 2 HOH 15  115 15  HOH HOH A . 
B 2 HOH 16  116 16  HOH HOH A . 
B 2 HOH 17  117 17  HOH HOH A . 
B 2 HOH 18  118 18  HOH HOH A . 
B 2 HOH 19  119 19  HOH HOH A . 
B 2 HOH 20  120 20  HOH HOH A . 
B 2 HOH 21  121 21  HOH HOH A . 
B 2 HOH 22  122 22  HOH HOH A . 
B 2 HOH 23  123 23  HOH HOH A . 
B 2 HOH 24  124 24  HOH HOH A . 
B 2 HOH 25  125 25  HOH HOH A . 
B 2 HOH 26  126 26  HOH HOH A . 
B 2 HOH 27  127 27  HOH HOH A . 
B 2 HOH 28  128 28  HOH HOH A . 
B 2 HOH 29  129 29  HOH HOH A . 
B 2 HOH 30  130 30  HOH HOH A . 
B 2 HOH 31  131 31  HOH HOH A . 
B 2 HOH 32  132 32  HOH HOH A . 
B 2 HOH 33  133 33  HOH HOH A . 
B 2 HOH 34  134 34  HOH HOH A . 
B 2 HOH 35  135 35  HOH HOH A . 
B 2 HOH 36  136 36  HOH HOH A . 
B 2 HOH 37  137 37  HOH HOH A . 
B 2 HOH 38  138 38  HOH HOH A . 
B 2 HOH 39  139 39  HOH HOH A . 
B 2 HOH 40  140 40  HOH HOH A . 
B 2 HOH 41  141 41  HOH HOH A . 
B 2 HOH 42  142 42  HOH HOH A . 
B 2 HOH 43  143 43  HOH HOH A . 
B 2 HOH 44  144 44  HOH HOH A . 
B 2 HOH 45  145 45  HOH HOH A . 
B 2 HOH 46  146 46  HOH HOH A . 
B 2 HOH 47  147 47  HOH HOH A . 
B 2 HOH 48  148 48  HOH HOH A . 
B 2 HOH 49  149 49  HOH HOH A . 
B 2 HOH 50  150 50  HOH HOH A . 
B 2 HOH 51  151 51  HOH HOH A . 
B 2 HOH 52  152 52  HOH HOH A . 
B 2 HOH 53  153 53  HOH HOH A . 
B 2 HOH 54  154 54  HOH HOH A . 
B 2 HOH 55  155 55  HOH HOH A . 
B 2 HOH 56  156 56  HOH HOH A . 
B 2 HOH 57  157 57  HOH HOH A . 
B 2 HOH 58  158 58  HOH HOH A . 
B 2 HOH 59  159 59  HOH HOH A . 
B 2 HOH 60  160 60  HOH HOH A . 
B 2 HOH 61  161 61  HOH HOH A . 
B 2 HOH 62  162 62  HOH HOH A . 
B 2 HOH 63  163 63  HOH HOH A . 
B 2 HOH 64  164 64  HOH HOH A . 
B 2 HOH 65  165 65  HOH HOH A . 
B 2 HOH 66  166 66  HOH HOH A . 
B 2 HOH 67  167 67  HOH HOH A . 
B 2 HOH 68  168 68  HOH HOH A . 
B 2 HOH 69  169 69  HOH HOH A . 
B 2 HOH 70  170 70  HOH HOH A . 
B 2 HOH 71  171 71  HOH HOH A . 
B 2 HOH 72  172 72  HOH HOH A . 
B 2 HOH 73  173 73  HOH HOH A . 
B 2 HOH 74  174 74  HOH HOH A . 
B 2 HOH 75  175 75  HOH HOH A . 
B 2 HOH 76  176 76  HOH HOH A . 
B 2 HOH 77  177 77  HOH HOH A . 
B 2 HOH 78  178 78  HOH HOH A . 
B 2 HOH 79  179 79  HOH HOH A . 
B 2 HOH 80  180 80  HOH HOH A . 
B 2 HOH 81  181 81  HOH HOH A . 
B 2 HOH 82  182 82  HOH HOH A . 
B 2 HOH 83  183 83  HOH HOH A . 
B 2 HOH 84  184 84  HOH HOH A . 
B 2 HOH 85  185 85  HOH HOH A . 
B 2 HOH 86  186 86  HOH HOH A . 
B 2 HOH 87  187 87  HOH HOH A . 
B 2 HOH 88  188 88  HOH HOH A . 
B 2 HOH 89  189 89  HOH HOH A . 
B 2 HOH 90  190 90  HOH HOH A . 
B 2 HOH 91  191 91  HOH HOH A . 
B 2 HOH 92  192 92  HOH HOH A . 
B 2 HOH 93  193 93  HOH HOH A . 
B 2 HOH 94  194 94  HOH HOH A . 
B 2 HOH 95  195 95  HOH HOH A . 
B 2 HOH 96  196 96  HOH HOH A . 
B 2 HOH 97  197 97  HOH HOH A . 
B 2 HOH 98  198 98  HOH HOH A . 
B 2 HOH 99  199 99  HOH HOH A . 
B 2 HOH 100 200 100 HOH HOH A . 
B 2 HOH 101 201 101 HOH HOH A . 
B 2 HOH 102 202 102 HOH HOH A . 
B 2 HOH 103 203 103 HOH HOH A . 
B 2 HOH 104 204 104 HOH HOH A . 
B 2 HOH 105 205 105 HOH HOH A . 
B 2 HOH 106 206 106 HOH HOH A . 
B 2 HOH 107 207 107 HOH HOH A . 
B 2 HOH 108 208 108 HOH HOH A . 
B 2 HOH 109 209 109 HOH HOH A . 
B 2 HOH 110 210 110 HOH HOH A . 
B 2 HOH 111 211 111 HOH HOH A . 
B 2 HOH 112 212 112 HOH HOH A . 
B 2 HOH 113 213 113 HOH HOH A . 
B 2 HOH 114 214 114 HOH HOH A . 
B 2 HOH 115 215 115 HOH HOH A . 
B 2 HOH 116 216 116 HOH HOH A . 
B 2 HOH 117 217 117 HOH HOH A . 
B 2 HOH 118 218 118 HOH HOH A . 
B 2 HOH 119 219 119 HOH HOH A . 
B 2 HOH 120 220 120 HOH HOH A . 
B 2 HOH 121 221 121 HOH HOH A . 
B 2 HOH 122 222 122 HOH HOH A . 
B 2 HOH 123 223 123 HOH HOH A . 
B 2 HOH 124 224 124 HOH HOH A . 
B 2 HOH 125 225 125 HOH HOH A . 
B 2 HOH 126 226 126 HOH HOH A . 
B 2 HOH 127 227 127 HOH HOH A . 
B 2 HOH 128 228 128 HOH HOH A . 
B 2 HOH 129 229 129 HOH HOH A . 
B 2 HOH 130 230 130 HOH HOH A . 
B 2 HOH 131 231 131 HOH HOH A . 
B 2 HOH 132 232 132 HOH HOH A . 
B 2 HOH 133 233 133 HOH HOH A . 
B 2 HOH 134 234 134 HOH HOH A . 
B 2 HOH 135 235 135 HOH HOH A . 
B 2 HOH 136 236 136 HOH HOH A . 
B 2 HOH 137 237 137 HOH HOH A . 
B 2 HOH 138 238 138 HOH HOH A . 
B 2 HOH 139 239 139 HOH HOH A . 
B 2 HOH 140 240 140 HOH HOH A . 
B 2 HOH 141 241 141 HOH HOH A . 
B 2 HOH 142 242 142 HOH HOH A . 
B 2 HOH 143 243 143 HOH HOH A . 
B 2 HOH 144 244 144 HOH HOH A . 
B 2 HOH 145 245 145 HOH HOH A . 
B 2 HOH 146 246 146 HOH HOH A . 
# 
_pdbx_struct_assembly.id                   1 
_pdbx_struct_assembly.details              author_and_software_defined_assembly 
_pdbx_struct_assembly.method_details       PISA 
_pdbx_struct_assembly.oligomeric_details   monomeric 
_pdbx_struct_assembly.oligomeric_count     1 
# 
_pdbx_struct_assembly_gen.assembly_id       1 
_pdbx_struct_assembly_gen.oper_expression   1 
_pdbx_struct_assembly_gen.asym_id_list      A,B 
# 
_pdbx_struct_oper_list.id                   1 
_pdbx_struct_oper_list.type                 'identity operation' 
_pdbx_struct_oper_list.name                 1_555 
_pdbx_struct_oper_list.symmetry_operation   x,y,z 
_pdbx_struct_oper_list.matrix[1][1]         1.0000000000 
_pdbx_struct_oper_list.matrix[1][2]         0.0000000000 
_pdbx_struct_oper_list.matrix[1][3]         0.0000000000 
_pdbx_struct_oper_list.vector[1]            0.0000000000 
_pdbx_struct_oper_list.matrix[2][1]         0.0000000000 
_pdbx_struct_oper_list.matrix[2][2]         1.0000000000 
_pdbx_struct_oper_list.matrix[2][3]         0.0000000000 
_pdbx_struct_oper_list.vector[2]            0.0000000000 
_pdbx_struct_oper_list.matrix[3][1]         0.0000000000 
_pdbx_struct_oper_list.matrix[3][2]         0.0000000000 
_pdbx_struct_oper_list.matrix[3][3]         1.0000000000 
_pdbx_struct_oper_list.vector[3]            0.0000000000 
# 
loop_
_pdbx_audit_revision_history.ordinal 
_pdbx_audit_revision_history.data_content_type 
_pdbx_audit_revision_history.major_revision 
_pdbx_audit_revision_history.minor_revision 
_pdbx_audit_revision_history.revision_date 
1 'Structure model' 1 0 2014-12-17 
2 'Structure model' 1 1 2015-09-09 
3 'Structure model' 1 2 2017-11-22 
4 'Structure model' 1 3 2023-09-20 
# 
_pdbx_audit_revision_details.ordinal             1 
_pdbx_audit_revision_details.revision_ordinal    1 
_pdbx_audit_revision_details.data_content_type   'Structure model' 
_pdbx_audit_revision_details.provider            repository 
_pdbx_audit_revision_details.type                'Initial release' 
_pdbx_audit_revision_details.description         ? 
_pdbx_audit_revision_details.details             ? 
# 
loop_
_pdbx_audit_revision_group.ordinal 
_pdbx_audit_revision_group.revision_ordinal 
_pdbx_audit_revision_group.data_content_type 
_pdbx_audit_revision_group.group 
1 2 'Structure model' 'Database references'    
2 3 'Structure model' 'Refinement description' 
3 4 'Structure model' 'Data collection'        
4 4 'Structure model' 'Database references'    
5 4 'Structure model' 'Refinement description' 
# 
loop_
_pdbx_audit_revision_category.ordinal 
_pdbx_audit_revision_category.revision_ordinal 
_pdbx_audit_revision_category.data_content_type 
_pdbx_audit_revision_category.category 
1 3 'Structure model' software                      
2 4 'Structure model' chem_comp_atom                
3 4 'Structure model' chem_comp_bond                
4 4 'Structure model' database_2                    
5 4 'Structure model' pdbx_initial_refinement_model 
6 4 'Structure model' struct_ref_seq_dif            
# 
loop_
_pdbx_audit_revision_item.ordinal 
_pdbx_audit_revision_item.revision_ordinal 
_pdbx_audit_revision_item.data_content_type 
_pdbx_audit_revision_item.item 
1 4 'Structure model' '_database_2.pdbx_DOI'                
2 4 'Structure model' '_database_2.pdbx_database_accession' 
3 4 'Structure model' '_struct_ref_seq_dif.details'         
# 
loop_
_software.pdbx_ordinal 
_software.name 
_software.version 
_software.date 
_software.type 
_software.contact_author 
_software.contact_author_email 
_software.classification 
_software.location 
_software.language 
_software.citation_id 
1 DENZO       .        ?                package 'Zbyszek Otwinowski' hkl@hkl-xray.com         'data reduction'  
http://www.hkl-xray.com/                     ?          ? 
2 SCALEPACK   .        ?                package 'Zbyszek Otwinowski' hkl@hkl-xray.com         'data scaling'    
http://www.hkl-xray.com/                     ?          ? 
3 REFMAC      5.8.0073 ?                program 'Garib N. Murshudov' garib@ysbl.york.ac.uk    refinement        
http://www.ccp4.ac.uk/dist/html/refmac5.html Fortran_77 ? 
4 PDB_EXTRACT 3.15     'July. 29, 2014' package PDB                  deposit@deposit.rcsb.org 'data extraction' 
http://sw-tools.pdb.org/apps/PDB_EXTRACT/    C++        ? 
5 SBC-Collect .        ?                ?       ?                    ?                        'data collection' ? ?          ? 
6 HKL-3000    .        ?                ?       ?                    ?                        'data reduction'  ? ?          ? 
7 HKL-3000    .        ?                ?       ?                    ?                        'data scaling'    ? ?          ? 
8 PHASER      .        ?                ?       ?                    ?                        phasing           ? ?          ? 
# 
_pdbx_validate_close_contact.id               1 
_pdbx_validate_close_contact.PDB_model_num    1 
_pdbx_validate_close_contact.auth_atom_id_1   O 
_pdbx_validate_close_contact.auth_asym_id_1   A 
_pdbx_validate_close_contact.auth_comp_id_1   HOH 
_pdbx_validate_close_contact.auth_seq_id_1    114 
_pdbx_validate_close_contact.PDB_ins_code_1   ? 
_pdbx_validate_close_contact.label_alt_id_1   ? 
_pdbx_validate_close_contact.auth_atom_id_2   O 
_pdbx_validate_close_contact.auth_asym_id_2   A 
_pdbx_validate_close_contact.auth_comp_id_2   HOH 
_pdbx_validate_close_contact.auth_seq_id_2    230 
_pdbx_validate_close_contact.PDB_ins_code_2   ? 
_pdbx_validate_close_contact.label_alt_id_2   ? 
_pdbx_validate_close_contact.dist             2.19 
# 
loop_
_pdbx_unobs_or_zero_occ_residues.id 
_pdbx_unobs_or_zero_occ_residues.PDB_model_num 
_pdbx_unobs_or_zero_occ_residues.polymer_flag 
_pdbx_unobs_or_zero_occ_residues.occupancy_flag 
_pdbx_unobs_or_zero_occ_residues.auth_asym_id 
_pdbx_unobs_or_zero_occ_residues.auth_comp_id 
_pdbx_unobs_or_zero_occ_residues.auth_seq_id 
_pdbx_unobs_or_zero_occ_residues.PDB_ins_code 
_pdbx_unobs_or_zero_occ_residues.label_asym_id 
_pdbx_unobs_or_zero_occ_residues.label_comp_id 
_pdbx_unobs_or_zero_occ_residues.label_seq_id 
1  1 Y 1 A SER -2 ? A SER 1  
2  1 Y 1 A ASN -1 ? A ASN 2  
3  1 Y 1 A ALA 0  ? A ALA 3  
4  1 Y 1 A GLY 82 ? A GLY 85 
5  1 Y 1 A GLY 83 ? A GLY 86 
6  1 Y 1 A PRO 84 ? A PRO 87 
7  1 Y 1 A GLY 85 ? A GLY 88 
8  1 Y 1 A GLY 86 ? A GLY 89 
9  1 Y 1 A ALA 87 ? A ALA 90 
10 1 Y 1 A GLY 88 ? A GLY 91 
11 1 Y 1 A GLY 89 ? A GLY 92 
# 
loop_
_chem_comp_atom.comp_id 
_chem_comp_atom.atom_id 
_chem_comp_atom.type_symbol 
_chem_comp_atom.pdbx_aromatic_flag 
_chem_comp_atom.pdbx_stereo_config 
_chem_comp_atom.pdbx_ordinal 
ALA N    N N N 1   
ALA CA   C N S 2   
ALA C    C N N 3   
ALA O    O N N 4   
ALA CB   C N N 5   
ALA OXT  O N N 6   
ALA H    H N N 7   
ALA H2   H N N 8   
ALA HA   H N N 9   
ALA HB1  H N N 10  
ALA HB2  H N N 11  
ALA HB3  H N N 12  
ALA HXT  H N N 13  
ARG N    N N N 14  
ARG CA   C N S 15  
ARG C    C N N 16  
ARG O    O N N 17  
ARG CB   C N N 18  
ARG CG   C N N 19  
ARG CD   C N N 20  
ARG NE   N N N 21  
ARG CZ   C N N 22  
ARG NH1  N N N 23  
ARG NH2  N N N 24  
ARG OXT  O N N 25  
ARG H    H N N 26  
ARG H2   H N N 27  
ARG HA   H N N 28  
ARG HB2  H N N 29  
ARG HB3  H N N 30  
ARG HG2  H N N 31  
ARG HG3  H N N 32  
ARG HD2  H N N 33  
ARG HD3  H N N 34  
ARG HE   H N N 35  
ARG HH11 H N N 36  
ARG HH12 H N N 37  
ARG HH21 H N N 38  
ARG HH22 H N N 39  
ARG HXT  H N N 40  
ASN N    N N N 41  
ASN CA   C N S 42  
ASN C    C N N 43  
ASN O    O N N 44  
ASN CB   C N N 45  
ASN CG   C N N 46  
ASN OD1  O N N 47  
ASN ND2  N N N 48  
ASN OXT  O N N 49  
ASN H    H N N 50  
ASN H2   H N N 51  
ASN HA   H N N 52  
ASN HB2  H N N 53  
ASN HB3  H N N 54  
ASN HD21 H N N 55  
ASN HD22 H N N 56  
ASN HXT  H N N 57  
ASP N    N N N 58  
ASP CA   C N S 59  
ASP C    C N N 60  
ASP O    O N N 61  
ASP CB   C N N 62  
ASP CG   C N N 63  
ASP OD1  O N N 64  
ASP OD2  O N N 65  
ASP OXT  O N N 66  
ASP H    H N N 67  
ASP H2   H N N 68  
ASP HA   H N N 69  
ASP HB2  H N N 70  
ASP HB3  H N N 71  
ASP HD2  H N N 72  
ASP HXT  H N N 73  
GLN N    N N N 74  
GLN CA   C N S 75  
GLN C    C N N 76  
GLN O    O N N 77  
GLN CB   C N N 78  
GLN CG   C N N 79  
GLN CD   C N N 80  
GLN OE1  O N N 81  
GLN NE2  N N N 82  
GLN OXT  O N N 83  
GLN H    H N N 84  
GLN H2   H N N 85  
GLN HA   H N N 86  
GLN HB2  H N N 87  
GLN HB3  H N N 88  
GLN HG2  H N N 89  
GLN HG3  H N N 90  
GLN HE21 H N N 91  
GLN HE22 H N N 92  
GLN HXT  H N N 93  
GLU N    N N N 94  
GLU CA   C N S 95  
GLU C    C N N 96  
GLU O    O N N 97  
GLU CB   C N N 98  
GLU CG   C N N 99  
GLU CD   C N N 100 
GLU OE1  O N N 101 
GLU OE2  O N N 102 
GLU OXT  O N N 103 
GLU H    H N N 104 
GLU H2   H N N 105 
GLU HA   H N N 106 
GLU HB2  H N N 107 
GLU HB3  H N N 108 
GLU HG2  H N N 109 
GLU HG3  H N N 110 
GLU HE2  H N N 111 
GLU HXT  H N N 112 
GLY N    N N N 113 
GLY CA   C N N 114 
GLY C    C N N 115 
GLY O    O N N 116 
GLY OXT  O N N 117 
GLY H    H N N 118 
GLY H2   H N N 119 
GLY HA2  H N N 120 
GLY HA3  H N N 121 
GLY HXT  H N N 122 
HIS N    N N N 123 
HIS CA   C N S 124 
HIS C    C N N 125 
HIS O    O N N 126 
HIS CB   C N N 127 
HIS CG   C Y N 128 
HIS ND1  N Y N 129 
HIS CD2  C Y N 130 
HIS CE1  C Y N 131 
HIS NE2  N Y N 132 
HIS OXT  O N N 133 
HIS H    H N N 134 
HIS H2   H N N 135 
HIS HA   H N N 136 
HIS HB2  H N N 137 
HIS HB3  H N N 138 
HIS HD1  H N N 139 
HIS HD2  H N N 140 
HIS HE1  H N N 141 
HIS HE2  H N N 142 
HIS HXT  H N N 143 
HOH O    O N N 144 
HOH H1   H N N 145 
HOH H2   H N N 146 
ILE N    N N N 147 
ILE CA   C N S 148 
ILE C    C N N 149 
ILE O    O N N 150 
ILE CB   C N S 151 
ILE CG1  C N N 152 
ILE CG2  C N N 153 
ILE CD1  C N N 154 
ILE OXT  O N N 155 
ILE H    H N N 156 
ILE H2   H N N 157 
ILE HA   H N N 158 
ILE HB   H N N 159 
ILE HG12 H N N 160 
ILE HG13 H N N 161 
ILE HG21 H N N 162 
ILE HG22 H N N 163 
ILE HG23 H N N 164 
ILE HD11 H N N 165 
ILE HD12 H N N 166 
ILE HD13 H N N 167 
ILE HXT  H N N 168 
LEU N    N N N 169 
LEU CA   C N S 170 
LEU C    C N N 171 
LEU O    O N N 172 
LEU CB   C N N 173 
LEU CG   C N N 174 
LEU CD1  C N N 175 
LEU CD2  C N N 176 
LEU OXT  O N N 177 
LEU H    H N N 178 
LEU H2   H N N 179 
LEU HA   H N N 180 
LEU HB2  H N N 181 
LEU HB3  H N N 182 
LEU HG   H N N 183 
LEU HD11 H N N 184 
LEU HD12 H N N 185 
LEU HD13 H N N 186 
LEU HD21 H N N 187 
LEU HD22 H N N 188 
LEU HD23 H N N 189 
LEU HXT  H N N 190 
LYS N    N N N 191 
LYS CA   C N S 192 
LYS C    C N N 193 
LYS O    O N N 194 
LYS CB   C N N 195 
LYS CG   C N N 196 
LYS CD   C N N 197 
LYS CE   C N N 198 
LYS NZ   N N N 199 
LYS OXT  O N N 200 
LYS H    H N N 201 
LYS H2   H N N 202 
LYS HA   H N N 203 
LYS HB2  H N N 204 
LYS HB3  H N N 205 
LYS HG2  H N N 206 
LYS HG3  H N N 207 
LYS HD2  H N N 208 
LYS HD3  H N N 209 
LYS HE2  H N N 210 
LYS HE3  H N N 211 
LYS HZ1  H N N 212 
LYS HZ2  H N N 213 
LYS HZ3  H N N 214 
LYS HXT  H N N 215 
MET N    N N N 216 
MET CA   C N S 217 
MET C    C N N 218 
MET O    O N N 219 
MET CB   C N N 220 
MET CG   C N N 221 
MET SD   S N N 222 
MET CE   C N N 223 
MET OXT  O N N 224 
MET H    H N N 225 
MET H2   H N N 226 
MET HA   H N N 227 
MET HB2  H N N 228 
MET HB3  H N N 229 
MET HG2  H N N 230 
MET HG3  H N N 231 
MET HE1  H N N 232 
MET HE2  H N N 233 
MET HE3  H N N 234 
MET HXT  H N N 235 
PHE N    N N N 236 
PHE CA   C N S 237 
PHE C    C N N 238 
PHE O    O N N 239 
PHE CB   C N N 240 
PHE CG   C Y N 241 
PHE CD1  C Y N 242 
PHE CD2  C Y N 243 
PHE CE1  C Y N 244 
PHE CE2  C Y N 245 
PHE CZ   C Y N 246 
PHE OXT  O N N 247 
PHE H    H N N 248 
PHE H2   H N N 249 
PHE HA   H N N 250 
PHE HB2  H N N 251 
PHE HB3  H N N 252 
PHE HD1  H N N 253 
PHE HD2  H N N 254 
PHE HE1  H N N 255 
PHE HE2  H N N 256 
PHE HZ   H N N 257 
PHE HXT  H N N 258 
PRO N    N N N 259 
PRO CA   C N S 260 
PRO C    C N N 261 
PRO O    O N N 262 
PRO CB   C N N 263 
PRO CG   C N N 264 
PRO CD   C N N 265 
PRO OXT  O N N 266 
PRO H    H N N 267 
PRO HA   H N N 268 
PRO HB2  H N N 269 
PRO HB3  H N N 270 
PRO HG2  H N N 271 
PRO HG3  H N N 272 
PRO HD2  H N N 273 
PRO HD3  H N N 274 
PRO HXT  H N N 275 
SER N    N N N 276 
SER CA   C N S 277 
SER C    C N N 278 
SER O    O N N 279 
SER CB   C N N 280 
SER OG   O N N 281 
SER OXT  O N N 282 
SER H    H N N 283 
SER H2   H N N 284 
SER HA   H N N 285 
SER HB2  H N N 286 
SER HB3  H N N 287 
SER HG   H N N 288 
SER HXT  H N N 289 
THR N    N N N 290 
THR CA   C N S 291 
THR C    C N N 292 
THR O    O N N 293 
THR CB   C N R 294 
THR OG1  O N N 295 
THR CG2  C N N 296 
THR OXT  O N N 297 
THR H    H N N 298 
THR H2   H N N 299 
THR HA   H N N 300 
THR HB   H N N 301 
THR HG1  H N N 302 
THR HG21 H N N 303 
THR HG22 H N N 304 
THR HG23 H N N 305 
THR HXT  H N N 306 
TYR N    N N N 307 
TYR CA   C N S 308 
TYR C    C N N 309 
TYR O    O N N 310 
TYR CB   C N N 311 
TYR CG   C Y N 312 
TYR CD1  C Y N 313 
TYR CD2  C Y N 314 
TYR CE1  C Y N 315 
TYR CE2  C Y N 316 
TYR CZ   C Y N 317 
TYR OH   O N N 318 
TYR OXT  O N N 319 
TYR H    H N N 320 
TYR H2   H N N 321 
TYR HA   H N N 322 
TYR HB2  H N N 323 
TYR HB3  H N N 324 
TYR HD1  H N N 325 
TYR HD2  H N N 326 
TYR HE1  H N N 327 
TYR HE2  H N N 328 
TYR HH   H N N 329 
TYR HXT  H N N 330 
VAL N    N N N 331 
VAL CA   C N S 332 
VAL C    C N N 333 
VAL O    O N N 334 
VAL CB   C N N 335 
VAL CG1  C N N 336 
VAL CG2  C N N 337 
VAL OXT  O N N 338 
VAL H    H N N 339 
VAL H2   H N N 340 
VAL HA   H N N 341 
VAL HB   H N N 342 
VAL HG11 H N N 343 
VAL HG12 H N N 344 
VAL HG13 H N N 345 
VAL HG21 H N N 346 
VAL HG22 H N N 347 
VAL HG23 H N N 348 
VAL HXT  H N N 349 
# 
loop_
_chem_comp_bond.comp_id 
_chem_comp_bond.atom_id_1 
_chem_comp_bond.atom_id_2 
_chem_comp_bond.value_order 
_chem_comp_bond.pdbx_aromatic_flag 
_chem_comp_bond.pdbx_stereo_config 
_chem_comp_bond.pdbx_ordinal 
ALA N   CA   sing N N 1   
ALA N   H    sing N N 2   
ALA N   H2   sing N N 3   
ALA CA  C    sing N N 4   
ALA CA  CB   sing N N 5   
ALA CA  HA   sing N N 6   
ALA C   O    doub N N 7   
ALA C   OXT  sing N N 8   
ALA CB  HB1  sing N N 9   
ALA CB  HB2  sing N N 10  
ALA CB  HB3  sing N N 11  
ALA OXT HXT  sing N N 12  
ARG N   CA   sing N N 13  
ARG N   H    sing N N 14  
ARG N   H2   sing N N 15  
ARG CA  C    sing N N 16  
ARG CA  CB   sing N N 17  
ARG CA  HA   sing N N 18  
ARG C   O    doub N N 19  
ARG C   OXT  sing N N 20  
ARG CB  CG   sing N N 21  
ARG CB  HB2  sing N N 22  
ARG CB  HB3  sing N N 23  
ARG CG  CD   sing N N 24  
ARG CG  HG2  sing N N 25  
ARG CG  HG3  sing N N 26  
ARG CD  NE   sing N N 27  
ARG CD  HD2  sing N N 28  
ARG CD  HD3  sing N N 29  
ARG NE  CZ   sing N N 30  
ARG NE  HE   sing N N 31  
ARG CZ  NH1  sing N N 32  
ARG CZ  NH2  doub N N 33  
ARG NH1 HH11 sing N N 34  
ARG NH1 HH12 sing N N 35  
ARG NH2 HH21 sing N N 36  
ARG NH2 HH22 sing N N 37  
ARG OXT HXT  sing N N 38  
ASN N   CA   sing N N 39  
ASN N   H    sing N N 40  
ASN N   H2   sing N N 41  
ASN CA  C    sing N N 42  
ASN CA  CB   sing N N 43  
ASN CA  HA   sing N N 44  
ASN C   O    doub N N 45  
ASN C   OXT  sing N N 46  
ASN CB  CG   sing N N 47  
ASN CB  HB2  sing N N 48  
ASN CB  HB3  sing N N 49  
ASN CG  OD1  doub N N 50  
ASN CG  ND2  sing N N 51  
ASN ND2 HD21 sing N N 52  
ASN ND2 HD22 sing N N 53  
ASN OXT HXT  sing N N 54  
ASP N   CA   sing N N 55  
ASP N   H    sing N N 56  
ASP N   H2   sing N N 57  
ASP CA  C    sing N N 58  
ASP CA  CB   sing N N 59  
ASP CA  HA   sing N N 60  
ASP C   O    doub N N 61  
ASP C   OXT  sing N N 62  
ASP CB  CG   sing N N 63  
ASP CB  HB2  sing N N 64  
ASP CB  HB3  sing N N 65  
ASP CG  OD1  doub N N 66  
ASP CG  OD2  sing N N 67  
ASP OD2 HD2  sing N N 68  
ASP OXT HXT  sing N N 69  
GLN N   CA   sing N N 70  
GLN N   H    sing N N 71  
GLN N   H2   sing N N 72  
GLN CA  C    sing N N 73  
GLN CA  CB   sing N N 74  
GLN CA  HA   sing N N 75  
GLN C   O    doub N N 76  
GLN C   OXT  sing N N 77  
GLN CB  CG   sing N N 78  
GLN CB  HB2  sing N N 79  
GLN CB  HB3  sing N N 80  
GLN CG  CD   sing N N 81  
GLN CG  HG2  sing N N 82  
GLN CG  HG3  sing N N 83  
GLN CD  OE1  doub N N 84  
GLN CD  NE2  sing N N 85  
GLN NE2 HE21 sing N N 86  
GLN NE2 HE22 sing N N 87  
GLN OXT HXT  sing N N 88  
GLU N   CA   sing N N 89  
GLU N   H    sing N N 90  
GLU N   H2   sing N N 91  
GLU CA  C    sing N N 92  
GLU CA  CB   sing N N 93  
GLU CA  HA   sing N N 94  
GLU C   O    doub N N 95  
GLU C   OXT  sing N N 96  
GLU CB  CG   sing N N 97  
GLU CB  HB2  sing N N 98  
GLU CB  HB3  sing N N 99  
GLU CG  CD   sing N N 100 
GLU CG  HG2  sing N N 101 
GLU CG  HG3  sing N N 102 
GLU CD  OE1  doub N N 103 
GLU CD  OE2  sing N N 104 
GLU OE2 HE2  sing N N 105 
GLU OXT HXT  sing N N 106 
GLY N   CA   sing N N 107 
GLY N   H    sing N N 108 
GLY N   H2   sing N N 109 
GLY CA  C    sing N N 110 
GLY CA  HA2  sing N N 111 
GLY CA  HA3  sing N N 112 
GLY C   O    doub N N 113 
GLY C   OXT  sing N N 114 
GLY OXT HXT  sing N N 115 
HIS N   CA   sing N N 116 
HIS N   H    sing N N 117 
HIS N   H2   sing N N 118 
HIS CA  C    sing N N 119 
HIS CA  CB   sing N N 120 
HIS CA  HA   sing N N 121 
HIS C   O    doub N N 122 
HIS C   OXT  sing N N 123 
HIS CB  CG   sing N N 124 
HIS CB  HB2  sing N N 125 
HIS CB  HB3  sing N N 126 
HIS CG  ND1  sing Y N 127 
HIS CG  CD2  doub Y N 128 
HIS ND1 CE1  doub Y N 129 
HIS ND1 HD1  sing N N 130 
HIS CD2 NE2  sing Y N 131 
HIS CD2 HD2  sing N N 132 
HIS CE1 NE2  sing Y N 133 
HIS CE1 HE1  sing N N 134 
HIS NE2 HE2  sing N N 135 
HIS OXT HXT  sing N N 136 
HOH O   H1   sing N N 137 
HOH O   H2   sing N N 138 
ILE N   CA   sing N N 139 
ILE N   H    sing N N 140 
ILE N   H2   sing N N 141 
ILE CA  C    sing N N 142 
ILE CA  CB   sing N N 143 
ILE CA  HA   sing N N 144 
ILE C   O    doub N N 145 
ILE C   OXT  sing N N 146 
ILE CB  CG1  sing N N 147 
ILE CB  CG2  sing N N 148 
ILE CB  HB   sing N N 149 
ILE CG1 CD1  sing N N 150 
ILE CG1 HG12 sing N N 151 
ILE CG1 HG13 sing N N 152 
ILE CG2 HG21 sing N N 153 
ILE CG2 HG22 sing N N 154 
ILE CG2 HG23 sing N N 155 
ILE CD1 HD11 sing N N 156 
ILE CD1 HD12 sing N N 157 
ILE CD1 HD13 sing N N 158 
ILE OXT HXT  sing N N 159 
LEU N   CA   sing N N 160 
LEU N   H    sing N N 161 
LEU N   H2   sing N N 162 
LEU CA  C    sing N N 163 
LEU CA  CB   sing N N 164 
LEU CA  HA   sing N N 165 
LEU C   O    doub N N 166 
LEU C   OXT  sing N N 167 
LEU CB  CG   sing N N 168 
LEU CB  HB2  sing N N 169 
LEU CB  HB3  sing N N 170 
LEU CG  CD1  sing N N 171 
LEU CG  CD2  sing N N 172 
LEU CG  HG   sing N N 173 
LEU CD1 HD11 sing N N 174 
LEU CD1 HD12 sing N N 175 
LEU CD1 HD13 sing N N 176 
LEU CD2 HD21 sing N N 177 
LEU CD2 HD22 sing N N 178 
LEU CD2 HD23 sing N N 179 
LEU OXT HXT  sing N N 180 
LYS N   CA   sing N N 181 
LYS N   H    sing N N 182 
LYS N   H2   sing N N 183 
LYS CA  C    sing N N 184 
LYS CA  CB   sing N N 185 
LYS CA  HA   sing N N 186 
LYS C   O    doub N N 187 
LYS C   OXT  sing N N 188 
LYS CB  CG   sing N N 189 
LYS CB  HB2  sing N N 190 
LYS CB  HB3  sing N N 191 
LYS CG  CD   sing N N 192 
LYS CG  HG2  sing N N 193 
LYS CG  HG3  sing N N 194 
LYS CD  CE   sing N N 195 
LYS CD  HD2  sing N N 196 
LYS CD  HD3  sing N N 197 
LYS CE  NZ   sing N N 198 
LYS CE  HE2  sing N N 199 
LYS CE  HE3  sing N N 200 
LYS NZ  HZ1  sing N N 201 
LYS NZ  HZ2  sing N N 202 
LYS NZ  HZ3  sing N N 203 
LYS OXT HXT  sing N N 204 
MET N   CA   sing N N 205 
MET N   H    sing N N 206 
MET N   H2   sing N N 207 
MET CA  C    sing N N 208 
MET CA  CB   sing N N 209 
MET CA  HA   sing N N 210 
MET C   O    doub N N 211 
MET C   OXT  sing N N 212 
MET CB  CG   sing N N 213 
MET CB  HB2  sing N N 214 
MET CB  HB3  sing N N 215 
MET CG  SD   sing N N 216 
MET CG  HG2  sing N N 217 
MET CG  HG3  sing N N 218 
MET SD  CE   sing N N 219 
MET CE  HE1  sing N N 220 
MET CE  HE2  sing N N 221 
MET CE  HE3  sing N N 222 
MET OXT HXT  sing N N 223 
PHE N   CA   sing N N 224 
PHE N   H    sing N N 225 
PHE N   H2   sing N N 226 
PHE CA  C    sing N N 227 
PHE CA  CB   sing N N 228 
PHE CA  HA   sing N N 229 
PHE C   O    doub N N 230 
PHE C   OXT  sing N N 231 
PHE CB  CG   sing N N 232 
PHE CB  HB2  sing N N 233 
PHE CB  HB3  sing N N 234 
PHE CG  CD1  doub Y N 235 
PHE CG  CD2  sing Y N 236 
PHE CD1 CE1  sing Y N 237 
PHE CD1 HD1  sing N N 238 
PHE CD2 CE2  doub Y N 239 
PHE CD2 HD2  sing N N 240 
PHE CE1 CZ   doub Y N 241 
PHE CE1 HE1  sing N N 242 
PHE CE2 CZ   sing Y N 243 
PHE CE2 HE2  sing N N 244 
PHE CZ  HZ   sing N N 245 
PHE OXT HXT  sing N N 246 
PRO N   CA   sing N N 247 
PRO N   CD   sing N N 248 
PRO N   H    sing N N 249 
PRO CA  C    sing N N 250 
PRO CA  CB   sing N N 251 
PRO CA  HA   sing N N 252 
PRO C   O    doub N N 253 
PRO C   OXT  sing N N 254 
PRO CB  CG   sing N N 255 
PRO CB  HB2  sing N N 256 
PRO CB  HB3  sing N N 257 
PRO CG  CD   sing N N 258 
PRO CG  HG2  sing N N 259 
PRO CG  HG3  sing N N 260 
PRO CD  HD2  sing N N 261 
PRO CD  HD3  sing N N 262 
PRO OXT HXT  sing N N 263 
SER N   CA   sing N N 264 
SER N   H    sing N N 265 
SER N   H2   sing N N 266 
SER CA  C    sing N N 267 
SER CA  CB   sing N N 268 
SER CA  HA   sing N N 269 
SER C   O    doub N N 270 
SER C   OXT  sing N N 271 
SER CB  OG   sing N N 272 
SER CB  HB2  sing N N 273 
SER CB  HB3  sing N N 274 
SER OG  HG   sing N N 275 
SER OXT HXT  sing N N 276 
THR N   CA   sing N N 277 
THR N   H    sing N N 278 
THR N   H2   sing N N 279 
THR CA  C    sing N N 280 
THR CA  CB   sing N N 281 
THR CA  HA   sing N N 282 
THR C   O    doub N N 283 
THR C   OXT  sing N N 284 
THR CB  OG1  sing N N 285 
THR CB  CG2  sing N N 286 
THR CB  HB   sing N N 287 
THR OG1 HG1  sing N N 288 
THR CG2 HG21 sing N N 289 
THR CG2 HG22 sing N N 290 
THR CG2 HG23 sing N N 291 
THR OXT HXT  sing N N 292 
TYR N   CA   sing N N 293 
TYR N   H    sing N N 294 
TYR N   H2   sing N N 295 
TYR CA  C    sing N N 296 
TYR CA  CB   sing N N 297 
TYR CA  HA   sing N N 298 
TYR C   O    doub N N 299 
TYR C   OXT  sing N N 300 
TYR CB  CG   sing N N 301 
TYR CB  HB2  sing N N 302 
TYR CB  HB3  sing N N 303 
TYR CG  CD1  doub Y N 304 
TYR CG  CD2  sing Y N 305 
TYR CD1 CE1  sing Y N 306 
TYR CD1 HD1  sing N N 307 
TYR CD2 CE2  doub Y N 308 
TYR CD2 HD2  sing N N 309 
TYR CE1 CZ   doub Y N 310 
TYR CE1 HE1  sing N N 311 
TYR CE2 CZ   sing Y N 312 
TYR CE2 HE2  sing N N 313 
TYR CZ  OH   sing N N 314 
TYR OH  HH   sing N N 315 
TYR OXT HXT  sing N N 316 
VAL N   CA   sing N N 317 
VAL N   H    sing N N 318 
VAL N   H2   sing N N 319 
VAL CA  C    sing N N 320 
VAL CA  CB   sing N N 321 
VAL CA  HA   sing N N 322 
VAL C   O    doub N N 323 
VAL C   OXT  sing N N 324 
VAL CB  CG1  sing N N 325 
VAL CB  CG2  sing N N 326 
VAL CB  HB   sing N N 327 
VAL CG1 HG11 sing N N 328 
VAL CG1 HG12 sing N N 329 
VAL CG1 HG13 sing N N 330 
VAL CG2 HG21 sing N N 331 
VAL CG2 HG22 sing N N 332 
VAL CG2 HG23 sing N N 333 
VAL OXT HXT  sing N N 334 
# 
_pdbx_entity_nonpoly.entity_id   2 
_pdbx_entity_nonpoly.name        water 
_pdbx_entity_nonpoly.comp_id     HOH 
# 
_pdbx_initial_refinement_model.id               1 
_pdbx_initial_refinement_model.entity_id_list   ? 
_pdbx_initial_refinement_model.type             'experimental model' 
_pdbx_initial_refinement_model.source_name      PDB 
_pdbx_initial_refinement_model.accession_code   2DMX 
_pdbx_initial_refinement_model.details          ? 
# 
